data_1LRW
#
_entry.id   1LRW
#
_cell.length_a   113.340
_cell.length_b   122.280
_cell.length_c   107.360
_cell.angle_alpha   90.00
_cell.angle_beta   90.00
_cell.angle_gamma   90.00
#
_symmetry.space_group_name_H-M   'P 21 21 2'
#
loop_
_entity.id
_entity.type
_entity.pdbx_description
1 polymer 'methanol dehydrogenase subunit 1'
2 polymer 'methanol dehydrogenase subunit 2'
3 non-polymer 'CALCIUM ION'
4 non-polymer 'PYRROLOQUINOLINE QUINONE'
5 water water
#
loop_
_entity_poly.entity_id
_entity_poly.type
_entity_poly.pdbx_seq_one_letter_code
_entity_poly.pdbx_strand_id
1 'polypeptide(L)'
;NDQLVELAKDPANWVMTGRDYNAQNYSEMTDINKENVKQLRPAWSFSTGVLHGHEGTPLVVGDRMFIHTPFPNTTFALDL
NEPGKILWQNKPKQNPTARTVACCDVVNRGLAYWPGDDQVKPLIFRTQLDGHIVAMDAETGETRWIMENSDIKVGSTLTI
APYVIKDLVLVGSSGAELGVRGYVTAYDVKSGEMRWRAFATGPDEELLLAEDFNAPNPHYGQKNLGLETWEGDAWKIGGG
TNWGWYAYDPEVDLFYYGSGNPAPWNETMRPGDNKWTMAIWGREATTGEAKFAYQKTPHDEWDYAGVNVMMLSEQEDKQG
QMRKLLTHPDRNGIVYTLDRTNGDLISADKMDDTVNWVKEVQLDTGLPVRDPEFGTRMDHKARDICPSAMGYHNQGHDSY
DPERKVFMLGINHICMDWEPFMLPYRAGQFFVGATLTMYPGPKGDRGNASGLGQIKAYDAISGEMKWEKMERFSVWGGTM
ATAGGLTFYATLDGFIKARDSDTGDLLWKFKLPSGVIGHPMTYKHDGRQYVAIMYGVGGWPGVGLVFDLADPTAGLGSVG
AFKRLQEFTQMGGGVMVFSLDGESPYSDPNVGEYAPGEPT
;
A,C
2 'polypeptide(L)'
;YDGTNCKAPGNCWEPKPDYPAKVEGSKYDPQHDPAELSKQGESLAVMDARNEWRVWNMKKTGKFEYDVKKIDGYDETKAP
PAE
;
B,D
#
# COMPACT_ATOMS: atom_id res chain seq x y z
N ASN A 1 -30.43 -19.98 -0.29
CA ASN A 1 -31.34 -18.81 -0.23
C ASN A 1 -31.92 -18.52 -1.61
N ASP A 2 -33.24 -18.55 -1.71
CA ASP A 2 -33.93 -18.32 -2.97
C ASP A 2 -33.76 -16.90 -3.49
N GLN A 3 -33.86 -15.93 -2.60
CA GLN A 3 -33.70 -14.54 -3.00
C GLN A 3 -32.32 -14.29 -3.61
N LEU A 4 -31.33 -15.00 -3.11
CA LEU A 4 -29.95 -14.86 -3.58
C LEU A 4 -29.81 -15.37 -5.02
N VAL A 5 -30.51 -16.47 -5.33
CA VAL A 5 -30.46 -16.99 -6.69
C VAL A 5 -31.22 -16.00 -7.57
N GLU A 6 -32.28 -15.43 -7.02
CA GLU A 6 -33.08 -14.46 -7.76
C GLU A 6 -32.25 -13.22 -8.10
N LEU A 7 -31.46 -12.77 -7.13
CA LEU A 7 -30.63 -11.59 -7.32
C LEU A 7 -29.49 -11.85 -8.29
N ALA A 8 -29.08 -13.11 -8.39
CA ALA A 8 -27.99 -13.50 -9.27
C ALA A 8 -28.39 -13.47 -10.73
N LYS A 9 -29.69 -13.58 -11.00
CA LYS A 9 -30.19 -13.58 -12.37
C LYS A 9 -30.05 -12.21 -13.02
N ASP A 10 -29.81 -11.19 -12.21
CA ASP A 10 -29.64 -9.82 -12.68
C ASP A 10 -28.13 -9.55 -12.81
N PRO A 11 -27.68 -9.21 -14.02
CA PRO A 11 -26.26 -8.93 -14.28
C PRO A 11 -25.78 -7.73 -13.46
N ALA A 12 -26.73 -7.13 -12.76
CA ALA A 12 -26.46 -5.97 -11.93
C ALA A 12 -25.63 -6.32 -10.71
N ASN A 13 -25.85 -7.50 -10.14
CA ASN A 13 -25.13 -7.90 -8.95
C ASN A 13 -24.23 -9.12 -9.06
N TRP A 14 -23.35 -9.23 -8.06
CA TRP A 14 -22.40 -10.32 -7.90
C TRP A 14 -22.49 -10.53 -6.37
N VAL A 15 -23.50 -11.30 -5.98
CA VAL A 15 -23.85 -11.57 -4.59
C VAL A 15 -23.04 -12.60 -3.77
N MET A 16 -22.15 -13.34 -4.42
CA MET A 16 -21.34 -14.32 -3.70
C MET A 16 -20.04 -14.56 -4.42
N THR A 17 -19.13 -15.31 -3.79
CA THR A 17 -17.80 -15.58 -4.34
C THR A 17 -17.71 -15.92 -5.83
N GLY A 18 -18.36 -17.00 -6.25
CA GLY A 18 -18.34 -17.39 -7.65
C GLY A 18 -19.54 -16.86 -8.41
N ARG A 19 -19.98 -15.66 -8.04
CA ARG A 19 -21.13 -14.97 -8.61
C ARG A 19 -22.46 -15.60 -8.25
N ASP A 20 -22.61 -16.90 -8.50
CA ASP A 20 -23.86 -17.57 -8.15
C ASP A 20 -23.58 -18.96 -7.55
N TYR A 21 -24.62 -19.67 -7.16
CA TYR A 21 -24.43 -20.97 -6.55
C TYR A 21 -23.70 -22.03 -7.37
N ASN A 22 -23.67 -21.88 -8.69
CA ASN A 22 -22.96 -22.86 -9.52
C ASN A 22 -21.46 -22.61 -9.54
N ALA A 23 -21.05 -21.48 -8.96
CA ALA A 23 -19.64 -21.12 -8.88
C ALA A 23 -18.94 -21.27 -10.23
N GLN A 24 -19.42 -20.52 -11.22
CA GLN A 24 -18.83 -20.59 -12.55
C GLN A 24 -18.06 -19.34 -12.95
N ASN A 25 -18.22 -18.26 -12.18
CA ASN A 25 -17.54 -17.01 -12.49
C ASN A 25 -17.79 -16.68 -13.95
N TYR A 26 -19.03 -16.83 -14.39
CA TYR A 26 -19.40 -16.58 -15.77
C TYR A 26 -20.45 -15.48 -15.86
N SER A 27 -20.30 -14.61 -16.85
CA SER A 27 -21.26 -13.52 -17.03
C SER A 27 -21.92 -13.64 -18.40
N GLU A 28 -23.22 -13.37 -18.44
CA GLU A 28 -23.97 -13.45 -19.68
C GLU A 28 -23.81 -12.20 -20.53
N MET A 29 -23.17 -11.18 -19.96
CA MET A 29 -22.98 -9.91 -20.66
C MET A 29 -22.05 -10.00 -21.87
N THR A 30 -22.37 -9.22 -22.89
CA THR A 30 -21.59 -9.21 -24.12
C THR A 30 -21.17 -7.81 -24.53
N ASP A 31 -21.48 -6.81 -23.70
CA ASP A 31 -21.09 -5.43 -24.00
C ASP A 31 -19.60 -5.42 -24.30
N ILE A 32 -18.82 -6.04 -23.43
CA ILE A 32 -17.38 -6.14 -23.61
C ILE A 32 -17.18 -7.49 -24.30
N ASN A 33 -16.59 -7.48 -25.48
CA ASN A 33 -16.35 -8.71 -26.22
C ASN A 33 -15.02 -8.70 -26.97
N LYS A 34 -14.81 -9.71 -27.80
CA LYS A 34 -13.58 -9.85 -28.57
C LYS A 34 -13.30 -8.63 -29.45
N GLU A 35 -14.36 -8.10 -30.05
CA GLU A 35 -14.26 -6.94 -30.93
C GLU A 35 -13.74 -5.68 -30.25
N ASN A 36 -14.35 -5.31 -29.13
CA ASN A 36 -14.01 -4.08 -28.43
C ASN A 36 -13.17 -4.15 -27.15
N VAL A 37 -12.63 -5.33 -26.82
CA VAL A 37 -11.84 -5.44 -25.61
C VAL A 37 -10.56 -4.60 -25.71
N LYS A 38 -10.19 -4.23 -26.93
CA LYS A 38 -8.99 -3.44 -27.14
C LYS A 38 -9.14 -2.04 -26.55
N GLN A 39 -10.40 -1.61 -26.39
CA GLN A 39 -10.68 -0.29 -25.85
C GLN A 39 -10.97 -0.30 -24.36
N LEU A 40 -10.69 -1.41 -23.69
CA LEU A 40 -10.95 -1.50 -22.27
C LEU A 40 -9.98 -0.61 -21.50
N ARG A 41 -10.54 0.29 -20.69
CA ARG A 41 -9.74 1.22 -19.90
C ARG A 41 -10.18 1.35 -18.44
N PRO A 42 -9.28 1.81 -17.56
CA PRO A 42 -9.56 1.99 -16.14
C PRO A 42 -10.59 3.11 -15.91
N ALA A 43 -11.67 2.80 -15.19
CA ALA A 43 -12.73 3.77 -14.90
C ALA A 43 -12.44 4.54 -13.61
N TRP A 44 -11.96 3.82 -12.60
CA TRP A 44 -11.62 4.41 -11.32
C TRP A 44 -10.92 3.37 -10.46
N SER A 45 -10.35 3.81 -9.35
CA SER A 45 -9.65 2.90 -8.45
C SER A 45 -9.81 3.28 -6.99
N PHE A 46 -9.41 2.36 -6.12
CA PHE A 46 -9.52 2.55 -4.68
C PHE A 46 -8.43 1.78 -3.96
N SER A 47 -7.64 2.46 -3.14
CA SER A 47 -6.59 1.80 -2.37
C SER A 47 -7.22 1.35 -1.05
N THR A 48 -6.83 0.18 -0.56
CA THR A 48 -7.38 -0.35 0.68
C THR A 48 -6.72 0.14 1.97
N GLY A 49 -5.60 0.84 1.84
CA GLY A 49 -4.92 1.35 3.02
C GLY A 49 -4.12 0.29 3.75
N VAL A 50 -4.02 -0.89 3.16
CA VAL A 50 -3.27 -1.98 3.75
C VAL A 50 -2.48 -2.77 2.70
N LEU A 51 -1.35 -3.33 3.10
CA LEU A 51 -0.54 -4.11 2.18
C LEU A 51 -0.83 -5.59 2.37
N HIS A 52 0.05 -6.45 1.86
CA HIS A 52 -0.11 -7.89 1.98
C HIS A 52 -1.15 -8.42 0.99
N GLY A 53 -1.18 -9.75 0.82
CA GLY A 53 -2.09 -10.39 -0.10
C GLY A 53 -3.55 -9.95 -0.15
N HIS A 54 -4.01 -9.60 -1.34
CA HIS A 54 -5.39 -9.20 -1.55
C HIS A 54 -6.10 -10.22 -2.41
N GLU A 55 -6.61 -11.28 -1.79
CA GLU A 55 -7.30 -12.35 -2.49
C GLU A 55 -8.81 -12.13 -2.57
N GLY A 56 -9.50 -13.03 -3.26
CA GLY A 56 -10.95 -12.90 -3.41
C GLY A 56 -11.36 -11.79 -4.34
N THR A 57 -12.65 -11.49 -4.39
CA THR A 57 -13.16 -10.44 -5.26
C THR A 57 -14.24 -9.62 -4.56
N PRO A 58 -14.45 -8.37 -4.96
CA PRO A 58 -15.49 -7.58 -4.31
C PRO A 58 -16.92 -8.05 -4.65
N LEU A 59 -17.88 -7.71 -3.79
CA LEU A 59 -19.27 -8.09 -4.02
C LEU A 59 -20.05 -6.84 -4.39
N VAL A 60 -20.92 -6.96 -5.38
CA VAL A 60 -21.72 -5.83 -5.81
C VAL A 60 -23.20 -6.14 -5.67
N VAL A 61 -23.91 -5.24 -5.01
CA VAL A 61 -25.34 -5.41 -4.82
C VAL A 61 -25.99 -4.04 -4.98
N GLY A 62 -26.55 -3.80 -6.17
CA GLY A 62 -27.18 -2.54 -6.44
C GLY A 62 -26.14 -1.46 -6.68
N ASP A 63 -26.25 -0.35 -5.95
CA ASP A 63 -25.31 0.76 -6.07
C ASP A 63 -24.17 0.63 -5.07
N ARG A 64 -23.96 -0.56 -4.53
CA ARG A 64 -22.90 -0.75 -3.55
C ARG A 64 -21.93 -1.89 -3.83
N MET A 65 -20.65 -1.60 -3.64
CA MET A 65 -19.61 -2.59 -3.81
C MET A 65 -18.98 -2.83 -2.44
N PHE A 66 -18.88 -4.08 -2.03
CA PHE A 66 -18.31 -4.40 -0.74
C PHE A 66 -16.88 -4.92 -0.88
N ILE A 67 -15.97 -4.36 -0.10
CA ILE A 67 -14.58 -4.74 -0.19
C ILE A 67 -13.96 -5.25 1.11
N HIS A 68 -13.48 -6.49 1.09
CA HIS A 68 -12.82 -7.10 2.23
C HIS A 68 -11.33 -6.86 2.10
N THR A 69 -10.59 -7.00 3.20
CA THR A 69 -9.16 -6.75 3.17
C THR A 69 -8.38 -7.75 4.00
N PRO A 70 -7.07 -7.86 3.76
CA PRO A 70 -6.31 -8.79 4.59
C PRO A 70 -6.21 -8.14 5.97
N PHE A 71 -5.55 -8.82 6.91
CA PHE A 71 -5.40 -8.30 8.26
C PHE A 71 -5.16 -6.79 8.26
N PRO A 72 -5.83 -6.04 9.16
CA PRO A 72 -6.79 -6.45 10.19
C PRO A 72 -8.21 -6.73 9.68
N ASN A 73 -8.31 -7.03 8.39
CA ASN A 73 -9.60 -7.35 7.77
C ASN A 73 -10.70 -6.32 7.89
N THR A 74 -10.38 -5.05 7.71
CA THR A 74 -11.44 -4.05 7.80
C THR A 74 -12.27 -4.13 6.51
N THR A 75 -13.59 -4.01 6.63
CA THR A 75 -14.50 -4.10 5.49
C THR A 75 -14.92 -2.70 5.05
N PHE A 76 -15.00 -2.47 3.75
CA PHE A 76 -15.38 -1.17 3.19
C PHE A 76 -16.64 -1.29 2.35
N ALA A 77 -17.38 -0.18 2.24
CA ALA A 77 -18.58 -0.13 1.44
C ALA A 77 -18.50 1.11 0.56
N LEU A 78 -18.45 0.91 -0.75
CA LEU A 78 -18.35 2.01 -1.71
C LEU A 78 -19.65 2.34 -2.42
N ASP A 79 -19.86 3.63 -2.67
CA ASP A 79 -21.04 4.12 -3.37
C ASP A 79 -20.72 4.07 -4.86
N LEU A 80 -21.35 3.15 -5.59
CA LEU A 80 -21.10 3.03 -7.02
C LEU A 80 -21.53 4.27 -7.82
N ASN A 81 -22.44 5.07 -7.24
CA ASN A 81 -22.90 6.28 -7.91
C ASN A 81 -21.77 7.30 -7.98
N GLU A 82 -20.80 7.14 -7.08
CA GLU A 82 -19.61 7.97 -7.05
C GLU A 82 -18.64 7.26 -6.13
N PRO A 83 -17.88 6.30 -6.68
CA PRO A 83 -16.89 5.48 -5.99
C PRO A 83 -15.87 6.22 -5.14
N GLY A 84 -15.84 7.54 -5.26
CA GLY A 84 -14.91 8.34 -4.49
C GLY A 84 -15.26 8.33 -3.02
N LYS A 85 -16.56 8.32 -2.71
CA LYS A 85 -17.02 8.31 -1.33
C LYS A 85 -17.03 6.92 -0.75
N ILE A 86 -16.67 6.82 0.53
CA ILE A 86 -16.69 5.56 1.22
C ILE A 86 -17.92 5.62 2.12
N LEU A 87 -18.93 4.80 1.83
CA LEU A 87 -20.16 4.80 2.62
C LEU A 87 -19.86 4.45 4.06
N TRP A 88 -19.11 3.36 4.26
CA TRP A 88 -18.74 2.96 5.60
C TRP A 88 -17.56 2.02 5.66
N GLN A 89 -17.01 1.86 6.86
CA GLN A 89 -15.89 0.97 7.10
C GLN A 89 -15.98 0.43 8.52
N ASN A 90 -15.89 -0.89 8.63
CA ASN A 90 -15.94 -1.55 9.92
C ASN A 90 -14.54 -2.05 10.16
N LYS A 91 -13.84 -1.44 11.11
CA LYS A 91 -12.48 -1.83 11.41
C LYS A 91 -12.39 -2.50 12.78
N PRO A 92 -12.12 -3.81 12.81
CA PRO A 92 -12.04 -4.50 14.10
C PRO A 92 -10.69 -4.34 14.80
N LYS A 93 -10.64 -4.80 16.04
CA LYS A 93 -9.41 -4.77 16.83
C LYS A 93 -9.06 -6.23 17.05
N GLN A 94 -7.89 -6.65 16.58
CA GLN A 94 -7.51 -8.04 16.74
C GLN A 94 -6.18 -8.18 17.44
N ASN A 95 -5.94 -9.36 18.01
CA ASN A 95 -4.68 -9.60 18.68
C ASN A 95 -3.65 -9.89 17.60
N PRO A 96 -2.71 -8.96 17.39
CA PRO A 96 -1.67 -9.14 16.37
C PRO A 96 -0.96 -10.50 16.42
N THR A 97 -1.19 -11.26 17.49
CA THR A 97 -0.58 -12.57 17.63
C THR A 97 -1.18 -13.53 16.60
N ALA A 98 -2.37 -13.20 16.12
CA ALA A 98 -3.04 -14.03 15.12
C ALA A 98 -2.17 -14.13 13.87
N ARG A 99 -1.42 -13.07 13.58
CA ARG A 99 -0.54 -13.02 12.42
C ARG A 99 0.56 -14.05 12.54
N THR A 100 0.87 -14.40 13.78
CA THR A 100 1.92 -15.35 14.08
C THR A 100 1.63 -16.79 13.70
N VAL A 101 0.36 -17.18 13.73
CA VAL A 101 -0.03 -18.54 13.41
C VAL A 101 -0.58 -18.72 12.00
N ALA A 102 -0.41 -17.71 11.15
CA ALA A 102 -0.86 -17.76 9.76
C ALA A 102 0.28 -18.40 8.98
N CYS A 103 0.01 -19.49 8.30
CA CYS A 103 1.04 -20.19 7.55
C CYS A 103 1.50 -19.52 6.28
N CYS A 104 0.53 -19.01 5.55
CA CYS A 104 0.79 -18.52 4.24
C CYS A 104 0.29 -17.10 3.89
N ASP A 105 0.68 -16.14 4.73
CA ASP A 105 0.30 -14.71 4.63
C ASP A 105 -1.06 -14.45 5.28
N VAL A 106 -1.30 -13.19 5.67
CA VAL A 106 -2.55 -12.81 6.33
C VAL A 106 -3.69 -12.46 5.39
N VAL A 107 -3.91 -13.33 4.40
CA VAL A 107 -4.94 -13.11 3.41
C VAL A 107 -6.36 -13.44 3.88
N ASN A 108 -7.36 -12.97 3.13
CA ASN A 108 -8.76 -13.24 3.40
C ASN A 108 -9.42 -13.35 2.03
N ARG A 109 -10.20 -14.41 1.83
CA ARG A 109 -10.79 -14.64 0.51
C ARG A 109 -12.13 -14.05 0.10
N GLY A 110 -12.79 -13.31 0.98
CA GLY A 110 -14.04 -12.71 0.56
C GLY A 110 -15.16 -12.56 1.58
N LEU A 111 -16.20 -11.85 1.16
CA LEU A 111 -17.37 -11.60 1.98
C LEU A 111 -18.53 -12.45 1.47
N ALA A 112 -19.67 -12.35 2.17
CA ALA A 112 -20.87 -13.08 1.80
C ALA A 112 -22.04 -12.15 2.07
N TYR A 113 -23.15 -12.38 1.38
CA TYR A 113 -24.31 -11.52 1.52
C TYR A 113 -25.61 -12.28 1.76
N TRP A 114 -26.39 -11.82 2.72
CA TRP A 114 -27.69 -12.41 3.04
C TRP A 114 -28.71 -11.33 2.65
N PRO A 115 -29.63 -11.65 1.72
CA PRO A 115 -30.68 -10.78 1.18
C PRO A 115 -31.62 -10.10 2.17
N GLY A 116 -31.67 -10.61 3.40
CA GLY A 116 -32.54 -10.03 4.40
C GLY A 116 -33.99 -10.41 4.18
N ASP A 117 -34.81 -10.33 5.24
CA ASP A 117 -36.23 -10.64 5.15
C ASP A 117 -37.06 -9.57 5.84
N ASP A 118 -38.32 -9.90 6.11
CA ASP A 118 -39.24 -8.96 6.78
C ASP A 118 -39.04 -9.07 8.29
N GLN A 119 -37.87 -8.66 8.74
CA GLN A 119 -37.53 -8.74 10.15
C GLN A 119 -36.09 -8.25 10.36
N VAL A 120 -35.25 -8.49 9.36
CA VAL A 120 -33.86 -8.08 9.41
C VAL A 120 -33.36 -7.71 8.03
N LYS A 121 -32.88 -6.48 7.89
CA LYS A 121 -32.38 -5.98 6.61
C LYS A 121 -31.12 -6.72 6.16
N PRO A 122 -30.76 -6.59 4.87
CA PRO A 122 -29.58 -7.26 4.31
C PRO A 122 -28.35 -7.20 5.22
N LEU A 123 -27.59 -8.29 5.25
CA LEU A 123 -26.40 -8.35 6.06
C LEU A 123 -25.19 -8.76 5.26
N ILE A 124 -24.03 -8.26 5.67
CA ILE A 124 -22.76 -8.60 5.04
C ILE A 124 -22.01 -9.44 6.08
N PHE A 125 -21.38 -10.52 5.64
CA PHE A 125 -20.63 -11.36 6.56
C PHE A 125 -19.16 -11.34 6.24
N ARG A 126 -18.36 -11.44 7.28
CA ARG A 126 -16.92 -11.42 7.17
C ARG A 126 -16.33 -12.40 8.18
N THR A 127 -15.13 -12.90 7.89
CA THR A 127 -14.44 -13.78 8.83
C THR A 127 -13.18 -13.00 9.12
N GLN A 128 -12.63 -13.16 10.31
CA GLN A 128 -11.42 -12.45 10.69
C GLN A 128 -10.32 -13.46 10.91
N LEU A 129 -9.07 -13.02 10.76
CA LEU A 129 -7.93 -13.90 10.94
C LEU A 129 -7.93 -14.49 12.33
N ASP A 130 -8.30 -13.66 13.31
CA ASP A 130 -8.32 -14.10 14.70
C ASP A 130 -9.39 -15.12 15.07
N GLY A 131 -10.13 -15.64 14.09
CA GLY A 131 -11.13 -16.65 14.38
C GLY A 131 -12.59 -16.25 14.49
N HIS A 132 -12.88 -14.96 14.43
CA HIS A 132 -14.25 -14.52 14.55
C HIS A 132 -15.03 -14.44 13.23
N ILE A 133 -16.32 -14.76 13.30
CA ILE A 133 -17.20 -14.65 12.16
C ILE A 133 -18.10 -13.50 12.61
N VAL A 134 -18.35 -12.52 11.75
CA VAL A 134 -19.18 -11.41 12.19
C VAL A 134 -20.20 -10.98 11.15
N ALA A 135 -21.33 -10.46 11.62
CA ALA A 135 -22.40 -10.00 10.74
C ALA A 135 -22.54 -8.50 10.91
N MET A 136 -22.81 -7.80 9.81
CA MET A 136 -22.96 -6.35 9.86
C MET A 136 -24.08 -5.95 8.92
N ASP A 137 -24.79 -4.90 9.31
CA ASP A 137 -25.86 -4.37 8.50
C ASP A 137 -25.21 -3.89 7.21
N ALA A 138 -25.79 -4.22 6.07
CA ALA A 138 -25.22 -3.82 4.79
C ALA A 138 -25.32 -2.33 4.49
N GLU A 139 -26.34 -1.67 5.03
CA GLU A 139 -26.55 -0.24 4.80
C GLU A 139 -25.57 0.65 5.55
N THR A 140 -25.51 0.44 6.86
CA THR A 140 -24.66 1.23 7.74
C THR A 140 -23.33 0.59 8.10
N GLY A 141 -23.26 -0.73 7.98
CA GLY A 141 -22.03 -1.43 8.29
C GLY A 141 -21.83 -1.69 9.78
N GLU A 142 -22.81 -1.33 10.60
CA GLU A 142 -22.68 -1.56 12.03
C GLU A 142 -22.86 -3.02 12.37
N THR A 143 -22.00 -3.51 13.25
CA THR A 143 -22.00 -4.90 13.67
C THR A 143 -23.29 -5.38 14.31
N ARG A 144 -23.77 -6.55 13.89
CA ARG A 144 -24.99 -7.12 14.44
C ARG A 144 -24.59 -8.14 15.51
N TRP A 145 -23.65 -9.01 15.17
CA TRP A 145 -23.16 -10.00 16.11
C TRP A 145 -21.79 -10.53 15.74
N ILE A 146 -21.14 -11.17 16.70
CA ILE A 146 -19.82 -11.74 16.50
C ILE A 146 -19.79 -13.02 17.30
N MET A 147 -19.16 -14.05 16.75
CA MET A 147 -19.06 -15.34 17.43
C MET A 147 -17.65 -15.89 17.22
N GLU A 148 -17.15 -16.64 18.20
CA GLU A 148 -15.82 -17.24 18.12
C GLU A 148 -15.94 -18.59 17.43
N ASN A 149 -15.12 -18.79 16.40
CA ASN A 149 -15.14 -20.05 15.67
C ASN A 149 -13.82 -20.79 15.77
N SER A 150 -12.71 -20.05 15.76
CA SER A 150 -11.38 -20.65 15.84
C SER A 150 -10.46 -19.96 16.87
N ASP A 151 -9.77 -20.76 17.67
CA ASP A 151 -8.89 -20.20 18.67
C ASP A 151 -7.46 -20.12 18.16
N ILE A 152 -6.91 -18.91 18.08
CA ILE A 152 -5.54 -18.78 17.59
C ILE A 152 -4.52 -19.33 18.58
N LYS A 153 -4.94 -19.59 19.82
CA LYS A 153 -4.02 -20.13 20.82
C LYS A 153 -3.56 -21.53 20.43
N VAL A 154 -4.27 -22.15 19.50
CA VAL A 154 -3.91 -23.50 19.05
C VAL A 154 -3.51 -23.47 17.58
N GLY A 155 -3.21 -22.28 17.07
CA GLY A 155 -2.81 -22.15 15.67
C GLY A 155 -3.99 -22.24 14.71
N SER A 156 -5.20 -22.00 15.20
CA SER A 156 -6.41 -22.08 14.39
C SER A 156 -6.91 -20.69 13.98
N THR A 157 -6.78 -20.38 12.69
CA THR A 157 -7.19 -19.08 12.16
C THR A 157 -8.27 -19.20 11.08
N LEU A 158 -8.68 -18.07 10.54
CA LEU A 158 -9.69 -18.05 9.47
C LEU A 158 -9.24 -17.13 8.35
N THR A 159 -9.31 -17.63 7.12
CA THR A 159 -8.93 -16.87 5.94
C THR A 159 -9.98 -17.06 4.87
N ILE A 160 -10.76 -18.14 5.00
CA ILE A 160 -11.81 -18.46 4.05
C ILE A 160 -12.94 -17.43 4.07
N ALA A 161 -13.64 -17.34 2.95
CA ALA A 161 -14.76 -16.41 2.87
C ALA A 161 -16.01 -17.13 3.38
N PRO A 162 -16.85 -16.41 4.15
CA PRO A 162 -18.08 -17.02 4.67
C PRO A 162 -19.01 -17.29 3.49
N TYR A 163 -19.90 -18.27 3.61
CA TYR A 163 -20.81 -18.61 2.52
C TYR A 163 -22.25 -18.72 3.03
N VAL A 164 -23.17 -18.04 2.36
CA VAL A 164 -24.59 -18.05 2.77
C VAL A 164 -25.51 -18.98 1.97
N ILE A 165 -26.25 -19.82 2.70
CA ILE A 165 -27.22 -20.74 2.12
C ILE A 165 -28.48 -20.68 2.98
N LYS A 166 -29.60 -20.32 2.37
CA LYS A 166 -30.86 -20.20 3.10
C LYS A 166 -30.69 -19.24 4.25
N ASP A 167 -30.72 -19.77 5.47
CA ASP A 167 -30.54 -18.95 6.65
C ASP A 167 -29.35 -19.40 7.45
N LEU A 168 -28.31 -19.85 6.76
CA LEU A 168 -27.11 -20.29 7.42
C LEU A 168 -25.90 -19.63 6.77
N VAL A 169 -24.89 -19.38 7.57
CA VAL A 169 -23.64 -18.81 7.07
C VAL A 169 -22.63 -19.88 7.43
N LEU A 170 -21.88 -20.35 6.44
CA LEU A 170 -20.89 -21.40 6.65
C LEU A 170 -19.51 -20.83 6.92
N VAL A 171 -18.80 -21.42 7.88
CA VAL A 171 -17.46 -20.97 8.25
C VAL A 171 -16.51 -22.15 8.24
N GLY A 172 -15.47 -22.07 7.41
CA GLY A 172 -14.50 -23.15 7.30
C GLY A 172 -13.44 -23.14 8.38
N SER A 173 -12.19 -23.45 8.03
CA SER A 173 -11.10 -23.48 9.00
C SER A 173 -9.70 -23.57 8.38
N SER A 174 -8.72 -23.03 9.09
CA SER A 174 -7.33 -23.06 8.64
C SER A 174 -6.43 -23.48 9.78
N GLY A 175 -5.23 -23.97 9.46
CA GLY A 175 -4.28 -24.38 10.49
C GLY A 175 -3.69 -25.78 10.46
N ALA A 176 -3.90 -26.53 9.38
CA ALA A 176 -3.36 -27.89 9.30
C ALA A 176 -1.84 -27.93 9.51
N GLU A 177 -1.16 -26.85 9.12
CA GLU A 177 0.29 -26.77 9.31
C GLU A 177 0.61 -26.62 10.80
N LEU A 178 -0.42 -26.35 11.58
CA LEU A 178 -0.31 -26.18 13.02
C LEU A 178 -1.00 -27.38 13.71
N GLY A 179 -1.38 -28.37 12.91
CA GLY A 179 -2.03 -29.56 13.45
C GLY A 179 -3.49 -29.41 13.80
N VAL A 180 -4.12 -28.32 13.38
CA VAL A 180 -5.54 -28.13 13.68
C VAL A 180 -6.42 -29.12 12.92
N ARG A 181 -7.31 -29.80 13.65
CA ARG A 181 -8.25 -30.75 13.06
C ARG A 181 -9.33 -29.91 12.39
N GLY A 182 -9.52 -30.12 11.09
CA GLY A 182 -10.48 -29.33 10.34
C GLY A 182 -11.96 -29.53 10.62
N TYR A 183 -12.72 -28.44 10.46
CA TYR A 183 -14.16 -28.49 10.68
C TYR A 183 -14.90 -27.31 10.07
N VAL A 184 -16.11 -27.58 9.59
CA VAL A 184 -16.93 -26.53 9.00
C VAL A 184 -18.09 -26.29 9.98
N THR A 185 -18.55 -25.05 10.08
CA THR A 185 -19.62 -24.72 11.01
C THR A 185 -20.71 -23.86 10.38
N ALA A 186 -21.96 -24.10 10.78
CA ALA A 186 -23.08 -23.32 10.26
C ALA A 186 -23.72 -22.49 11.36
N TYR A 187 -23.91 -21.20 11.09
CA TYR A 187 -24.54 -20.30 12.06
C TYR A 187 -25.80 -19.73 11.44
N ASP A 188 -26.73 -19.32 12.29
CA ASP A 188 -27.98 -18.73 11.83
C ASP A 188 -27.61 -17.31 11.43
N VAL A 189 -28.02 -16.88 10.24
CA VAL A 189 -27.67 -15.54 9.78
C VAL A 189 -28.14 -14.42 10.71
N LYS A 190 -29.28 -14.60 11.36
CA LYS A 190 -29.79 -13.57 12.26
C LYS A 190 -29.17 -13.52 13.65
N SER A 191 -29.14 -14.65 14.35
CA SER A 191 -28.60 -14.68 15.70
C SER A 191 -27.15 -15.12 15.82
N GLY A 192 -26.64 -15.81 14.82
CA GLY A 192 -25.27 -16.26 14.90
C GLY A 192 -25.21 -17.51 15.77
N GLU A 193 -26.37 -18.06 16.09
CA GLU A 193 -26.45 -19.26 16.91
C GLU A 193 -26.03 -20.45 16.04
N MET A 194 -25.09 -21.24 16.55
CA MET A 194 -24.58 -22.41 15.84
C MET A 194 -25.67 -23.47 15.61
N ARG A 195 -25.89 -23.85 14.36
CA ARG A 195 -26.89 -24.87 14.09
C ARG A 195 -26.27 -26.27 13.96
N TRP A 196 -25.05 -26.35 13.46
CA TRP A 196 -24.32 -27.62 13.36
C TRP A 196 -22.86 -27.42 13.05
N ARG A 197 -22.06 -28.45 13.29
CA ARG A 197 -20.63 -28.42 13.01
C ARG A 197 -20.19 -29.81 12.61
N ALA A 198 -19.38 -29.91 11.57
CA ALA A 198 -18.93 -31.22 11.12
C ALA A 198 -17.42 -31.29 10.90
N PHE A 199 -16.77 -32.24 11.56
CA PHE A 199 -15.32 -32.41 11.44
C PHE A 199 -14.95 -33.30 10.26
N ALA A 200 -13.66 -33.30 9.92
CA ALA A 200 -13.12 -34.08 8.81
C ALA A 200 -12.44 -35.37 9.22
N THR A 201 -12.28 -35.59 10.53
CA THR A 201 -11.64 -36.81 11.04
C THR A 201 -12.24 -37.22 12.37
N GLY A 202 -12.05 -38.48 12.75
CA GLY A 202 -12.58 -38.95 14.02
C GLY A 202 -13.87 -39.75 13.92
N PRO A 203 -14.65 -39.84 15.01
CA PRO A 203 -15.91 -40.59 15.00
C PRO A 203 -16.94 -40.07 13.99
N ASP A 204 -17.80 -40.98 13.54
CA ASP A 204 -18.82 -40.63 12.57
C ASP A 204 -19.87 -39.67 13.10
N GLU A 205 -19.95 -39.50 14.42
CA GLU A 205 -20.93 -38.57 14.96
C GLU A 205 -20.40 -37.13 14.92
N GLU A 206 -19.09 -37.00 14.73
CA GLU A 206 -18.49 -35.67 14.63
C GLU A 206 -18.29 -35.39 13.14
N LEU A 207 -18.24 -36.46 12.35
CA LEU A 207 -18.10 -36.39 10.91
C LEU A 207 -19.44 -35.96 10.30
N LEU A 208 -20.51 -36.23 11.05
CA LEU A 208 -21.87 -35.90 10.62
C LEU A 208 -22.23 -36.56 9.29
N LEU A 209 -22.57 -37.85 9.34
CA LEU A 209 -22.92 -38.59 8.15
C LEU A 209 -24.39 -38.97 8.11
N ALA A 210 -24.94 -39.04 6.91
CA ALA A 210 -26.34 -39.40 6.73
C ALA A 210 -26.43 -40.91 6.87
N GLU A 211 -27.62 -41.39 7.21
CA GLU A 211 -27.85 -42.82 7.40
C GLU A 211 -27.32 -43.65 6.22
N ASP A 212 -27.44 -43.09 5.02
CA ASP A 212 -26.99 -43.77 3.79
C ASP A 212 -25.73 -43.20 3.14
N PHE A 213 -24.82 -42.68 3.96
CA PHE A 213 -23.57 -42.10 3.48
C PHE A 213 -22.81 -43.04 2.55
N ASN A 214 -22.44 -42.53 1.38
CA ASN A 214 -21.70 -43.30 0.37
C ASN A 214 -22.35 -44.60 -0.06
N ALA A 215 -23.68 -44.62 -0.05
CA ALA A 215 -24.44 -45.79 -0.46
C ALA A 215 -24.25 -46.09 -1.97
N PRO A 216 -24.27 -45.05 -2.81
CA PRO A 216 -24.10 -45.30 -4.25
C PRO A 216 -22.71 -45.81 -4.61
N ASN A 217 -21.73 -45.50 -3.77
CA ASN A 217 -20.35 -45.93 -4.02
C ASN A 217 -19.68 -46.47 -2.76
N PRO A 218 -20.20 -47.59 -2.24
CA PRO A 218 -19.69 -48.24 -1.02
C PRO A 218 -18.18 -48.40 -0.99
N HIS A 219 -17.59 -48.59 -2.15
CA HIS A 219 -16.15 -48.79 -2.23
C HIS A 219 -15.34 -47.56 -1.85
N TYR A 220 -15.98 -46.40 -1.82
CA TYR A 220 -15.31 -45.15 -1.43
C TYR A 220 -14.95 -45.25 0.04
N GLY A 221 -15.75 -46.05 0.75
CA GLY A 221 -15.56 -46.24 2.18
C GLY A 221 -16.81 -45.69 2.85
N GLN A 222 -17.16 -46.20 4.02
CA GLN A 222 -18.35 -45.68 4.69
C GLN A 222 -18.21 -45.41 6.19
N LYS A 223 -18.68 -46.34 7.01
CA LYS A 223 -18.65 -46.14 8.45
C LYS A 223 -17.35 -46.39 9.17
N ASN A 224 -17.15 -45.60 10.23
CA ASN A 224 -15.99 -45.71 11.11
C ASN A 224 -14.62 -45.47 10.49
N LEU A 225 -14.58 -44.95 9.27
CA LEU A 225 -13.29 -44.71 8.62
C LEU A 225 -12.60 -43.46 9.15
N GLY A 226 -13.29 -42.72 10.02
CA GLY A 226 -12.73 -41.52 10.61
C GLY A 226 -11.72 -41.84 11.70
N LEU A 227 -11.79 -43.08 12.21
CA LEU A 227 -10.89 -43.56 13.27
C LEU A 227 -10.00 -44.67 12.70
N GLU A 228 -10.65 -45.60 12.02
CA GLU A 228 -10.00 -46.76 11.44
C GLU A 228 -8.81 -46.51 10.52
N THR A 229 -8.80 -45.39 9.81
CA THR A 229 -7.71 -45.09 8.89
C THR A 229 -6.54 -44.33 9.51
N TRP A 230 -6.62 -44.13 10.82
CA TRP A 230 -5.58 -43.44 11.58
C TRP A 230 -5.09 -44.40 12.65
N GLU A 231 -3.83 -44.26 13.06
CA GLU A 231 -3.30 -45.11 14.12
C GLU A 231 -3.41 -44.35 15.42
N GLY A 232 -4.19 -44.88 16.36
CA GLY A 232 -4.36 -44.24 17.65
C GLY A 232 -5.16 -42.95 17.60
N ASP A 233 -4.70 -41.94 18.35
CA ASP A 233 -5.36 -40.64 18.44
C ASP A 233 -4.82 -39.60 17.46
N ALA A 234 -3.97 -40.03 16.54
CA ALA A 234 -3.36 -39.12 15.58
C ALA A 234 -4.36 -38.22 14.87
N TRP A 235 -5.60 -38.69 14.74
CA TRP A 235 -6.64 -37.91 14.06
C TRP A 235 -7.08 -36.66 14.83
N LYS A 236 -6.73 -36.58 16.10
CA LYS A 236 -7.11 -35.41 16.90
C LYS A 236 -6.38 -34.19 16.38
N ILE A 237 -5.27 -34.42 15.70
CA ILE A 237 -4.46 -33.33 15.15
C ILE A 237 -4.18 -33.59 13.68
N GLY A 238 -5.13 -34.21 12.98
CA GLY A 238 -4.92 -34.53 11.58
C GLY A 238 -5.43 -33.63 10.48
N GLY A 239 -5.34 -32.31 10.69
CA GLY A 239 -5.79 -31.37 9.68
C GLY A 239 -7.17 -31.62 9.11
N GLY A 240 -7.32 -31.45 7.79
CA GLY A 240 -8.61 -31.67 7.17
C GLY A 240 -9.39 -30.37 7.08
N THR A 241 -8.74 -29.27 7.39
CA THR A 241 -9.37 -27.96 7.35
C THR A 241 -9.83 -27.60 5.93
N ASN A 242 -10.94 -26.85 5.85
CA ASN A 242 -11.48 -26.41 4.57
C ASN A 242 -11.41 -24.89 4.54
N TRP A 243 -10.53 -24.37 3.69
CA TRP A 243 -10.33 -22.94 3.56
C TRP A 243 -10.52 -22.51 2.11
N GLY A 244 -10.99 -23.44 1.30
CA GLY A 244 -11.21 -23.18 -0.11
C GLY A 244 -12.54 -22.52 -0.45
N TRP A 245 -13.29 -23.14 -1.36
CA TRP A 245 -14.57 -22.57 -1.79
C TRP A 245 -15.75 -23.53 -1.67
N TYR A 246 -16.96 -23.00 -1.87
CA TYR A 246 -18.17 -23.81 -1.79
C TYR A 246 -18.97 -23.69 -3.08
N ALA A 247 -19.96 -24.57 -3.23
CA ALA A 247 -20.86 -24.58 -4.37
C ALA A 247 -22.16 -25.18 -3.79
N TYR A 248 -23.30 -24.86 -4.39
CA TYR A 248 -24.56 -25.37 -3.84
C TYR A 248 -25.64 -25.65 -4.87
N ASP A 249 -26.30 -26.80 -4.76
CA ASP A 249 -27.37 -27.15 -5.68
C ASP A 249 -28.69 -27.17 -4.91
N PRO A 250 -29.44 -26.06 -4.93
CA PRO A 250 -30.72 -25.91 -4.24
C PRO A 250 -31.77 -26.97 -4.57
N GLU A 251 -31.60 -27.62 -5.71
CA GLU A 251 -32.54 -28.64 -6.13
C GLU A 251 -32.51 -29.85 -5.23
N VAL A 252 -31.30 -30.34 -4.95
CA VAL A 252 -31.11 -31.49 -4.07
C VAL A 252 -30.59 -31.03 -2.69
N ASP A 253 -30.50 -29.72 -2.51
CA ASP A 253 -30.03 -29.12 -1.26
C ASP A 253 -28.70 -29.67 -0.74
N LEU A 254 -27.69 -29.69 -1.60
CA LEU A 254 -26.37 -30.17 -1.22
C LEU A 254 -25.33 -29.13 -1.60
N PHE A 255 -24.43 -28.82 -0.67
CA PHE A 255 -23.37 -27.87 -0.98
C PHE A 255 -22.10 -28.70 -1.03
N TYR A 256 -21.10 -28.27 -1.79
CA TYR A 256 -19.88 -29.05 -1.92
C TYR A 256 -18.63 -28.29 -1.53
N TYR A 257 -17.64 -29.02 -1.02
CA TYR A 257 -16.38 -28.40 -0.63
C TYR A 257 -15.36 -29.50 -0.40
N GLY A 258 -14.09 -29.13 -0.32
CA GLY A 258 -13.06 -30.13 -0.10
C GLY A 258 -12.31 -29.95 1.22
N SER A 259 -11.97 -31.07 1.86
CA SER A 259 -11.24 -31.06 3.12
C SER A 259 -9.74 -31.02 2.83
N GLY A 260 -8.99 -30.34 3.67
CA GLY A 260 -7.55 -30.21 3.48
C GLY A 260 -6.66 -31.40 3.75
N ASN A 261 -5.35 -31.15 3.76
CA ASN A 261 -4.34 -32.18 3.99
C ASN A 261 -4.28 -32.59 5.46
N PRO A 262 -3.70 -33.77 5.74
CA PRO A 262 -3.57 -34.27 7.10
C PRO A 262 -2.28 -33.72 7.71
N ALA A 263 -2.21 -33.68 9.03
CA ALA A 263 -1.00 -33.18 9.68
C ALA A 263 -0.31 -34.32 10.38
N PRO A 264 1.04 -34.31 10.42
CA PRO A 264 1.90 -33.27 9.84
C PRO A 264 2.25 -33.64 8.41
N TRP A 265 3.17 -32.89 7.80
CA TRP A 265 3.57 -33.20 6.43
C TRP A 265 4.34 -34.50 6.44
N ASN A 266 4.95 -34.82 7.57
CA ASN A 266 5.70 -36.05 7.72
C ASN A 266 4.74 -37.24 7.68
N GLU A 267 4.68 -37.90 6.53
CA GLU A 267 3.79 -39.06 6.32
C GLU A 267 4.13 -40.29 7.14
N THR A 268 5.38 -40.39 7.57
CA THR A 268 5.78 -41.55 8.36
C THR A 268 5.22 -41.49 9.77
N MET A 269 4.79 -40.31 10.20
CA MET A 269 4.23 -40.12 11.55
C MET A 269 2.72 -40.36 11.62
N ARG A 270 2.12 -40.78 10.51
CA ARG A 270 0.68 -41.01 10.47
C ARG A 270 0.29 -42.06 9.42
N PRO A 271 0.38 -43.35 9.77
CA PRO A 271 0.03 -44.44 8.85
C PRO A 271 -1.47 -44.45 8.55
N GLY A 272 -1.84 -44.93 7.37
CA GLY A 272 -3.25 -44.98 7.04
C GLY A 272 -3.69 -44.01 5.95
N ASP A 273 -4.95 -44.17 5.52
CA ASP A 273 -5.50 -43.30 4.48
C ASP A 273 -5.91 -41.95 5.06
N ASN A 274 -5.75 -41.81 6.37
CA ASN A 274 -6.07 -40.57 7.08
C ASN A 274 -7.41 -39.91 6.69
N LYS A 275 -8.46 -40.69 6.49
CA LYS A 275 -9.75 -40.11 6.14
C LYS A 275 -10.32 -39.31 7.32
N TRP A 276 -11.12 -38.28 7.04
CA TRP A 276 -11.51 -37.92 5.69
C TRP A 276 -10.83 -36.68 5.14
N THR A 277 -9.53 -36.60 5.35
CA THR A 277 -8.78 -35.47 4.80
C THR A 277 -8.80 -35.71 3.29
N MET A 278 -8.41 -34.68 2.53
CA MET A 278 -8.34 -34.76 1.08
C MET A 278 -9.55 -35.35 0.35
N ALA A 279 -10.74 -35.02 0.83
CA ALA A 279 -11.95 -35.54 0.22
C ALA A 279 -12.87 -34.48 -0.33
N ILE A 280 -13.69 -34.88 -1.30
CA ILE A 280 -14.69 -34.02 -1.91
C ILE A 280 -15.97 -34.37 -1.17
N TRP A 281 -16.66 -33.39 -0.60
CA TRP A 281 -17.88 -33.63 0.16
C TRP A 281 -19.19 -33.17 -0.47
N GLY A 282 -20.24 -33.91 -0.17
CA GLY A 282 -21.57 -33.58 -0.62
C GLY A 282 -22.38 -33.62 0.66
N ARG A 283 -22.63 -32.45 1.25
CA ARG A 283 -23.37 -32.37 2.51
C ARG A 283 -24.72 -31.68 2.41
N GLU A 284 -25.68 -32.26 3.13
CA GLU A 284 -27.03 -31.73 3.20
C GLU A 284 -26.83 -30.39 3.91
N ALA A 285 -27.35 -29.31 3.33
CA ALA A 285 -27.17 -27.98 3.90
C ALA A 285 -27.84 -27.74 5.26
N THR A 286 -29.15 -27.94 5.34
CA THR A 286 -29.88 -27.71 6.59
C THR A 286 -29.42 -28.53 7.80
N THR A 287 -29.02 -29.77 7.57
CA THR A 287 -28.59 -30.66 8.65
C THR A 287 -27.06 -30.77 8.75
N GLY A 288 -26.38 -30.67 7.61
CA GLY A 288 -24.93 -30.77 7.59
C GLY A 288 -24.42 -32.18 7.37
N GLU A 289 -25.33 -33.13 7.28
CA GLU A 289 -24.99 -34.54 7.08
C GLU A 289 -24.41 -34.80 5.70
N ALA A 290 -23.34 -35.58 5.65
CA ALA A 290 -22.70 -35.91 4.38
C ALA A 290 -23.44 -37.02 3.64
N LYS A 291 -23.83 -36.74 2.40
CA LYS A 291 -24.50 -37.75 1.58
C LYS A 291 -23.45 -38.60 0.88
N PHE A 292 -22.31 -37.99 0.57
CA PHE A 292 -21.22 -38.72 -0.07
C PHE A 292 -19.90 -37.98 0.14
N ALA A 293 -18.81 -38.72 -0.03
CA ALA A 293 -17.47 -38.18 0.13
C ALA A 293 -16.50 -39.06 -0.64
N TYR A 294 -15.60 -38.44 -1.39
CA TYR A 294 -14.61 -39.18 -2.17
C TYR A 294 -13.21 -38.70 -1.83
N GLN A 295 -12.38 -39.59 -1.29
CA GLN A 295 -11.02 -39.19 -0.96
C GLN A 295 -10.13 -39.21 -2.19
N LYS A 296 -9.68 -38.03 -2.57
CA LYS A 296 -8.83 -37.89 -3.74
C LYS A 296 -7.41 -38.34 -3.49
N THR A 297 -6.86 -38.01 -2.32
CA THR A 297 -5.49 -38.36 -2.01
C THR A 297 -5.31 -39.10 -0.70
N PRO A 298 -5.52 -40.44 -0.70
CA PRO A 298 -5.38 -41.25 0.50
C PRO A 298 -3.95 -41.15 1.06
N HIS A 299 -3.81 -41.00 2.37
CA HIS A 299 -2.51 -40.88 3.00
C HIS A 299 -1.63 -39.88 2.26
N ASP A 300 -2.05 -38.61 2.27
CA ASP A 300 -1.28 -37.57 1.58
C ASP A 300 0.21 -37.68 1.89
N GLU A 301 1.04 -37.18 0.98
CA GLU A 301 2.48 -37.20 1.15
C GLU A 301 3.14 -35.98 0.52
N TRP A 302 2.33 -35.04 0.04
CA TRP A 302 2.87 -33.87 -0.63
C TRP A 302 2.18 -32.57 -0.28
N ASP A 303 1.31 -32.60 0.71
CA ASP A 303 0.57 -31.39 1.11
C ASP A 303 -0.37 -30.93 -0.01
N TYR A 304 -0.94 -31.87 -0.74
CA TYR A 304 -1.87 -31.53 -1.81
C TYR A 304 -3.23 -31.16 -1.18
N ALA A 305 -3.22 -30.21 -0.25
CA ALA A 305 -4.45 -29.77 0.41
C ALA A 305 -5.60 -29.72 -0.59
N GLY A 306 -6.61 -30.58 -0.37
CA GLY A 306 -7.73 -30.63 -1.30
C GLY A 306 -8.89 -29.69 -1.05
N VAL A 307 -8.62 -28.39 -0.97
CA VAL A 307 -9.67 -27.40 -0.71
C VAL A 307 -10.10 -26.56 -1.92
N ASN A 308 -9.53 -26.84 -3.08
CA ASN A 308 -9.81 -26.07 -4.30
C ASN A 308 -11.26 -25.87 -4.76
N VAL A 309 -11.41 -24.94 -5.68
CA VAL A 309 -12.70 -24.55 -6.22
C VAL A 309 -13.56 -25.71 -6.73
N MET A 310 -14.87 -25.54 -6.54
CA MET A 310 -15.87 -26.50 -6.94
C MET A 310 -16.79 -25.81 -7.96
N MET A 311 -16.70 -26.20 -9.23
CA MET A 311 -17.52 -25.58 -10.27
C MET A 311 -18.62 -26.53 -10.77
N LEU A 312 -19.87 -26.07 -10.69
CA LEU A 312 -21.02 -26.88 -11.11
C LEU A 312 -21.48 -26.64 -12.55
N SER A 313 -21.88 -27.72 -13.22
CA SER A 313 -22.35 -27.61 -14.60
C SER A 313 -23.26 -28.77 -15.00
N GLU A 314 -24.04 -28.56 -16.06
CA GLU A 314 -24.94 -29.59 -16.59
C GLU A 314 -24.49 -29.87 -18.02
N GLN A 315 -23.75 -30.95 -18.21
CA GLN A 315 -23.25 -31.30 -19.52
C GLN A 315 -23.70 -32.69 -19.92
N GLU A 316 -23.43 -33.06 -21.17
CA GLU A 316 -23.81 -34.36 -21.67
C GLU A 316 -22.79 -35.43 -21.32
N ASP A 317 -23.32 -36.59 -20.93
CA ASP A 317 -22.56 -37.75 -20.52
C ASP A 317 -21.62 -38.22 -21.61
N LYS A 318 -20.66 -39.06 -21.25
CA LYS A 318 -19.77 -39.59 -22.26
C LYS A 318 -20.57 -40.69 -22.99
N GLN A 319 -21.72 -41.04 -22.43
CA GLN A 319 -22.61 -42.04 -23.04
C GLN A 319 -23.84 -41.34 -23.64
N GLY A 320 -23.74 -40.02 -23.77
CA GLY A 320 -24.83 -39.24 -24.37
C GLY A 320 -26.03 -38.82 -23.53
N GLN A 321 -25.85 -38.60 -22.23
CA GLN A 321 -26.97 -38.20 -21.39
C GLN A 321 -26.65 -36.98 -20.57
N MET A 322 -27.65 -36.15 -20.31
CA MET A 322 -27.43 -34.95 -19.53
C MET A 322 -27.18 -35.34 -18.06
N ARG A 323 -26.00 -34.97 -17.53
CA ARG A 323 -25.64 -35.28 -16.15
C ARG A 323 -25.41 -33.99 -15.34
N LYS A 324 -25.76 -34.01 -14.06
CA LYS A 324 -25.54 -32.85 -13.19
C LYS A 324 -24.12 -33.04 -12.62
N LEU A 325 -23.20 -32.17 -13.03
CA LEU A 325 -21.80 -32.33 -12.63
C LEU A 325 -21.16 -31.35 -11.66
N LEU A 326 -19.93 -31.69 -11.32
CA LEU A 326 -19.10 -30.95 -10.39
C LEU A 326 -17.67 -31.18 -10.87
N THR A 327 -16.98 -30.10 -11.28
CA THR A 327 -15.60 -30.22 -11.74
C THR A 327 -14.70 -29.57 -10.70
N HIS A 328 -13.56 -30.18 -10.45
CA HIS A 328 -12.69 -29.72 -9.38
C HIS A 328 -11.19 -29.95 -9.67
N PRO A 329 -10.46 -28.87 -10.01
CA PRO A 329 -9.03 -28.92 -10.32
C PRO A 329 -8.26 -29.02 -9.00
N ASP A 330 -7.83 -30.23 -8.65
CA ASP A 330 -7.12 -30.43 -7.40
C ASP A 330 -5.64 -30.10 -7.37
N ARG A 331 -5.12 -29.91 -6.17
CA ARG A 331 -3.71 -29.61 -5.99
C ARG A 331 -2.80 -30.74 -6.42
N ASN A 332 -3.29 -31.98 -6.35
CA ASN A 332 -2.47 -33.14 -6.73
C ASN A 332 -2.20 -33.24 -8.24
N GLY A 333 -2.77 -32.32 -9.01
CA GLY A 333 -2.56 -32.34 -10.45
C GLY A 333 -3.68 -32.94 -11.27
N ILE A 334 -4.69 -33.47 -10.60
CA ILE A 334 -5.83 -34.11 -11.28
C ILE A 334 -7.06 -33.21 -11.24
N VAL A 335 -7.82 -33.21 -12.33
CA VAL A 335 -9.04 -32.41 -12.39
C VAL A 335 -10.21 -33.40 -12.32
N TYR A 336 -10.84 -33.47 -11.15
CA TYR A 336 -11.95 -34.39 -10.91
C TYR A 336 -13.32 -33.86 -11.30
N THR A 337 -14.12 -34.75 -11.86
CA THR A 337 -15.50 -34.43 -12.25
C THR A 337 -16.35 -35.57 -11.72
N LEU A 338 -17.40 -35.21 -10.98
CA LEU A 338 -18.29 -36.21 -10.40
C LEU A 338 -19.75 -35.85 -10.64
N ASP A 339 -20.60 -36.85 -10.49
CA ASP A 339 -22.03 -36.66 -10.60
C ASP A 339 -22.34 -36.05 -9.24
N ARG A 340 -22.61 -34.74 -9.21
CA ARG A 340 -22.85 -34.06 -7.95
C ARG A 340 -24.08 -34.48 -7.16
N THR A 341 -24.70 -35.58 -7.57
CA THR A 341 -25.89 -36.07 -6.86
C THR A 341 -25.62 -37.49 -6.40
N ASN A 342 -24.44 -38.00 -6.75
CA ASN A 342 -24.05 -39.36 -6.46
C ASN A 342 -22.70 -39.50 -5.80
N GLY A 343 -21.74 -38.74 -6.32
CA GLY A 343 -20.38 -38.83 -5.84
C GLY A 343 -19.72 -39.76 -6.85
N ASP A 344 -20.46 -40.03 -7.92
CA ASP A 344 -20.00 -40.90 -9.00
C ASP A 344 -18.79 -40.31 -9.69
N LEU A 345 -17.72 -41.09 -9.81
CA LEU A 345 -16.51 -40.61 -10.46
C LEU A 345 -16.70 -40.72 -11.97
N ILE A 346 -16.67 -39.58 -12.65
CA ILE A 346 -16.86 -39.55 -14.10
C ILE A 346 -15.59 -39.23 -14.89
N SER A 347 -14.77 -38.33 -14.37
CA SER A 347 -13.53 -37.96 -15.05
C SER A 347 -12.49 -37.65 -14.01
N ALA A 348 -11.24 -37.98 -14.32
CA ALA A 348 -10.12 -37.72 -13.43
C ALA A 348 -8.88 -37.64 -14.29
N ASP A 349 -8.69 -36.48 -14.92
CA ASP A 349 -7.56 -36.28 -15.81
C ASP A 349 -6.43 -35.47 -15.19
N LYS A 350 -5.23 -35.66 -15.71
CA LYS A 350 -4.06 -34.91 -15.24
C LYS A 350 -4.11 -33.59 -15.98
N MET A 351 -3.96 -32.47 -15.25
CA MET A 351 -3.98 -31.14 -15.87
C MET A 351 -2.74 -30.88 -16.71
N ASP A 352 -1.75 -31.75 -16.56
CA ASP A 352 -0.51 -31.63 -17.32
C ASP A 352 0.18 -33.00 -17.25
N ASP A 353 0.66 -33.47 -18.39
CA ASP A 353 1.32 -34.77 -18.47
C ASP A 353 2.49 -34.95 -17.51
N THR A 354 3.04 -33.86 -17.00
CA THR A 354 4.18 -33.93 -16.09
C THR A 354 3.90 -34.43 -14.68
N VAL A 355 2.63 -34.49 -14.28
CA VAL A 355 2.27 -34.99 -12.95
C VAL A 355 2.82 -36.41 -12.82
N ASN A 356 3.68 -36.66 -11.84
CA ASN A 356 4.24 -37.99 -11.71
C ASN A 356 4.04 -38.75 -10.40
N TRP A 357 3.38 -38.16 -9.41
CA TRP A 357 3.18 -38.90 -8.16
C TRP A 357 2.19 -40.04 -8.39
N VAL A 358 1.35 -39.89 -9.42
CA VAL A 358 0.37 -40.90 -9.79
C VAL A 358 0.53 -41.29 -11.25
N LYS A 359 0.37 -42.58 -11.51
CA LYS A 359 0.45 -43.05 -12.86
C LYS A 359 -0.91 -42.79 -13.47
N GLU A 360 -1.97 -43.07 -12.72
CA GLU A 360 -3.33 -42.84 -13.18
C GLU A 360 -4.39 -43.10 -12.11
N VAL A 361 -5.59 -42.60 -12.36
CA VAL A 361 -6.71 -42.79 -11.44
C VAL A 361 -7.71 -43.73 -12.11
N GLN A 362 -8.05 -44.82 -11.43
CA GLN A 362 -8.99 -45.79 -11.98
C GLN A 362 -10.41 -45.32 -11.67
N LEU A 363 -11.19 -45.09 -12.73
CA LEU A 363 -12.56 -44.62 -12.55
C LEU A 363 -13.51 -45.65 -11.97
N ASP A 364 -13.13 -46.92 -11.99
CA ASP A 364 -14.00 -47.96 -11.48
C ASP A 364 -13.79 -48.17 -9.99
N THR A 365 -12.55 -48.04 -9.52
CA THR A 365 -12.26 -48.21 -8.11
C THR A 365 -12.11 -46.84 -7.47
N GLY A 366 -11.63 -45.88 -8.25
CA GLY A 366 -11.45 -44.53 -7.75
C GLY A 366 -10.12 -44.37 -7.03
N LEU A 367 -9.32 -45.43 -7.04
CA LEU A 367 -8.03 -45.39 -6.38
C LEU A 367 -6.94 -44.86 -7.30
N PRO A 368 -6.05 -44.02 -6.74
CA PRO A 368 -4.96 -43.45 -7.54
C PRO A 368 -3.78 -44.41 -7.45
N VAL A 369 -3.23 -44.82 -8.58
CA VAL A 369 -2.09 -45.74 -8.55
C VAL A 369 -0.80 -44.98 -8.30
N ARG A 370 -0.36 -44.98 -7.05
CA ARG A 370 0.86 -44.28 -6.68
C ARG A 370 2.08 -44.86 -7.39
N ASP A 371 3.06 -44.00 -7.64
CA ASP A 371 4.31 -44.41 -8.26
C ASP A 371 5.30 -44.26 -7.11
N PRO A 372 5.59 -45.37 -6.43
CA PRO A 372 6.53 -45.38 -5.29
C PRO A 372 7.76 -44.49 -5.45
N GLU A 373 8.25 -44.36 -6.67
CA GLU A 373 9.43 -43.54 -6.92
C GLU A 373 9.25 -42.06 -6.57
N PHE A 374 8.00 -41.62 -6.41
CA PHE A 374 7.78 -40.21 -6.12
C PHE A 374 6.99 -39.89 -4.87
N GLY A 375 7.00 -40.82 -3.93
CA GLY A 375 6.31 -40.58 -2.67
C GLY A 375 7.35 -40.04 -1.71
N THR A 376 6.93 -39.65 -0.51
CA THR A 376 7.86 -39.14 0.48
C THR A 376 7.92 -40.11 1.63
N ARG A 377 9.03 -40.11 2.36
CA ARG A 377 9.19 -41.00 3.50
C ARG A 377 10.42 -40.63 4.30
N MET A 378 10.39 -40.88 5.61
CA MET A 378 11.51 -40.56 6.48
C MET A 378 12.85 -41.13 6.02
N ASP A 379 13.93 -40.44 6.36
CA ASP A 379 15.28 -40.87 6.01
C ASP A 379 15.50 -40.94 4.51
N HIS A 380 14.71 -40.20 3.76
CA HIS A 380 14.84 -40.19 2.31
C HIS A 380 14.43 -38.86 1.71
N LYS A 381 15.18 -38.41 0.72
CA LYS A 381 14.87 -37.15 0.06
C LYS A 381 14.37 -37.37 -1.36
N ALA A 382 13.04 -37.30 -1.52
CA ALA A 382 12.44 -37.48 -2.84
C ALA A 382 12.75 -36.24 -3.66
N ARG A 383 12.90 -36.42 -4.97
CA ARG A 383 13.22 -35.31 -5.86
C ARG A 383 12.29 -35.26 -7.05
N ASP A 384 12.27 -34.11 -7.71
CA ASP A 384 11.46 -33.88 -8.90
C ASP A 384 10.05 -34.45 -8.87
N ILE A 385 9.37 -34.23 -7.76
CA ILE A 385 8.00 -34.68 -7.61
C ILE A 385 7.14 -33.58 -8.21
N CYS A 386 6.11 -33.95 -8.96
CA CYS A 386 5.22 -32.94 -9.52
C CYS A 386 3.79 -33.44 -9.40
N PRO A 387 2.88 -32.58 -8.93
CA PRO A 387 3.17 -31.20 -8.54
C PRO A 387 3.88 -31.09 -7.19
N SER A 388 4.29 -29.86 -6.86
CA SER A 388 4.95 -29.58 -5.59
C SER A 388 3.85 -29.36 -4.57
N ALA A 389 4.23 -28.97 -3.36
CA ALA A 389 3.23 -28.74 -2.32
C ALA A 389 2.28 -27.61 -2.73
N MET A 390 2.78 -26.66 -3.51
CA MET A 390 1.96 -25.55 -3.95
C MET A 390 0.95 -26.02 -5.00
N GLY A 391 1.10 -27.27 -5.43
CA GLY A 391 0.21 -27.88 -6.40
C GLY A 391 0.18 -27.28 -7.79
N TYR A 392 -0.35 -28.02 -8.76
CA TYR A 392 -0.46 -27.53 -10.13
C TYR A 392 -1.65 -26.56 -10.21
N HIS A 393 -2.37 -26.44 -9.10
CA HIS A 393 -3.49 -25.53 -8.99
C HIS A 393 -3.68 -25.22 -7.51
N ASN A 394 -3.78 -23.94 -7.17
CA ASN A 394 -3.98 -23.60 -5.77
C ASN A 394 -5.34 -22.94 -5.55
N GLN A 395 -5.42 -22.07 -4.56
CA GLN A 395 -6.64 -21.39 -4.16
C GLN A 395 -7.44 -20.59 -5.19
N GLY A 396 -6.84 -20.32 -6.35
CA GLY A 396 -7.53 -19.54 -7.37
C GLY A 396 -8.90 -20.06 -7.76
N HIS A 397 -9.88 -19.17 -7.78
CA HIS A 397 -11.25 -19.53 -8.14
C HIS A 397 -11.44 -19.42 -9.65
N ASP A 398 -11.50 -20.56 -10.34
CA ASP A 398 -11.63 -20.56 -11.80
C ASP A 398 -13.03 -20.34 -12.34
N SER A 399 -13.19 -20.53 -13.64
CA SER A 399 -14.49 -20.33 -14.28
C SER A 399 -14.88 -21.37 -15.31
N TYR A 400 -16.16 -21.36 -15.68
CA TYR A 400 -16.69 -22.29 -16.65
C TYR A 400 -17.56 -21.57 -17.68
N ASP A 401 -17.33 -21.84 -18.97
CA ASP A 401 -18.13 -21.23 -20.04
C ASP A 401 -19.20 -22.26 -20.47
N PRO A 402 -20.44 -22.07 -20.00
CA PRO A 402 -21.53 -22.99 -20.33
C PRO A 402 -21.83 -23.10 -21.83
N GLU A 403 -21.44 -22.09 -22.58
CA GLU A 403 -21.67 -22.07 -24.02
C GLU A 403 -20.64 -22.92 -24.76
N ARG A 404 -19.36 -22.71 -24.48
CA ARG A 404 -18.30 -23.47 -25.11
C ARG A 404 -18.03 -24.76 -24.33
N LYS A 405 -18.67 -24.87 -23.17
CA LYS A 405 -18.52 -26.05 -22.31
C LYS A 405 -17.07 -26.38 -21.99
N VAL A 406 -16.32 -25.36 -21.59
CA VAL A 406 -14.90 -25.52 -21.23
C VAL A 406 -14.62 -24.81 -19.90
N PHE A 407 -13.59 -25.29 -19.22
CA PHE A 407 -13.17 -24.72 -17.95
C PHE A 407 -11.88 -23.95 -18.17
N MET A 408 -11.85 -22.72 -17.66
CA MET A 408 -10.66 -21.89 -17.79
C MET A 408 -9.85 -22.07 -16.52
N LEU A 409 -8.83 -22.93 -16.60
CA LEU A 409 -8.00 -23.26 -15.47
C LEU A 409 -6.71 -22.46 -15.34
N GLY A 410 -6.51 -21.85 -14.17
CA GLY A 410 -5.29 -21.09 -13.91
C GLY A 410 -4.37 -22.11 -13.27
N ILE A 411 -3.37 -22.56 -14.03
CA ILE A 411 -2.49 -23.60 -13.53
C ILE A 411 -1.10 -23.15 -13.06
N ASN A 412 -0.49 -23.96 -12.20
CA ASN A 412 0.84 -23.68 -11.66
C ASN A 412 1.75 -24.77 -12.20
N HIS A 413 3.00 -24.43 -12.50
CA HIS A 413 3.95 -25.41 -13.01
C HIS A 413 5.17 -25.44 -12.08
N ILE A 414 5.01 -26.11 -10.95
CA ILE A 414 6.05 -26.18 -9.92
C ILE A 414 6.26 -27.59 -9.40
N CYS A 415 7.51 -27.98 -9.20
CA CYS A 415 7.81 -29.29 -8.66
C CYS A 415 8.71 -29.08 -7.44
N MET A 416 9.18 -30.14 -6.80
CA MET A 416 9.97 -29.98 -5.59
C MET A 416 10.81 -31.17 -5.14
N ASP A 417 11.67 -30.89 -4.18
CA ASP A 417 12.52 -31.89 -3.52
C ASP A 417 11.89 -31.91 -2.14
N TRP A 418 11.82 -33.08 -1.52
CA TRP A 418 11.17 -33.16 -0.21
C TRP A 418 11.78 -34.20 0.72
N GLU A 419 12.07 -33.77 1.94
CA GLU A 419 12.61 -34.67 2.95
C GLU A 419 11.95 -34.33 4.27
N PRO A 420 11.23 -35.29 4.86
CA PRO A 420 10.56 -35.06 6.15
C PRO A 420 11.51 -35.27 7.31
N PHE A 421 11.07 -34.85 8.51
CA PHE A 421 11.86 -35.02 9.72
C PHE A 421 10.92 -35.10 10.92
N MET A 422 11.36 -35.79 11.96
CA MET A 422 10.56 -35.96 13.15
C MET A 422 10.44 -34.66 13.95
N LEU A 423 9.29 -34.46 14.58
CA LEU A 423 9.04 -33.28 15.40
C LEU A 423 7.82 -33.48 16.28
N PRO A 424 7.85 -32.91 17.50
CA PRO A 424 6.76 -33.04 18.46
C PRO A 424 5.58 -32.10 18.18
N TYR A 425 4.43 -32.42 18.75
CA TYR A 425 3.27 -31.58 18.55
C TYR A 425 3.02 -30.75 19.80
N ARG A 426 3.07 -29.42 19.67
CA ARG A 426 2.80 -28.52 20.80
C ARG A 426 1.74 -27.53 20.34
N ALA A 427 0.55 -27.63 20.93
CA ALA A 427 -0.55 -26.75 20.56
C ALA A 427 -0.11 -25.29 20.46
N GLY A 428 -0.28 -24.70 19.28
CA GLY A 428 0.09 -23.32 19.10
C GLY A 428 1.37 -23.15 18.29
N GLN A 429 2.14 -24.22 18.18
CA GLN A 429 3.39 -24.19 17.41
C GLN A 429 3.17 -24.86 16.06
N PHE A 430 4.11 -24.69 15.14
CA PHE A 430 3.99 -25.32 13.84
C PHE A 430 4.23 -26.81 13.91
N PHE A 431 3.53 -27.55 13.06
CA PHE A 431 3.61 -29.00 13.04
C PHE A 431 3.73 -29.46 11.58
N VAL A 432 4.74 -28.94 10.89
CA VAL A 432 4.98 -29.27 9.49
C VAL A 432 5.81 -30.54 9.40
N GLY A 433 7.10 -30.41 9.74
CA GLY A 433 8.01 -31.54 9.73
C GLY A 433 8.54 -31.98 8.37
N ALA A 434 8.92 -31.02 7.54
CA ALA A 434 9.44 -31.36 6.21
C ALA A 434 10.18 -30.17 5.63
N THR A 435 11.21 -30.45 4.83
CA THR A 435 11.98 -29.41 4.19
C THR A 435 11.83 -29.51 2.69
N LEU A 436 11.43 -28.41 2.06
CA LEU A 436 11.22 -28.39 0.62
C LEU A 436 12.16 -27.48 -0.16
N THR A 437 12.15 -27.69 -1.48
CA THR A 437 12.94 -26.93 -2.44
C THR A 437 12.07 -26.98 -3.69
N MET A 438 11.43 -25.86 -4.02
CA MET A 438 10.57 -25.83 -5.18
C MET A 438 11.20 -25.09 -6.35
N TYR A 439 10.73 -25.38 -7.55
CA TYR A 439 11.26 -24.79 -8.78
C TYR A 439 10.32 -25.09 -9.94
N PRO A 440 10.54 -24.46 -11.11
CA PRO A 440 9.70 -24.69 -12.29
C PRO A 440 9.66 -26.14 -12.75
N GLY A 441 8.52 -26.54 -13.31
CA GLY A 441 8.36 -27.90 -13.81
C GLY A 441 9.14 -28.09 -15.09
N PRO A 442 9.27 -29.32 -15.60
CA PRO A 442 9.99 -29.66 -16.82
C PRO A 442 9.72 -28.77 -18.03
N LYS A 443 8.53 -28.16 -18.07
CA LYS A 443 8.17 -27.30 -19.19
C LYS A 443 8.54 -25.84 -18.92
N GLY A 444 9.16 -25.59 -17.78
CA GLY A 444 9.55 -24.23 -17.45
C GLY A 444 11.04 -24.02 -17.57
N ASP A 445 11.52 -22.89 -17.06
CA ASP A 445 12.92 -22.56 -17.12
C ASP A 445 13.56 -22.67 -15.73
N ARG A 446 13.80 -23.90 -15.29
CA ARG A 446 14.38 -24.10 -13.98
C ARG A 446 15.72 -23.37 -13.87
N GLY A 447 16.38 -23.20 -15.01
CA GLY A 447 17.66 -22.51 -14.99
C GLY A 447 17.52 -21.11 -14.45
N ASN A 448 16.49 -20.40 -14.91
CA ASN A 448 16.27 -19.01 -14.50
C ASN A 448 15.09 -18.77 -13.56
N ALA A 449 14.52 -19.83 -13.02
CA ALA A 449 13.37 -19.72 -12.12
C ALA A 449 12.25 -18.90 -12.75
N SER A 450 11.79 -19.31 -13.92
CA SER A 450 10.72 -18.61 -14.61
C SER A 450 9.84 -19.66 -15.28
N GLY A 451 8.72 -19.22 -15.85
CA GLY A 451 7.82 -20.17 -16.49
C GLY A 451 7.23 -21.10 -15.44
N LEU A 452 6.51 -20.52 -14.48
CA LEU A 452 5.93 -21.29 -13.41
C LEU A 452 4.42 -21.37 -13.46
N GLY A 453 3.82 -20.95 -14.57
CA GLY A 453 2.37 -21.01 -14.67
C GLY A 453 1.81 -21.35 -16.03
N GLN A 454 0.51 -21.68 -16.07
CA GLN A 454 -0.18 -22.02 -17.31
C GLN A 454 -1.66 -21.73 -17.18
N ILE A 455 -2.31 -21.49 -18.31
CA ILE A 455 -3.74 -21.28 -18.32
C ILE A 455 -4.25 -22.14 -19.48
N LYS A 456 -5.29 -22.92 -19.25
CA LYS A 456 -5.81 -23.81 -20.27
C LYS A 456 -7.32 -23.88 -20.23
N ALA A 457 -7.93 -24.21 -21.37
CA ALA A 457 -9.38 -24.37 -21.44
C ALA A 457 -9.54 -25.87 -21.51
N TYR A 458 -10.22 -26.43 -20.51
CA TYR A 458 -10.40 -27.87 -20.40
C TYR A 458 -11.85 -28.34 -20.60
N ASP A 459 -11.99 -29.50 -21.23
CA ASP A 459 -13.29 -30.12 -21.49
C ASP A 459 -13.42 -31.36 -20.61
N ALA A 460 -14.27 -31.26 -19.60
CA ALA A 460 -14.49 -32.32 -18.63
C ALA A 460 -14.91 -33.68 -19.18
N ILE A 461 -15.65 -33.69 -20.29
CA ILE A 461 -16.12 -34.95 -20.85
C ILE A 461 -15.08 -35.65 -21.71
N SER A 462 -14.53 -34.93 -22.68
CA SER A 462 -13.53 -35.50 -23.56
C SER A 462 -12.17 -35.52 -22.88
N GLY A 463 -12.02 -34.70 -21.85
CA GLY A 463 -10.75 -34.62 -21.15
C GLY A 463 -9.66 -34.02 -22.02
N GLU A 464 -10.05 -33.21 -22.99
CA GLU A 464 -9.12 -32.56 -23.91
C GLU A 464 -8.86 -31.09 -23.59
N MET A 465 -7.66 -30.63 -23.92
CA MET A 465 -7.28 -29.26 -23.68
C MET A 465 -7.41 -28.44 -24.97
N LYS A 466 -8.50 -27.67 -25.09
CA LYS A 466 -8.73 -26.84 -26.27
C LYS A 466 -7.51 -25.99 -26.61
N TRP A 467 -6.92 -25.35 -25.61
CA TRP A 467 -5.72 -24.56 -25.82
C TRP A 467 -4.96 -24.38 -24.51
N GLU A 468 -3.64 -24.24 -24.62
CA GLU A 468 -2.78 -24.06 -23.47
C GLU A 468 -1.83 -22.91 -23.72
N LYS A 469 -1.51 -22.19 -22.66
CA LYS A 469 -0.61 -21.05 -22.77
C LYS A 469 0.32 -21.06 -21.56
N MET A 470 1.56 -20.66 -21.77
CA MET A 470 2.53 -20.64 -20.68
C MET A 470 2.59 -19.22 -20.10
N GLU A 471 2.60 -19.12 -18.77
CA GLU A 471 2.68 -17.82 -18.11
C GLU A 471 4.03 -17.77 -17.39
N ARG A 472 4.58 -16.56 -17.25
CA ARG A 472 5.88 -16.41 -16.59
C ARG A 472 5.79 -16.90 -15.15
N PHE A 473 4.71 -16.50 -14.46
CA PHE A 473 4.51 -16.93 -13.09
C PHE A 473 3.20 -17.71 -13.00
N SER A 474 3.04 -18.42 -11.90
CA SER A 474 1.85 -19.23 -11.66
C SER A 474 0.59 -18.38 -11.66
N VAL A 475 -0.44 -18.81 -12.37
CA VAL A 475 -1.69 -18.05 -12.37
C VAL A 475 -2.42 -18.52 -11.11
N TRP A 476 -2.23 -17.74 -10.07
CA TRP A 476 -2.73 -18.01 -8.72
C TRP A 476 -4.10 -17.44 -8.32
N GLY A 477 -4.60 -16.44 -9.03
CA GLY A 477 -5.86 -15.84 -8.64
C GLY A 477 -7.17 -16.28 -9.27
N GLY A 478 -7.14 -17.30 -10.12
CA GLY A 478 -8.37 -17.77 -10.75
C GLY A 478 -8.69 -17.09 -12.07
N THR A 479 -9.88 -17.34 -12.61
CA THR A 479 -10.27 -16.75 -13.89
C THR A 479 -11.76 -16.42 -13.95
N MET A 480 -12.15 -15.71 -15.01
CA MET A 480 -13.54 -15.34 -15.25
C MET A 480 -13.81 -15.30 -16.75
N ALA A 481 -14.92 -15.93 -17.17
CA ALA A 481 -15.28 -15.96 -18.58
C ALA A 481 -16.62 -15.26 -18.80
N THR A 482 -16.79 -14.70 -19.99
CA THR A 482 -18.01 -13.98 -20.33
C THR A 482 -18.55 -14.39 -21.69
N ALA A 483 -19.83 -14.10 -21.90
CA ALA A 483 -20.51 -14.40 -23.16
C ALA A 483 -19.83 -13.68 -24.32
N GLY A 484 -19.02 -12.69 -23.99
CA GLY A 484 -18.32 -11.92 -25.01
C GLY A 484 -17.16 -12.70 -25.60
N GLY A 485 -17.01 -13.96 -25.17
CA GLY A 485 -15.92 -14.78 -25.69
C GLY A 485 -14.56 -14.42 -25.13
N LEU A 486 -14.57 -13.78 -23.96
CA LEU A 486 -13.34 -13.38 -23.30
C LEU A 486 -13.14 -14.15 -22.01
N THR A 487 -11.89 -14.37 -21.65
CA THR A 487 -11.57 -15.06 -20.41
C THR A 487 -10.53 -14.23 -19.69
N PHE A 488 -10.98 -13.47 -18.68
CA PHE A 488 -10.10 -12.62 -17.88
C PHE A 488 -9.45 -13.33 -16.71
N TYR A 489 -8.29 -12.83 -16.32
CA TYR A 489 -7.54 -13.38 -15.20
C TYR A 489 -6.39 -12.44 -14.96
N ALA A 490 -5.71 -12.58 -13.83
CA ALA A 490 -4.60 -11.69 -13.56
C ALA A 490 -3.37 -12.47 -13.18
N THR A 491 -2.22 -11.84 -13.31
CA THR A 491 -0.93 -12.49 -13.03
C THR A 491 -0.19 -11.91 -11.83
N LEU A 492 0.70 -12.72 -11.26
CA LEU A 492 1.52 -12.33 -10.12
C LEU A 492 2.51 -11.24 -10.51
N ASP A 493 2.78 -11.11 -11.80
CA ASP A 493 3.72 -10.10 -12.25
C ASP A 493 3.08 -8.76 -12.57
N GLY A 494 1.82 -8.58 -12.18
CA GLY A 494 1.17 -7.30 -12.37
C GLY A 494 0.20 -6.98 -13.49
N PHE A 495 -0.32 -7.97 -14.19
CA PHE A 495 -1.25 -7.63 -15.26
C PHE A 495 -2.60 -8.29 -15.16
N ILE A 496 -3.58 -7.68 -15.82
CA ILE A 496 -4.89 -8.32 -15.89
C ILE A 496 -4.92 -8.54 -17.40
N LYS A 497 -5.11 -9.80 -17.80
CA LYS A 497 -5.15 -10.14 -19.21
C LYS A 497 -6.54 -10.57 -19.67
N ALA A 498 -6.80 -10.42 -20.97
CA ALA A 498 -8.06 -10.84 -21.55
C ALA A 498 -7.71 -11.73 -22.74
N ARG A 499 -8.09 -13.00 -22.69
CA ARG A 499 -7.78 -13.90 -23.79
C ARG A 499 -9.02 -14.35 -24.54
N ASP A 500 -8.80 -14.79 -25.78
CA ASP A 500 -9.87 -15.29 -26.64
C ASP A 500 -10.18 -16.68 -26.10
N SER A 501 -11.42 -16.90 -25.70
CA SER A 501 -11.82 -18.19 -25.15
C SER A 501 -11.73 -19.36 -26.13
N ASP A 502 -11.88 -19.09 -27.41
CA ASP A 502 -11.82 -20.13 -28.42
C ASP A 502 -10.42 -20.46 -28.89
N THR A 503 -9.53 -19.46 -28.87
CA THR A 503 -8.16 -19.64 -29.32
C THR A 503 -7.09 -19.50 -28.23
N GLY A 504 -7.40 -18.73 -27.19
CA GLY A 504 -6.45 -18.52 -26.12
C GLY A 504 -5.44 -17.43 -26.47
N ASP A 505 -5.84 -16.53 -27.35
CA ASP A 505 -4.96 -15.45 -27.77
C ASP A 505 -5.08 -14.28 -26.81
N LEU A 506 -3.99 -13.54 -26.65
CA LEU A 506 -3.98 -12.38 -25.77
C LEU A 506 -4.49 -11.18 -26.57
N LEU A 507 -5.68 -10.73 -26.21
CA LEU A 507 -6.31 -9.61 -26.90
C LEU A 507 -6.11 -8.25 -26.25
N TRP A 508 -5.79 -8.23 -24.96
CA TRP A 508 -5.61 -6.98 -24.22
C TRP A 508 -5.00 -7.20 -22.85
N LYS A 509 -4.47 -6.14 -22.25
CA LYS A 509 -3.90 -6.23 -20.91
C LYS A 509 -3.58 -4.86 -20.33
N PHE A 510 -3.34 -4.81 -19.03
CA PHE A 510 -3.00 -3.56 -18.35
C PHE A 510 -2.02 -3.81 -17.22
N LYS A 511 -1.10 -2.88 -17.00
CA LYS A 511 -0.14 -3.03 -15.93
C LYS A 511 -0.71 -2.40 -14.66
N LEU A 512 -1.21 -3.25 -13.77
CA LEU A 512 -1.77 -2.79 -12.51
C LEU A 512 -0.61 -2.45 -11.58
N PRO A 513 -0.91 -1.82 -10.42
CA PRO A 513 0.14 -1.44 -9.47
C PRO A 513 0.93 -2.60 -8.89
N SER A 514 0.27 -3.74 -8.66
CA SER A 514 0.94 -4.89 -8.07
C SER A 514 0.38 -6.20 -8.60
N GLY A 515 1.08 -7.30 -8.33
CA GLY A 515 0.62 -8.60 -8.78
C GLY A 515 -0.79 -8.94 -8.32
N VAL A 516 -1.41 -9.92 -8.96
CA VAL A 516 -2.77 -10.31 -8.59
C VAL A 516 -2.89 -11.75 -8.12
N ILE A 517 -3.78 -11.96 -7.15
CA ILE A 517 -4.03 -13.27 -6.58
C ILE A 517 -5.52 -13.47 -6.23
N GLY A 518 -6.36 -12.59 -6.77
CA GLY A 518 -7.79 -12.67 -6.54
C GLY A 518 -8.40 -12.89 -7.91
N HIS A 519 -9.69 -13.18 -7.98
CA HIS A 519 -10.29 -13.41 -9.28
C HIS A 519 -11.07 -12.22 -9.81
N PRO A 520 -11.14 -12.10 -11.14
CA PRO A 520 -11.86 -11.00 -11.79
C PRO A 520 -13.35 -11.12 -11.51
N MET A 521 -14.03 -9.98 -11.57
CA MET A 521 -15.45 -9.92 -11.32
C MET A 521 -16.05 -8.93 -12.30
N THR A 522 -17.34 -9.08 -12.60
CA THR A 522 -17.99 -8.16 -13.53
C THR A 522 -19.42 -7.86 -13.12
N TYR A 523 -19.82 -6.60 -13.25
CA TYR A 523 -21.18 -6.18 -12.90
C TYR A 523 -21.64 -5.06 -13.84
N LYS A 524 -22.94 -4.79 -13.85
CA LYS A 524 -23.47 -3.74 -14.71
C LYS A 524 -24.08 -2.62 -13.89
N HIS A 525 -23.62 -1.40 -14.13
CA HIS A 525 -24.13 -0.23 -13.41
C HIS A 525 -24.38 0.92 -14.37
N ASP A 526 -25.56 1.54 -14.22
CA ASP A 526 -25.95 2.63 -15.10
C ASP A 526 -25.71 2.22 -16.55
N GLY A 527 -26.31 1.09 -16.91
CA GLY A 527 -26.20 0.57 -18.26
C GLY A 527 -24.81 0.38 -18.81
N ARG A 528 -23.80 0.36 -17.94
CA ARG A 528 -22.44 0.17 -18.38
C ARG A 528 -21.85 -1.09 -17.75
N GLN A 529 -21.05 -1.83 -18.50
CA GLN A 529 -20.43 -3.04 -17.98
C GLN A 529 -19.03 -2.79 -17.46
N TYR A 530 -18.84 -3.02 -16.16
CA TYR A 530 -17.54 -2.82 -15.54
C TYR A 530 -16.92 -4.16 -15.18
N VAL A 531 -15.59 -4.17 -15.14
CA VAL A 531 -14.84 -5.34 -14.77
C VAL A 531 -13.90 -4.87 -13.69
N ALA A 532 -14.06 -5.41 -12.49
CA ALA A 532 -13.20 -5.02 -11.38
C ALA A 532 -12.32 -6.18 -10.94
N ILE A 533 -11.16 -5.84 -10.39
CA ILE A 533 -10.25 -6.86 -9.90
C ILE A 533 -9.38 -6.23 -8.81
N MET A 534 -9.01 -7.04 -7.84
CA MET A 534 -8.17 -6.55 -6.77
C MET A 534 -6.72 -6.86 -7.09
N TYR A 535 -5.81 -6.05 -6.58
CA TYR A 535 -4.40 -6.25 -6.80
C TYR A 535 -3.69 -6.07 -5.46
N GLY A 536 -2.56 -6.75 -5.32
CA GLY A 536 -1.79 -6.68 -4.09
C GLY A 536 -1.24 -8.07 -3.91
N VAL A 537 -0.05 -8.28 -4.48
CA VAL A 537 0.60 -9.57 -4.42
C VAL A 537 0.79 -10.03 -2.97
N GLY A 538 0.71 -11.34 -2.77
CA GLY A 538 0.87 -11.89 -1.44
C GLY A 538 0.63 -13.39 -1.47
N GLY A 539 -0.06 -13.91 -0.47
CA GLY A 539 -0.32 -15.34 -0.43
C GLY A 539 0.98 -16.10 -0.33
N TRP A 540 0.93 -17.40 -0.54
CA TRP A 540 2.12 -18.22 -0.45
C TRP A 540 3.21 -17.82 -1.43
N PRO A 541 2.85 -17.53 -2.69
CA PRO A 541 3.87 -17.14 -3.67
C PRO A 541 4.69 -15.92 -3.25
N GLY A 542 4.09 -15.00 -2.51
CA GLY A 542 4.81 -13.81 -2.13
C GLY A 542 5.46 -13.69 -0.77
N VAL A 543 5.42 -14.74 0.07
CA VAL A 543 6.01 -14.64 1.40
C VAL A 543 7.46 -14.17 1.35
N GLY A 544 8.22 -14.64 0.38
CA GLY A 544 9.60 -14.21 0.27
C GLY A 544 9.66 -12.70 0.07
N LEU A 545 8.86 -12.22 -0.85
CA LEU A 545 8.78 -10.79 -1.17
C LEU A 545 8.18 -10.02 0.00
N VAL A 546 7.05 -10.52 0.49
CA VAL A 546 6.31 -9.90 1.58
C VAL A 546 7.07 -9.83 2.90
N PHE A 547 7.78 -10.90 3.24
CA PHE A 547 8.52 -10.94 4.50
C PHE A 547 10.04 -10.81 4.36
N ASP A 548 10.49 -10.36 3.20
CA ASP A 548 11.92 -10.16 2.95
C ASP A 548 12.78 -11.34 3.42
N LEU A 549 12.64 -12.48 2.74
CA LEU A 549 13.42 -13.67 3.09
C LEU A 549 14.46 -13.94 2.02
N ALA A 550 15.42 -14.80 2.31
CA ALA A 550 16.47 -15.14 1.36
C ALA A 550 16.77 -16.63 1.29
N ASP A 551 16.49 -17.35 2.37
CA ASP A 551 16.72 -18.78 2.38
C ASP A 551 15.72 -19.43 1.44
N PRO A 552 16.21 -20.08 0.37
CA PRO A 552 15.36 -20.75 -0.62
C PRO A 552 14.40 -21.79 -0.07
N THR A 553 14.70 -22.38 1.07
CA THR A 553 13.80 -23.39 1.65
C THR A 553 12.77 -22.75 2.57
N ALA A 554 13.01 -21.48 2.92
CA ALA A 554 12.11 -20.72 3.79
C ALA A 554 10.75 -20.52 3.12
N GLY A 555 9.75 -20.16 3.92
CA GLY A 555 8.42 -19.97 3.40
C GLY A 555 7.85 -21.29 2.92
N LEU A 556 8.18 -22.34 3.68
CA LEU A 556 7.75 -23.69 3.37
C LEU A 556 8.27 -24.12 2.00
N GLY A 557 9.39 -23.52 1.60
CA GLY A 557 10.00 -23.85 0.31
C GLY A 557 9.51 -23.05 -0.89
N SER A 558 8.79 -21.97 -0.64
CA SER A 558 8.27 -21.15 -1.74
C SER A 558 9.20 -20.00 -2.13
N VAL A 559 9.96 -19.51 -1.16
CA VAL A 559 10.89 -18.40 -1.39
C VAL A 559 11.81 -18.64 -2.57
N GLY A 560 12.33 -19.85 -2.69
CA GLY A 560 13.21 -20.16 -3.79
C GLY A 560 12.51 -20.07 -5.11
N ALA A 561 11.42 -20.83 -5.26
CA ALA A 561 10.68 -20.84 -6.50
C ALA A 561 10.28 -19.47 -7.01
N PHE A 562 10.13 -18.51 -6.10
CA PHE A 562 9.71 -17.17 -6.49
C PHE A 562 10.68 -16.04 -6.20
N LYS A 563 11.98 -16.31 -6.27
CA LYS A 563 12.96 -15.27 -5.98
C LYS A 563 12.98 -14.18 -7.04
N ARG A 564 12.54 -14.50 -8.24
CA ARG A 564 12.55 -13.54 -9.34
C ARG A 564 11.36 -12.60 -9.33
N LEU A 565 10.30 -12.99 -8.62
CA LEU A 565 9.08 -12.19 -8.56
C LEU A 565 9.25 -10.70 -8.24
N GLN A 566 10.15 -10.41 -7.30
CA GLN A 566 10.40 -9.04 -6.85
C GLN A 566 10.90 -8.08 -7.92
N GLU A 567 11.34 -8.63 -9.05
CA GLU A 567 11.84 -7.83 -10.15
C GLU A 567 10.70 -7.35 -11.05
N PHE A 568 9.48 -7.80 -10.73
CA PHE A 568 8.32 -7.43 -11.50
C PHE A 568 7.24 -6.76 -10.67
N THR A 569 7.30 -6.92 -9.36
CA THR A 569 6.29 -6.30 -8.52
C THR A 569 6.68 -6.14 -7.07
N GLN A 570 5.98 -5.22 -6.40
CA GLN A 570 6.18 -4.94 -4.98
C GLN A 570 4.81 -5.12 -4.36
N MET A 571 4.71 -5.00 -3.05
CA MET A 571 3.43 -5.15 -2.39
C MET A 571 2.50 -4.03 -2.80
N GLY A 572 1.20 -4.27 -2.66
CA GLY A 572 0.23 -3.27 -3.02
C GLY A 572 -1.11 -3.61 -2.41
N GLY A 573 -2.16 -2.90 -2.79
CA GLY A 573 -3.46 -3.17 -2.24
C GLY A 573 -4.51 -2.18 -2.72
N GLY A 574 -5.55 -2.70 -3.33
CA GLY A 574 -6.63 -1.87 -3.82
C GLY A 574 -7.43 -2.60 -4.87
N VAL A 575 -8.46 -1.94 -5.40
CA VAL A 575 -9.29 -2.52 -6.43
C VAL A 575 -9.26 -1.57 -7.62
N MET A 576 -9.06 -2.16 -8.81
CA MET A 576 -9.00 -1.41 -10.05
C MET A 576 -10.26 -1.77 -10.84
N VAL A 577 -10.97 -0.77 -11.36
CA VAL A 577 -12.19 -1.02 -12.12
C VAL A 577 -12.05 -0.60 -13.58
N PHE A 578 -12.57 -1.42 -14.48
CA PHE A 578 -12.49 -1.12 -15.91
C PHE A 578 -13.84 -1.00 -16.62
N SER A 579 -13.79 -0.34 -17.77
CA SER A 579 -14.96 -0.14 -18.63
C SER A 579 -14.42 0.28 -19.99
N LEU A 580 -15.30 0.29 -21.00
CA LEU A 580 -14.92 0.70 -22.35
C LEU A 580 -14.65 2.20 -22.38
N ASP A 581 -13.41 2.56 -22.70
CA ASP A 581 -12.99 3.95 -22.77
C ASP A 581 -12.97 4.60 -21.39
N GLY A 582 -12.77 3.80 -20.36
CA GLY A 582 -12.72 4.31 -19.00
C GLY A 582 -13.93 5.12 -18.60
N GLU A 583 -15.07 4.86 -19.23
CA GLU A 583 -16.29 5.59 -18.89
C GLU A 583 -16.73 5.28 -17.47
N SER A 584 -17.01 6.33 -16.69
CA SER A 584 -17.43 6.19 -15.30
C SER A 584 -18.27 7.40 -14.90
N PRO A 585 -18.86 7.38 -13.70
CA PRO A 585 -19.66 8.53 -13.26
C PRO A 585 -18.86 9.83 -13.23
N TYR A 586 -17.55 9.72 -13.36
CA TYR A 586 -16.67 10.89 -13.34
C TYR A 586 -16.26 11.38 -14.73
N SER A 587 -16.91 10.87 -15.76
CA SER A 587 -16.61 11.30 -17.11
C SER A 587 -17.09 12.74 -17.21
N ASP A 588 -17.96 13.08 -16.28
CA ASP A 588 -18.48 14.44 -16.15
C ASP A 588 -17.71 14.92 -14.91
N PRO A 589 -16.60 15.63 -15.13
CA PRO A 589 -15.74 16.17 -14.07
C PRO A 589 -16.46 16.70 -12.85
N ASN A 590 -17.54 17.44 -13.08
CA ASN A 590 -18.30 18.04 -12.00
C ASN A 590 -18.88 17.08 -10.99
N VAL A 591 -19.26 15.88 -11.43
CA VAL A 591 -19.80 14.89 -10.51
C VAL A 591 -18.85 14.71 -9.34
N GLY A 592 -19.30 15.09 -8.15
CA GLY A 592 -18.45 14.95 -6.96
C GLY A 592 -17.76 16.21 -6.49
N GLU A 593 -17.51 17.16 -7.39
CA GLU A 593 -16.86 18.42 -7.03
C GLU A 593 -17.50 19.07 -5.82
N TYR A 594 -16.67 19.75 -5.02
CA TYR A 594 -17.13 20.41 -3.81
C TYR A 594 -18.11 21.55 -4.04
N ALA A 595 -19.25 21.44 -3.36
CA ALA A 595 -20.30 22.45 -3.42
C ALA A 595 -20.59 22.77 -1.95
N PRO A 596 -20.37 24.02 -1.52
CA PRO A 596 -20.59 24.49 -0.15
C PRO A 596 -21.59 23.69 0.69
N GLY A 597 -22.72 23.33 0.06
CA GLY A 597 -23.78 22.56 0.70
C GLY A 597 -23.58 21.93 2.07
N GLU A 598 -23.73 20.61 2.12
CA GLU A 598 -23.57 19.86 3.37
C GLU A 598 -22.53 18.75 3.18
N PRO A 599 -22.30 17.91 4.21
CA PRO A 599 -21.33 16.83 4.09
C PRO A 599 -21.48 16.08 2.76
N THR A 600 -20.42 16.08 1.96
CA THR A 600 -20.43 15.41 0.66
C THR A 600 -20.70 13.91 0.80
N TYR B 1 3.75 -50.40 -1.91
CA TYR B 1 2.54 -49.59 -1.60
C TYR B 1 2.14 -48.74 -2.80
N ASP B 2 1.27 -49.28 -3.64
CA ASP B 2 0.81 -48.59 -4.83
C ASP B 2 -0.60 -48.03 -4.65
N GLY B 3 -1.19 -48.32 -3.48
CA GLY B 3 -2.52 -47.83 -3.17
C GLY B 3 -3.68 -48.64 -3.70
N THR B 4 -3.42 -49.83 -4.22
CA THR B 4 -4.48 -50.66 -4.78
C THR B 4 -4.82 -51.93 -4.00
N ASN B 5 -4.05 -52.24 -2.97
CA ASN B 5 -4.30 -53.42 -2.15
C ASN B 5 -5.00 -52.99 -0.88
N CYS B 6 -6.33 -53.03 -0.89
CA CYS B 6 -7.13 -52.60 0.25
C CYS B 6 -7.50 -53.67 1.27
N LYS B 7 -7.34 -53.36 2.56
CA LYS B 7 -7.70 -54.29 3.64
C LYS B 7 -9.22 -54.33 3.71
N ALA B 8 -9.83 -53.31 3.13
CA ALA B 8 -11.28 -53.19 3.14
C ALA B 8 -11.67 -51.93 2.38
N PRO B 9 -12.95 -51.80 2.03
CA PRO B 9 -13.42 -50.63 1.31
C PRO B 9 -12.99 -49.33 1.99
N GLY B 10 -12.26 -48.51 1.25
CA GLY B 10 -11.79 -47.24 1.78
C GLY B 10 -10.53 -47.31 2.62
N ASN B 11 -9.98 -48.50 2.79
CA ASN B 11 -8.76 -48.67 3.59
C ASN B 11 -7.73 -49.40 2.74
N CYS B 12 -6.83 -48.65 2.10
CA CYS B 12 -5.84 -49.29 1.24
C CYS B 12 -4.39 -49.00 1.59
N TRP B 13 -4.15 -48.45 2.77
CA TRP B 13 -2.78 -48.14 3.18
C TRP B 13 -1.96 -49.39 3.47
N GLU B 14 -0.67 -49.33 3.15
CA GLU B 14 0.28 -50.41 3.38
C GLU B 14 1.60 -49.73 3.70
N PRO B 15 2.41 -50.33 4.58
CA PRO B 15 3.69 -49.69 4.90
C PRO B 15 4.63 -49.84 3.73
N LYS B 16 5.45 -48.83 3.48
CA LYS B 16 6.40 -48.90 2.38
C LYS B 16 7.46 -49.94 2.79
N PRO B 17 8.14 -50.55 1.81
CA PRO B 17 9.17 -51.55 2.10
C PRO B 17 10.14 -51.07 3.19
N ASP B 18 10.33 -51.91 4.22
CA ASP B 18 11.23 -51.63 5.34
C ASP B 18 10.58 -50.81 6.47
N TYR B 19 9.41 -50.23 6.21
CA TYR B 19 8.74 -49.42 7.23
C TYR B 19 7.69 -50.18 8.03
N PRO B 20 7.55 -49.84 9.32
CA PRO B 20 6.60 -50.44 10.27
C PRO B 20 5.14 -50.33 9.86
N ALA B 21 4.35 -51.30 10.29
CA ALA B 21 2.92 -51.29 10.04
C ALA B 21 2.28 -50.52 11.18
N LYS B 22 3.05 -50.34 12.26
CA LYS B 22 2.64 -49.60 13.45
C LYS B 22 3.81 -48.72 13.86
N VAL B 23 3.57 -47.44 14.08
CA VAL B 23 4.66 -46.55 14.47
C VAL B 23 4.97 -46.70 15.95
N GLU B 24 3.94 -46.99 16.74
CA GLU B 24 4.12 -47.16 18.18
C GLU B 24 5.20 -48.21 18.40
N GLY B 25 6.26 -47.82 19.09
CA GLY B 25 7.35 -48.72 19.36
C GLY B 25 8.51 -48.56 18.38
N SER B 26 8.21 -48.31 17.11
CA SER B 26 9.26 -48.14 16.12
C SER B 26 10.07 -46.89 16.40
N LYS B 27 11.01 -46.58 15.50
CA LYS B 27 11.84 -45.40 15.65
C LYS B 27 11.16 -44.17 15.08
N TYR B 28 9.94 -44.34 14.60
CA TYR B 28 9.16 -43.24 14.04
C TYR B 28 7.95 -42.98 14.91
N ASP B 29 8.01 -43.46 16.15
CA ASP B 29 6.91 -43.28 17.09
C ASP B 29 6.81 -41.80 17.47
N PRO B 30 5.68 -41.16 17.15
CA PRO B 30 5.45 -39.75 17.45
C PRO B 30 5.38 -39.45 18.96
N GLN B 31 4.81 -40.37 19.71
CA GLN B 31 4.71 -40.21 21.15
C GLN B 31 4.05 -38.88 21.47
N HIS B 32 2.78 -38.76 21.10
CA HIS B 32 2.06 -37.52 21.34
C HIS B 32 1.51 -37.48 22.75
N ASP B 33 1.90 -36.46 23.51
CA ASP B 33 1.41 -36.32 24.86
C ASP B 33 -0.09 -36.11 24.73
N PRO B 34 -0.89 -36.90 25.46
CA PRO B 34 -2.36 -36.80 25.42
C PRO B 34 -2.84 -35.42 25.88
N ALA B 35 -2.10 -34.82 26.80
CA ALA B 35 -2.45 -33.50 27.32
C ALA B 35 -2.50 -32.50 26.17
N GLU B 36 -1.56 -32.66 25.25
CA GLU B 36 -1.43 -31.82 24.08
C GLU B 36 -2.56 -32.07 23.06
N LEU B 37 -2.78 -33.34 22.73
CA LEU B 37 -3.81 -33.68 21.76
C LEU B 37 -5.19 -33.20 22.16
N SER B 38 -5.36 -32.80 23.41
CA SER B 38 -6.66 -32.37 23.91
C SER B 38 -6.92 -30.87 23.89
N LYS B 39 -5.87 -30.07 23.75
CA LYS B 39 -6.02 -28.62 23.76
C LYS B 39 -7.10 -28.10 22.81
N GLN B 40 -7.11 -28.57 21.58
CA GLN B 40 -8.08 -28.16 20.58
C GLN B 40 -9.53 -28.34 21.01
N GLY B 41 -9.87 -29.57 21.37
CA GLY B 41 -11.23 -29.88 21.78
C GLY B 41 -11.66 -29.05 22.96
N GLU B 42 -10.76 -28.89 23.92
CA GLU B 42 -11.05 -28.10 25.10
C GLU B 42 -11.39 -26.67 24.68
N SER B 43 -10.59 -26.15 23.75
CA SER B 43 -10.77 -24.81 23.23
C SER B 43 -12.15 -24.60 22.60
N LEU B 44 -12.56 -25.52 21.73
CA LEU B 44 -13.86 -25.39 21.08
C LEU B 44 -14.94 -25.38 22.15
N ALA B 45 -14.73 -26.16 23.20
CA ALA B 45 -15.68 -26.27 24.29
C ALA B 45 -15.91 -24.94 24.98
N VAL B 46 -14.83 -24.24 25.29
CA VAL B 46 -14.94 -22.95 25.97
C VAL B 46 -15.50 -21.88 25.05
N MET B 47 -15.14 -21.90 23.77
CA MET B 47 -15.64 -20.90 22.86
C MET B 47 -17.16 -21.09 22.71
N ASP B 48 -17.57 -22.31 22.38
CA ASP B 48 -18.99 -22.62 22.21
C ASP B 48 -19.76 -22.18 23.46
N ALA B 49 -19.15 -22.41 24.61
CA ALA B 49 -19.75 -22.03 25.89
C ALA B 49 -19.99 -20.53 25.93
N ARG B 50 -18.98 -19.73 25.59
CA ARG B 50 -19.10 -18.28 25.60
C ARG B 50 -20.14 -17.79 24.59
N ASN B 51 -20.21 -18.46 23.45
CA ASN B 51 -21.15 -18.12 22.39
C ASN B 51 -22.59 -18.26 22.87
N GLU B 52 -22.84 -19.29 23.67
CA GLU B 52 -24.19 -19.52 24.18
C GLU B 52 -24.63 -18.33 25.02
N TRP B 53 -23.69 -17.80 25.79
CA TRP B 53 -24.01 -16.67 26.63
C TRP B 53 -24.26 -15.44 25.79
N ARG B 54 -23.46 -15.28 24.73
CA ARG B 54 -23.61 -14.15 23.82
C ARG B 54 -24.98 -14.22 23.16
N VAL B 55 -25.34 -15.42 22.69
CA VAL B 55 -26.61 -15.60 22.02
C VAL B 55 -27.77 -15.34 22.98
N TRP B 56 -27.66 -15.89 24.19
CA TRP B 56 -28.69 -15.72 25.20
C TRP B 56 -28.90 -14.26 25.59
N ASN B 57 -27.82 -13.54 25.82
CA ASN B 57 -27.93 -12.15 26.22
C ASN B 57 -28.57 -11.23 25.19
N MET B 58 -28.30 -11.43 23.91
CA MET B 58 -28.90 -10.57 22.90
C MET B 58 -30.40 -10.85 22.80
N LYS B 59 -30.79 -12.09 23.05
CA LYS B 59 -32.18 -12.48 22.97
C LYS B 59 -32.98 -11.92 24.14
N LYS B 60 -32.37 -11.91 25.32
CA LYS B 60 -33.04 -11.39 26.50
C LYS B 60 -33.01 -9.86 26.58
N THR B 61 -31.86 -9.27 26.23
CA THR B 61 -31.69 -7.83 26.28
C THR B 61 -32.24 -7.11 25.08
N GLY B 62 -31.90 -7.58 23.89
CA GLY B 62 -32.37 -6.95 22.67
C GLY B 62 -31.19 -6.31 21.95
N LYS B 63 -30.09 -6.16 22.68
CA LYS B 63 -28.87 -5.57 22.14
C LYS B 63 -27.78 -6.64 22.25
N PHE B 64 -26.76 -6.54 21.41
CA PHE B 64 -25.68 -7.51 21.41
C PHE B 64 -24.48 -7.09 22.26
N GLU B 65 -23.86 -8.09 22.89
CA GLU B 65 -22.69 -7.86 23.72
C GLU B 65 -21.70 -9.02 23.51
N TYR B 66 -20.49 -8.69 23.08
CA TYR B 66 -19.48 -9.71 22.83
C TYR B 66 -18.73 -10.14 24.08
N ASP B 67 -18.37 -9.18 24.92
CA ASP B 67 -17.64 -9.44 26.14
C ASP B 67 -18.56 -10.08 27.17
N VAL B 68 -18.42 -11.40 27.37
CA VAL B 68 -19.25 -12.12 28.33
C VAL B 68 -19.11 -11.57 29.74
N LYS B 69 -17.95 -11.00 30.04
CA LYS B 69 -17.67 -10.42 31.35
C LYS B 69 -18.67 -9.29 31.68
N LYS B 70 -19.23 -8.68 30.64
CA LYS B 70 -20.18 -7.60 30.83
C LYS B 70 -21.61 -8.05 30.64
N ILE B 71 -21.84 -9.37 30.63
CA ILE B 71 -23.19 -9.88 30.46
C ILE B 71 -23.82 -10.11 31.82
N ASP B 72 -24.93 -9.41 32.06
CA ASP B 72 -25.64 -9.51 33.32
C ASP B 72 -26.02 -10.96 33.64
N GLY B 73 -25.41 -11.50 34.69
CA GLY B 73 -25.70 -12.87 35.10
C GLY B 73 -24.77 -13.93 34.53
N TYR B 74 -23.67 -13.51 33.92
CA TYR B 74 -22.74 -14.47 33.34
C TYR B 74 -22.00 -15.29 34.38
N ASP B 75 -22.07 -16.61 34.24
CA ASP B 75 -21.39 -17.50 35.16
C ASP B 75 -20.53 -18.45 34.34
N GLU B 76 -19.22 -18.29 34.46
CA GLU B 76 -18.27 -19.11 33.72
C GLU B 76 -18.48 -20.62 33.79
N THR B 77 -18.99 -21.12 34.92
CA THR B 77 -19.18 -22.56 35.07
C THR B 77 -20.55 -23.09 34.70
N LYS B 78 -21.53 -22.21 34.49
CA LYS B 78 -22.87 -22.66 34.15
C LYS B 78 -23.31 -22.19 32.77
N ALA B 79 -24.36 -22.81 32.26
CA ALA B 79 -24.92 -22.47 30.96
C ALA B 79 -26.06 -21.48 31.21
N PRO B 80 -26.41 -20.67 30.20
CA PRO B 80 -27.49 -19.71 30.37
C PRO B 80 -28.79 -20.31 30.91
N PRO B 81 -29.66 -19.48 31.51
CA PRO B 81 -30.94 -19.88 32.08
C PRO B 81 -31.83 -20.60 31.08
N ALA B 82 -32.29 -21.79 31.45
CA ALA B 82 -33.17 -22.59 30.59
C ALA B 82 -34.52 -21.90 30.42
N GLU B 83 -34.61 -21.01 29.44
CA GLU B 83 -35.83 -20.27 29.16
C GLU B 83 -36.10 -20.17 27.67
N ASN C 1 24.87 22.65 -12.92
CA ASN C 1 25.46 21.75 -13.95
C ASN C 1 25.00 22.18 -15.35
N ASP C 2 25.95 22.28 -16.28
CA ASP C 2 25.65 22.71 -17.64
C ASP C 2 24.89 21.71 -18.51
N GLN C 3 25.39 20.49 -18.62
CA GLN C 3 24.69 19.49 -19.43
C GLN C 3 23.31 19.27 -18.86
N LEU C 4 23.15 19.61 -17.59
CA LEU C 4 21.88 19.45 -16.91
C LEU C 4 20.89 20.50 -17.44
N VAL C 5 21.35 21.72 -17.66
CA VAL C 5 20.49 22.76 -18.20
C VAL C 5 20.18 22.38 -19.64
N GLU C 6 21.06 21.54 -20.19
CA GLU C 6 20.94 21.06 -21.56
C GLU C 6 19.84 20.00 -21.65
N LEU C 7 20.03 18.89 -20.92
CA LEU C 7 19.05 17.81 -20.91
C LEU C 7 17.67 18.40 -20.68
N ALA C 8 17.62 19.46 -19.88
CA ALA C 8 16.37 20.14 -19.58
C ALA C 8 15.72 20.69 -20.84
N LYS C 9 16.53 20.98 -21.85
CA LYS C 9 16.01 21.52 -23.09
C LYS C 9 15.22 20.48 -23.87
N ASP C 10 15.43 19.21 -23.57
CA ASP C 10 14.72 18.11 -24.24
C ASP C 10 13.50 17.69 -23.42
N PRO C 11 12.30 17.79 -24.02
CA PRO C 11 11.02 17.44 -23.37
C PRO C 11 10.88 15.95 -23.00
N ALA C 12 11.93 15.18 -23.25
CA ALA C 12 11.91 13.76 -22.95
C ALA C 12 12.43 13.52 -21.54
N ASN C 13 13.02 14.56 -20.96
CA ASN C 13 13.59 14.46 -19.63
C ASN C 13 12.99 15.42 -18.61
N TRP C 14 13.00 14.99 -17.36
CA TRP C 14 12.54 15.76 -16.21
C TRP C 14 13.65 15.37 -15.21
N VAL C 15 14.78 16.05 -15.35
CA VAL C 15 15.98 15.79 -14.57
C VAL C 15 16.07 16.29 -13.12
N MET C 16 15.18 17.18 -12.72
CA MET C 16 15.22 17.67 -11.34
C MET C 16 13.84 17.98 -10.81
N THR C 17 13.77 18.30 -9.52
CA THR C 17 12.50 18.60 -8.87
C THR C 17 11.49 19.40 -9.70
N GLY C 18 11.87 20.60 -10.13
CA GLY C 18 10.96 21.41 -10.93
C GLY C 18 11.23 21.32 -12.42
N ARG C 19 11.90 20.23 -12.80
CA ARG C 19 12.28 19.92 -14.18
C ARG C 19 13.58 20.65 -14.58
N ASP C 20 13.59 21.95 -14.40
CA ASP C 20 14.77 22.74 -14.73
C ASP C 20 15.08 23.74 -13.61
N TYR C 21 16.27 24.31 -13.65
CA TYR C 21 16.69 25.26 -12.62
C TYR C 21 15.78 26.45 -12.39
N ASN C 22 14.84 26.70 -13.29
CA ASN C 22 13.93 27.83 -13.10
C ASN C 22 12.80 27.38 -12.20
N ALA C 23 12.67 26.05 -12.05
CA ALA C 23 11.65 25.43 -11.22
C ALA C 23 10.25 25.97 -11.47
N GLN C 24 9.74 25.80 -12.69
CA GLN C 24 8.43 26.31 -13.05
C GLN C 24 7.40 25.22 -13.23
N ASN C 25 7.85 23.96 -13.27
CA ASN C 25 6.93 22.84 -13.46
C ASN C 25 6.06 23.15 -14.67
N TYR C 26 6.69 23.66 -15.72
CA TYR C 26 6.00 24.01 -16.95
C TYR C 26 6.43 23.10 -18.09
N SER C 27 5.47 22.75 -18.95
CA SER C 27 5.76 21.87 -20.08
C SER C 27 5.57 22.58 -21.41
N GLU C 28 6.54 22.38 -22.30
CA GLU C 28 6.53 23.00 -23.62
C GLU C 28 5.73 22.15 -24.63
N MET C 29 5.40 20.92 -24.25
CA MET C 29 4.66 20.02 -25.12
C MET C 29 3.19 20.42 -25.25
N THR C 30 2.59 20.12 -26.38
CA THR C 30 1.18 20.46 -26.61
C THR C 30 0.33 19.28 -27.04
N ASP C 31 0.96 18.13 -27.22
CA ASP C 31 0.25 16.92 -27.62
C ASP C 31 -1.06 16.87 -26.86
N ILE C 32 -0.97 16.99 -25.54
CA ILE C 32 -2.16 17.00 -24.69
C ILE C 32 -2.49 18.47 -24.52
N ASN C 33 -3.72 18.85 -24.83
CA ASN C 33 -4.15 20.24 -24.73
C ASN C 33 -5.63 20.36 -24.41
N LYS C 34 -6.12 21.60 -24.32
CA LYS C 34 -7.53 21.85 -24.00
C LYS C 34 -8.57 21.02 -24.76
N GLU C 35 -8.17 20.43 -25.86
CA GLU C 35 -9.10 19.63 -26.66
C GLU C 35 -9.12 18.16 -26.27
N ASN C 36 -8.03 17.47 -26.57
CA ASN C 36 -7.90 16.05 -26.27
C ASN C 36 -7.86 15.65 -24.79
N VAL C 37 -7.52 16.61 -23.91
CA VAL C 37 -7.42 16.32 -22.48
C VAL C 37 -8.46 15.33 -21.93
N LYS C 38 -9.67 15.37 -22.48
CA LYS C 38 -10.73 14.47 -22.02
C LYS C 38 -10.53 13.02 -22.40
N GLN C 39 -9.56 12.76 -23.27
CA GLN C 39 -9.28 11.40 -23.70
C GLN C 39 -8.04 10.87 -22.97
N LEU C 40 -7.73 11.48 -21.85
CA LEU C 40 -6.58 11.07 -21.05
C LEU C 40 -7.00 9.88 -20.21
N ARG C 41 -6.26 8.78 -20.34
CA ARG C 41 -6.54 7.55 -19.61
C ARG C 41 -5.24 6.99 -19.05
N PRO C 42 -5.33 6.11 -18.04
CA PRO C 42 -4.14 5.50 -17.43
C PRO C 42 -3.43 4.55 -18.41
N ALA C 43 -2.14 4.74 -18.60
CA ALA C 43 -1.34 3.91 -19.51
C ALA C 43 -0.77 2.71 -18.76
N TRP C 44 -0.35 2.97 -17.52
CA TRP C 44 0.21 1.94 -16.65
C TRP C 44 0.38 2.51 -15.26
N SER C 45 0.68 1.64 -14.30
CA SER C 45 0.87 2.06 -12.92
C SER C 45 1.88 1.16 -12.22
N PHE C 46 2.39 1.66 -11.10
CA PHE C 46 3.39 0.95 -10.32
C PHE C 46 3.16 1.17 -8.83
N SER C 47 3.21 0.09 -8.05
CA SER C 47 3.03 0.18 -6.61
C SER C 47 4.39 0.18 -5.92
N THR C 48 4.61 1.17 -5.06
CA THR C 48 5.87 1.29 -4.35
C THR C 48 6.05 0.22 -3.28
N GLY C 49 4.96 -0.43 -2.91
CA GLY C 49 4.99 -1.48 -1.89
C GLY C 49 5.10 -0.96 -0.46
N VAL C 50 4.96 0.34 -0.30
CA VAL C 50 5.05 0.96 1.01
C VAL C 50 3.86 1.90 1.19
N LEU C 51 3.58 2.30 2.43
CA LEU C 51 2.46 3.20 2.69
C LEU C 51 2.95 4.55 3.19
N HIS C 52 2.01 5.35 3.69
CA HIS C 52 2.27 6.70 4.18
C HIS C 52 2.41 7.69 3.02
N GLY C 53 2.47 8.97 3.36
CA GLY C 53 2.57 10.03 2.36
C GLY C 53 3.63 9.88 1.27
N HIS C 54 3.21 10.07 0.02
CA HIS C 54 4.11 9.98 -1.13
C HIS C 54 4.25 11.34 -1.80
N GLU C 55 5.20 12.13 -1.32
CA GLU C 55 5.46 13.45 -1.86
C GLU C 55 6.47 13.41 -2.99
N GLY C 56 6.75 14.59 -3.54
CA GLY C 56 7.70 14.69 -4.63
C GLY C 56 7.09 14.26 -5.95
N THR C 57 7.95 14.04 -6.94
CA THR C 57 7.53 13.65 -8.27
C THR C 57 8.65 12.77 -8.82
N PRO C 58 8.31 11.83 -9.72
CA PRO C 58 9.32 10.95 -10.30
C PRO C 58 10.21 11.70 -11.27
N LEU C 59 11.44 11.24 -11.43
CA LEU C 59 12.39 11.85 -12.35
C LEU C 59 12.55 10.90 -13.54
N VAL C 60 12.51 11.46 -14.74
CA VAL C 60 12.70 10.66 -15.96
C VAL C 60 13.94 11.16 -16.69
N VAL C 61 14.80 10.24 -17.10
CA VAL C 61 16.00 10.60 -17.84
C VAL C 61 16.17 9.59 -18.96
N GLY C 62 15.62 9.90 -20.12
CA GLY C 62 15.73 9.00 -21.25
C GLY C 62 14.78 7.82 -21.16
N ASP C 63 15.36 6.62 -21.13
CA ASP C 63 14.57 5.38 -21.04
C ASP C 63 14.38 4.89 -19.61
N ARG C 64 14.62 5.77 -18.65
CA ARG C 64 14.50 5.38 -17.26
C ARG C 64 13.67 6.34 -16.43
N MET C 65 12.98 5.78 -15.44
CA MET C 65 12.17 6.57 -14.51
C MET C 65 12.61 6.19 -13.13
N PHE C 66 13.03 7.17 -12.34
CA PHE C 66 13.47 6.90 -10.98
C PHE C 66 12.39 7.29 -9.98
N ILE C 67 12.18 6.46 -8.97
CA ILE C 67 11.15 6.69 -7.99
C ILE C 67 11.66 6.62 -6.54
N HIS C 68 11.34 7.64 -5.76
CA HIS C 68 11.74 7.71 -4.36
C HIS C 68 10.49 7.37 -3.53
N THR C 69 10.70 6.94 -2.29
CA THR C 69 9.59 6.55 -1.43
C THR C 69 9.78 6.97 0.03
N PRO C 70 8.71 6.90 0.84
CA PRO C 70 8.81 7.27 2.26
C PRO C 70 9.61 6.16 2.94
N PHE C 71 9.89 6.33 4.23
CA PHE C 71 10.66 5.34 4.97
C PHE C 71 10.22 3.93 4.54
N PRO C 72 11.18 3.02 4.28
CA PRO C 72 12.64 3.07 4.30
C PRO C 72 13.36 3.80 3.16
N ASN C 73 12.65 4.64 2.42
CA ASN C 73 13.27 5.39 1.32
C ASN C 73 13.91 4.59 0.19
N THR C 74 13.59 3.31 0.07
CA THR C 74 14.17 2.50 -1.02
C THR C 74 13.91 3.18 -2.38
N THR C 75 14.93 3.18 -3.24
CA THR C 75 14.81 3.81 -4.56
C THR C 75 14.57 2.78 -5.68
N PHE C 76 13.75 3.15 -6.65
CA PHE C 76 13.46 2.26 -7.78
C PHE C 76 13.84 2.87 -9.13
N ALA C 77 13.97 2.00 -10.11
CA ALA C 77 14.31 2.41 -11.46
C ALA C 77 13.49 1.54 -12.40
N LEU C 78 12.69 2.16 -13.25
CA LEU C 78 11.85 1.43 -14.18
C LEU C 78 12.30 1.60 -15.63
N ASP C 79 12.07 0.55 -16.42
CA ASP C 79 12.44 0.56 -17.83
C ASP C 79 11.23 1.10 -18.60
N LEU C 80 11.31 2.33 -19.06
CA LEU C 80 10.20 2.93 -19.78
C LEU C 80 9.80 2.20 -21.06
N ASN C 81 10.68 1.35 -21.57
CA ASN C 81 10.38 0.59 -22.79
C ASN C 81 9.33 -0.46 -22.48
N GLU C 82 9.24 -0.81 -21.20
CA GLU C 82 8.23 -1.74 -20.71
C GLU C 82 8.24 -1.66 -19.19
N PRO C 83 7.49 -0.69 -18.64
CA PRO C 83 7.30 -0.34 -17.22
C PRO C 83 7.09 -1.46 -16.22
N GLY C 84 6.73 -2.64 -16.70
CA GLY C 84 6.51 -3.76 -15.82
C GLY C 84 7.79 -4.35 -15.26
N LYS C 85 8.93 -3.89 -15.75
CA LYS C 85 10.20 -4.41 -15.26
C LYS C 85 10.87 -3.39 -14.35
N ILE C 86 11.48 -3.90 -13.28
CA ILE C 86 12.18 -3.03 -12.34
C ILE C 86 13.67 -3.25 -12.57
N LEU C 87 14.31 -2.32 -13.28
CA LEU C 87 15.73 -2.40 -13.58
C LEU C 87 16.56 -2.64 -12.33
N TRP C 88 16.32 -1.82 -11.31
CA TRP C 88 17.04 -1.96 -10.04
C TRP C 88 16.35 -1.24 -8.89
N GLN C 89 16.62 -1.71 -7.68
CA GLN C 89 16.08 -1.11 -6.47
C GLN C 89 17.16 -1.11 -5.41
N ASN C 90 17.23 -0.02 -4.65
CA ASN C 90 18.20 0.11 -3.59
C ASN C 90 17.44 0.35 -2.30
N LYS C 91 17.45 -0.65 -1.42
CA LYS C 91 16.74 -0.59 -0.16
C LYS C 91 17.71 -0.51 1.01
N PRO C 92 17.76 0.64 1.69
CA PRO C 92 18.66 0.82 2.83
C PRO C 92 18.15 0.18 4.11
N LYS C 93 19.04 0.10 5.08
CA LYS C 93 18.70 -0.45 6.39
C LYS C 93 18.83 0.74 7.34
N GLN C 94 17.70 1.25 7.82
CA GLN C 94 17.70 2.39 8.72
C GLN C 94 17.18 2.04 10.10
N ASN C 95 17.64 2.79 11.10
CA ASN C 95 17.20 2.58 12.46
C ASN C 95 15.75 3.07 12.52
N PRO C 96 14.81 2.18 12.87
CA PRO C 96 13.39 2.58 12.96
C PRO C 96 13.13 3.68 13.97
N THR C 97 14.15 4.01 14.76
CA THR C 97 14.02 5.06 15.76
C THR C 97 13.88 6.42 15.09
N ALA C 98 14.21 6.46 13.80
CA ALA C 98 14.13 7.68 13.00
C ALA C 98 12.68 8.16 12.91
N ARG C 99 11.77 7.21 12.72
CA ARG C 99 10.35 7.52 12.63
C ARG C 99 9.91 8.30 13.87
N THR C 100 10.56 8.00 14.98
CA THR C 100 10.30 8.59 16.28
C THR C 100 10.51 10.10 16.38
N VAL C 101 11.45 10.63 15.61
CA VAL C 101 11.72 12.06 15.66
C VAL C 101 11.24 12.84 14.44
N ALA C 102 10.27 12.27 13.73
CA ALA C 102 9.67 12.89 12.54
C ALA C 102 8.38 13.58 13.01
N CYS C 103 8.30 14.89 12.76
CA CYS C 103 7.13 15.65 13.19
C CYS C 103 5.87 15.38 12.46
N CYS C 104 6.01 15.26 11.15
CA CYS C 104 4.84 15.18 10.31
C CYS C 104 4.84 14.13 9.20
N ASP C 105 4.92 12.86 9.60
CA ASP C 105 4.94 11.71 8.69
C ASP C 105 6.35 11.50 8.12
N VAL C 106 6.66 10.26 7.73
CA VAL C 106 7.97 9.92 7.22
C VAL C 106 8.11 10.08 5.72
N VAL C 107 7.77 11.26 5.23
CA VAL C 107 7.84 11.56 3.80
C VAL C 107 9.24 11.82 3.24
N ASN C 108 9.30 11.97 1.92
CA ASN C 108 10.54 12.27 1.21
C ASN C 108 10.13 12.95 -0.10
N ARG C 109 10.73 14.09 -0.38
CA ARG C 109 10.35 14.85 -1.57
C ARG C 109 11.04 14.65 -2.92
N GLY C 110 12.04 13.79 -3.01
CA GLY C 110 12.63 13.61 -4.31
C GLY C 110 14.08 13.21 -4.45
N LEU C 111 14.45 12.93 -5.70
CA LEU C 111 15.79 12.52 -6.04
C LEU C 111 16.48 13.64 -6.82
N ALA C 112 17.77 13.49 -7.02
CA ALA C 112 18.55 14.45 -7.78
C ALA C 112 19.37 13.63 -8.77
N TYR C 113 19.73 14.24 -9.88
CA TYR C 113 20.50 13.55 -10.90
C TYR C 113 21.72 14.36 -11.35
N TRP C 114 22.84 13.68 -11.51
CA TRP C 114 24.08 14.29 -11.97
C TRP C 114 24.43 13.60 -13.28
N PRO C 115 24.46 14.36 -14.40
CA PRO C 115 24.77 13.87 -15.75
C PRO C 115 26.09 13.12 -15.91
N GLY C 116 26.97 13.20 -14.92
CA GLY C 116 28.24 12.51 -14.99
C GLY C 116 29.23 13.12 -15.97
N ASP C 117 30.48 12.69 -15.90
CA ASP C 117 31.52 13.20 -16.79
C ASP C 117 32.43 12.09 -17.31
N ASP C 118 33.52 12.48 -17.97
CA ASP C 118 34.47 11.52 -18.53
C ASP C 118 35.15 10.66 -17.48
N GLN C 119 34.94 10.99 -16.21
CA GLN C 119 35.55 10.23 -15.13
C GLN C 119 34.58 9.29 -14.43
N VAL C 120 33.42 9.82 -14.03
CA VAL C 120 32.42 9.02 -13.34
C VAL C 120 31.09 9.08 -14.07
N LYS C 121 30.38 7.95 -14.06
CA LYS C 121 29.07 7.81 -14.70
C LYS C 121 27.96 8.56 -13.96
N PRO C 122 26.82 8.84 -14.64
CA PRO C 122 25.68 9.54 -14.05
C PRO C 122 25.28 8.99 -12.68
N LEU C 123 24.85 9.90 -11.79
CA LEU C 123 24.47 9.51 -10.45
C LEU C 123 23.09 9.96 -10.01
N ILE C 124 22.46 9.11 -9.20
CA ILE C 124 21.16 9.36 -8.61
C ILE C 124 21.43 9.60 -7.13
N PHE C 125 20.85 10.65 -6.57
CA PHE C 125 21.04 11.00 -5.17
C PHE C 125 19.75 10.96 -4.36
N ARG C 126 19.83 10.44 -3.14
CA ARG C 126 18.66 10.37 -2.26
C ARG C 126 19.01 10.85 -0.85
N THR C 127 17.98 11.15 -0.07
CA THR C 127 18.18 11.55 1.32
C THR C 127 17.36 10.50 2.08
N GLN C 128 17.79 10.18 3.29
CA GLN C 128 17.09 9.20 4.10
C GLN C 128 16.59 9.88 5.36
N LEU C 129 15.48 9.40 5.90
CA LEU C 129 14.93 9.99 7.10
C LEU C 129 15.95 9.97 8.24
N ASP C 130 16.78 8.94 8.27
CA ASP C 130 17.79 8.80 9.32
C ASP C 130 18.98 9.73 9.15
N GLY C 131 18.86 10.68 8.24
CA GLY C 131 19.93 11.67 8.05
C GLY C 131 21.10 11.39 7.14
N HIS C 132 21.03 10.37 6.29
CA HIS C 132 22.13 10.10 5.38
C HIS C 132 21.85 10.63 3.99
N ILE C 133 22.91 11.03 3.30
CA ILE C 133 22.83 11.50 1.93
C ILE C 133 23.59 10.42 1.17
N VAL C 134 23.04 9.95 0.05
CA VAL C 134 23.71 8.88 -0.67
C VAL C 134 23.67 8.97 -2.20
N ALA C 135 24.78 8.57 -2.82
CA ALA C 135 24.93 8.58 -4.27
C ALA C 135 24.86 7.16 -4.82
N MET C 136 24.20 6.97 -5.96
CA MET C 136 24.07 5.64 -6.56
C MET C 136 24.23 5.71 -8.08
N ASP C 137 24.81 4.67 -8.66
CA ASP C 137 25.01 4.61 -10.11
C ASP C 137 23.64 4.48 -10.78
N ALA C 138 23.24 5.53 -11.50
CA ALA C 138 21.94 5.55 -12.16
C ALA C 138 21.70 4.42 -13.16
N GLU C 139 22.68 3.54 -13.34
CA GLU C 139 22.50 2.44 -14.28
C GLU C 139 22.34 1.09 -13.60
N THR C 140 22.88 0.96 -12.40
CA THR C 140 22.79 -0.30 -11.66
C THR C 140 22.16 -0.08 -10.30
N GLY C 141 22.14 1.18 -9.86
CA GLY C 141 21.58 1.50 -8.57
C GLY C 141 22.51 1.10 -7.45
N GLU C 142 23.79 0.91 -7.77
CA GLU C 142 24.77 0.53 -6.77
C GLU C 142 25.29 1.75 -6.02
N THR C 143 25.33 1.64 -4.69
CA THR C 143 25.80 2.73 -3.85
C THR C 143 27.25 3.09 -4.09
N ARG C 144 27.51 4.38 -4.30
CA ARG C 144 28.87 4.87 -4.51
C ARG C 144 29.42 5.34 -3.17
N TRP C 145 28.66 6.21 -2.51
CA TRP C 145 29.06 6.73 -1.20
C TRP C 145 27.87 7.21 -0.37
N ILE C 146 28.06 7.23 0.95
CA ILE C 146 27.02 7.68 1.88
C ILE C 146 27.70 8.51 2.97
N MET C 147 27.16 9.69 3.24
CA MET C 147 27.72 10.55 4.28
C MET C 147 26.66 10.87 5.31
N GLU C 148 27.09 11.09 6.55
CA GLU C 148 26.18 11.45 7.62
C GLU C 148 25.98 12.95 7.63
N ASN C 149 24.75 13.39 7.40
CA ASN C 149 24.44 14.81 7.38
C ASN C 149 23.61 15.24 8.60
N SER C 150 22.71 14.37 9.04
CA SER C 150 21.86 14.67 10.18
C SER C 150 21.87 13.57 11.24
N ASP C 151 21.75 13.96 12.50
CA ASP C 151 21.73 13.00 13.60
C ASP C 151 20.35 12.94 14.23
N ILE C 152 19.72 11.77 14.12
CA ILE C 152 18.38 11.59 14.68
C ILE C 152 18.38 11.57 16.20
N LYS C 153 19.56 11.36 16.79
CA LYS C 153 19.67 11.33 18.24
C LYS C 153 19.32 12.69 18.83
N VAL C 154 19.44 13.74 18.02
CA VAL C 154 19.12 15.09 18.47
C VAL C 154 17.86 15.59 17.78
N GLY C 155 17.13 14.67 17.16
CA GLY C 155 15.90 15.02 16.49
C GLY C 155 16.09 15.56 15.08
N SER C 156 17.27 15.33 14.51
CA SER C 156 17.56 15.82 13.18
C SER C 156 17.37 14.75 12.10
N THR C 157 16.38 14.96 11.22
CA THR C 157 16.10 14.00 10.16
C THR C 157 16.24 14.64 8.78
N LEU C 158 15.91 13.90 7.73
CA LEU C 158 15.97 14.42 6.36
C LEU C 158 14.73 14.00 5.59
N THR C 159 14.11 14.97 4.92
CA THR C 159 12.91 14.71 4.15
C THR C 159 12.99 15.39 2.79
N ILE C 160 13.78 16.47 2.75
CA ILE C 160 13.99 17.27 1.54
C ILE C 160 14.72 16.47 0.45
N ALA C 161 14.49 16.83 -0.80
CA ALA C 161 15.15 16.16 -1.92
C ALA C 161 16.54 16.79 -2.12
N PRO C 162 17.52 15.98 -2.56
CA PRO C 162 18.86 16.50 -2.78
C PRO C 162 18.78 17.41 -4.00
N TYR C 163 19.83 18.17 -4.27
CA TYR C 163 19.81 19.08 -5.40
C TYR C 163 21.19 19.17 -6.02
N VAL C 164 21.26 19.07 -7.33
CA VAL C 164 22.55 19.12 -8.01
C VAL C 164 22.81 20.40 -8.79
N ILE C 165 23.97 21.00 -8.51
CA ILE C 165 24.44 22.21 -9.17
C ILE C 165 25.93 21.97 -9.42
N LYS C 166 26.37 22.09 -10.67
CA LYS C 166 27.77 21.85 -11.00
C LYS C 166 28.16 20.48 -10.46
N ASP C 167 29.25 20.41 -9.71
CA ASP C 167 29.68 19.12 -9.16
C ASP C 167 29.37 19.03 -7.67
N LEU C 168 28.28 19.66 -7.27
CA LEU C 168 27.85 19.66 -5.88
C LEU C 168 26.40 19.21 -5.72
N VAL C 169 26.10 18.66 -4.55
CA VAL C 169 24.74 18.24 -4.24
C VAL C 169 24.37 18.88 -2.91
N LEU C 170 23.28 19.64 -2.90
CA LEU C 170 22.83 20.33 -1.70
C LEU C 170 21.90 19.49 -0.81
N VAL C 171 22.19 19.47 0.48
CA VAL C 171 21.38 18.73 1.43
C VAL C 171 20.82 19.71 2.46
N GLY C 172 19.51 19.69 2.65
CA GLY C 172 18.89 20.59 3.61
C GLY C 172 18.86 20.10 5.04
N SER C 173 17.73 20.30 5.72
CA SER C 173 17.62 19.90 7.11
C SER C 173 16.19 19.99 7.62
N SER C 174 15.87 19.12 8.59
CA SER C 174 14.54 19.09 9.21
C SER C 174 14.71 18.86 10.71
N GLY C 175 13.76 19.36 11.49
CA GLY C 175 13.83 19.17 12.93
C GLY C 175 13.47 20.33 13.82
N ALA C 176 13.03 21.45 13.26
CA ALA C 176 12.69 22.61 14.08
C ALA C 176 11.74 22.30 15.22
N GLU C 177 10.78 21.40 15.00
CA GLU C 177 9.85 21.05 16.06
C GLU C 177 10.58 20.34 17.20
N LEU C 178 11.83 19.97 16.94
CA LEU C 178 12.67 19.30 17.93
C LEU C 178 13.81 20.24 18.32
N GLY C 179 13.67 21.52 17.98
CA GLY C 179 14.69 22.50 18.31
C GLY C 179 16.01 22.42 17.55
N VAL C 180 15.98 21.84 16.34
CA VAL C 180 17.20 21.72 15.54
C VAL C 180 17.55 23.03 14.83
N ARG C 181 18.80 23.45 14.98
CA ARG C 181 19.29 24.66 14.34
C ARG C 181 19.50 24.32 12.87
N GLY C 182 18.85 25.06 11.98
CA GLY C 182 18.94 24.78 10.55
C GLY C 182 20.26 25.03 9.85
N TYR C 183 20.53 24.25 8.80
CA TYR C 183 21.75 24.40 8.02
C TYR C 183 21.72 23.61 6.71
N VAL C 184 22.25 24.20 5.65
CA VAL C 184 22.33 23.55 4.36
C VAL C 184 23.79 23.17 4.08
N THR C 185 24.02 21.95 3.62
CA THR C 185 25.38 21.48 3.35
C THR C 185 25.54 21.03 1.89
N ALA C 186 26.72 21.30 1.33
CA ALA C 186 27.01 20.94 -0.04
C ALA C 186 28.15 19.92 -0.08
N TYR C 187 28.00 18.90 -0.92
CA TYR C 187 29.00 17.85 -1.06
C TYR C 187 29.42 17.67 -2.52
N ASP C 188 30.60 17.09 -2.71
CA ASP C 188 31.12 16.81 -4.05
C ASP C 188 30.36 15.58 -4.53
N VAL C 189 29.75 15.68 -5.72
CA VAL C 189 28.99 14.56 -6.27
C VAL C 189 29.81 13.28 -6.41
N LYS C 190 31.11 13.42 -6.59
CA LYS C 190 31.98 12.26 -6.76
C LYS C 190 32.48 11.65 -5.45
N SER C 191 33.23 12.44 -4.69
CA SER C 191 33.80 11.97 -3.43
C SER C 191 32.81 11.98 -2.27
N GLY C 192 31.79 12.82 -2.36
CA GLY C 192 30.82 12.92 -1.29
C GLY C 192 31.44 13.72 -0.18
N GLU C 193 32.55 14.39 -0.53
CA GLU C 193 33.31 15.22 0.40
C GLU C 193 32.60 16.56 0.63
N MET C 194 32.53 16.97 1.88
CA MET C 194 31.87 18.22 2.23
C MET C 194 32.70 19.42 1.82
N ARG C 195 32.09 20.28 1.00
CA ARG C 195 32.73 21.50 0.53
C ARG C 195 32.44 22.66 1.48
N TRP C 196 31.18 22.95 1.72
CA TRP C 196 30.81 24.02 2.64
C TRP C 196 29.54 23.71 3.41
N ARG C 197 29.15 24.62 4.30
CA ARG C 197 27.94 24.48 5.10
C ARG C 197 27.58 25.82 5.72
N ALA C 198 26.32 26.22 5.59
CA ALA C 198 25.87 27.50 6.13
C ALA C 198 24.68 27.35 7.05
N PHE C 199 24.78 27.88 8.25
CA PHE C 199 23.69 27.81 9.21
C PHE C 199 22.71 28.96 9.01
N ALA C 200 21.55 28.90 9.67
CA ALA C 200 20.55 29.95 9.51
C ALA C 200 20.45 30.89 10.71
N THR C 201 21.23 30.61 11.75
CA THR C 201 21.23 31.43 12.96
C THR C 201 22.65 31.47 13.52
N GLY C 202 22.87 32.35 14.49
CA GLY C 202 24.18 32.45 15.12
C GLY C 202 25.12 33.47 14.51
N PRO C 203 26.43 33.25 14.67
CA PRO C 203 27.50 34.12 14.15
C PRO C 203 27.58 34.19 12.64
N ASP C 204 27.95 35.37 12.13
CA ASP C 204 28.07 35.56 10.70
C ASP C 204 28.97 34.55 10.01
N GLU C 205 29.99 34.07 10.72
CA GLU C 205 30.90 33.11 10.10
C GLU C 205 30.22 31.78 9.79
N GLU C 206 29.35 31.34 10.70
CA GLU C 206 28.63 30.08 10.50
C GLU C 206 27.47 30.33 9.52
N LEU C 207 26.94 31.54 9.52
CA LEU C 207 25.86 31.93 8.63
C LEU C 207 26.38 31.92 7.19
N LEU C 208 27.68 32.11 7.04
CA LEU C 208 28.37 32.14 5.75
C LEU C 208 27.89 33.26 4.83
N LEU C 209 28.17 34.50 5.21
CA LEU C 209 27.75 35.65 4.42
C LEU C 209 28.88 36.13 3.51
N ALA C 210 28.51 36.72 2.37
CA ALA C 210 29.49 37.25 1.43
C ALA C 210 29.92 38.63 1.92
N GLU C 211 31.14 39.01 1.57
CA GLU C 211 31.73 40.28 1.98
C GLU C 211 30.83 41.50 1.84
N ASP C 212 29.84 41.41 0.95
CA ASP C 212 28.92 42.52 0.74
C ASP C 212 27.48 42.07 0.93
N PHE C 213 27.26 41.16 1.87
CA PHE C 213 25.92 40.67 2.15
C PHE C 213 24.92 41.82 2.26
N ASN C 214 23.83 41.73 1.49
CA ASN C 214 22.78 42.75 1.49
C ASN C 214 23.17 44.20 1.20
N ALA C 215 24.32 44.39 0.57
CA ALA C 215 24.76 45.73 0.21
C ALA C 215 23.65 46.47 -0.54
N PRO C 216 22.99 45.81 -1.50
CA PRO C 216 21.91 46.43 -2.27
C PRO C 216 20.70 46.86 -1.44
N ASN C 217 20.44 46.14 -0.36
CA ASN C 217 19.30 46.45 0.50
C ASN C 217 19.69 46.36 1.97
N PRO C 218 20.49 47.33 2.44
CA PRO C 218 20.96 47.38 3.82
C PRO C 218 19.84 47.35 4.87
N HIS C 219 18.68 47.91 4.53
CA HIS C 219 17.56 47.96 5.46
C HIS C 219 16.99 46.58 5.83
N TYR C 220 17.40 45.54 5.10
CA TYR C 220 16.95 44.18 5.38
C TYR C 220 17.67 43.70 6.63
N GLY C 221 18.83 44.29 6.87
CA GLY C 221 19.65 43.92 8.00
C GLY C 221 21.00 43.52 7.44
N GLN C 222 22.02 43.43 8.28
CA GLN C 222 23.32 43.06 7.75
C GLN C 222 24.12 42.17 8.68
N LYS C 223 25.15 42.71 9.32
CA LYS C 223 25.99 41.92 10.21
C LYS C 223 25.52 41.68 11.65
N ASN C 224 25.82 40.48 12.14
CA ASN C 224 25.50 40.06 13.50
C ASN C 224 24.05 39.91 13.89
N LEU C 225 23.15 39.97 12.92
CA LEU C 225 21.74 39.85 13.28
C LEU C 225 21.35 38.44 13.72
N GLY C 226 22.15 37.45 13.35
CA GLY C 226 21.84 36.09 13.74
C GLY C 226 22.23 35.81 15.17
N LEU C 227 22.73 36.84 15.82
CA LEU C 227 23.17 36.76 17.21
C LEU C 227 22.48 37.84 18.05
N GLU C 228 22.13 38.95 17.42
CA GLU C 228 21.50 40.08 18.12
C GLU C 228 20.00 40.06 18.13
N THR C 229 19.39 39.24 17.29
CA THR C 229 17.94 39.16 17.26
C THR C 229 17.48 38.03 18.16
N TRP C 230 18.42 37.54 18.97
CA TRP C 230 18.17 36.46 19.94
C TRP C 230 18.72 36.89 21.29
N GLU C 231 18.15 36.36 22.36
CA GLU C 231 18.64 36.67 23.70
C GLU C 231 19.56 35.53 24.10
N GLY C 232 20.80 35.84 24.45
CA GLY C 232 21.74 34.82 24.85
C GLY C 232 22.02 33.75 23.81
N ASP C 233 21.97 32.49 24.23
CA ASP C 233 22.24 31.37 23.34
C ASP C 233 21.00 30.70 22.74
N ALA C 234 19.86 31.39 22.82
CA ALA C 234 18.61 30.86 22.28
C ALA C 234 18.76 30.38 20.83
N TRP C 235 19.62 31.05 20.08
CA TRP C 235 19.84 30.71 18.68
C TRP C 235 20.44 29.33 18.47
N LYS C 236 20.99 28.74 19.53
CA LYS C 236 21.60 27.42 19.41
C LYS C 236 20.58 26.31 19.13
N ILE C 237 19.30 26.65 19.27
CA ILE C 237 18.21 25.72 19.03
C ILE C 237 17.10 26.54 18.38
N GLY C 238 17.50 27.46 17.52
CA GLY C 238 16.57 28.35 16.85
C GLY C 238 15.78 27.80 15.69
N GLY C 239 16.29 26.80 15.01
CA GLY C 239 15.56 26.25 13.89
C GLY C 239 16.02 26.85 12.58
N GLY C 240 15.07 27.22 11.73
CA GLY C 240 15.43 27.79 10.44
C GLY C 240 15.84 26.71 9.46
N THR C 241 15.50 25.45 9.78
CA THR C 241 15.82 24.32 8.91
C THR C 241 15.16 24.49 7.55
N ASN C 242 15.88 24.16 6.48
CA ASN C 242 15.33 24.28 5.14
C ASN C 242 15.02 22.91 4.57
N TRP C 243 13.73 22.62 4.43
CA TRP C 243 13.29 21.34 3.89
C TRP C 243 12.38 21.52 2.68
N GLY C 244 12.40 22.71 2.08
CA GLY C 244 11.57 23.00 0.93
C GLY C 244 12.21 22.70 -0.41
N TRP C 245 12.29 23.71 -1.29
CA TRP C 245 12.88 23.53 -2.62
C TRP C 245 13.89 24.61 -3.00
N TYR C 246 14.68 24.32 -4.04
CA TYR C 246 15.69 25.25 -4.53
C TYR C 246 15.36 25.74 -5.94
N ALA C 247 16.11 26.76 -6.37
CA ALA C 247 16.01 27.36 -7.69
C ALA C 247 17.46 27.77 -8.01
N TYR C 248 17.81 27.87 -9.29
CA TYR C 248 19.17 28.24 -9.62
C TYR C 248 19.35 28.98 -10.93
N ASP C 249 20.05 30.11 -10.85
CA ASP C 249 20.35 30.92 -12.02
C ASP C 249 21.85 30.82 -12.25
N PRO C 250 22.28 29.94 -13.18
CA PRO C 250 23.70 29.75 -13.47
C PRO C 250 24.36 31.02 -14.02
N GLU C 251 23.54 31.97 -14.43
CA GLU C 251 24.03 33.23 -14.97
C GLU C 251 24.80 33.98 -13.88
N VAL C 252 24.14 34.21 -12.75
CA VAL C 252 24.76 34.89 -11.62
C VAL C 252 25.32 33.86 -10.63
N ASP C 253 25.28 32.60 -11.04
CA ASP C 253 25.76 31.49 -10.22
C ASP C 253 25.20 31.49 -8.81
N LEU C 254 23.90 31.77 -8.66
CA LEU C 254 23.26 31.80 -7.36
C LEU C 254 22.06 30.86 -7.25
N PHE C 255 21.92 30.20 -6.11
CA PHE C 255 20.78 29.31 -5.88
C PHE C 255 19.93 29.94 -4.79
N TYR C 256 18.65 29.57 -4.72
CA TYR C 256 17.75 30.17 -3.74
C TYR C 256 16.94 29.14 -2.98
N TYR C 257 16.66 29.45 -1.72
CA TYR C 257 15.89 28.56 -0.85
C TYR C 257 15.42 29.34 0.38
N GLY C 258 14.34 28.87 1.00
CA GLY C 258 13.82 29.56 2.17
C GLY C 258 14.09 28.84 3.48
N SER C 259 14.55 29.58 4.49
CA SER C 259 14.85 29.03 5.81
C SER C 259 13.56 28.84 6.63
N GLY C 260 13.52 27.75 7.39
CA GLY C 260 12.35 27.43 8.19
C GLY C 260 12.03 28.32 9.38
N ASN C 261 11.06 27.86 10.18
CA ASN C 261 10.60 28.58 11.36
C ASN C 261 11.56 28.48 12.55
N PRO C 262 11.41 29.40 13.52
CA PRO C 262 12.25 29.41 14.74
C PRO C 262 11.63 28.54 15.83
N ALA C 263 12.49 27.93 16.65
CA ALA C 263 12.02 27.08 17.75
C ALA C 263 12.17 27.80 19.09
N PRO C 264 11.23 27.59 20.02
CA PRO C 264 10.06 26.70 19.86
C PRO C 264 8.90 27.49 19.26
N TRP C 265 7.70 26.93 19.32
CA TRP C 265 6.53 27.63 18.79
C TRP C 265 6.11 28.68 19.81
N ASN C 266 6.48 28.47 21.06
CA ASN C 266 6.17 29.42 22.14
C ASN C 266 7.03 30.63 21.83
N GLU C 267 6.42 31.68 21.29
CA GLU C 267 7.14 32.89 20.92
C GLU C 267 7.74 33.61 22.10
N THR C 268 7.04 33.59 23.23
CA THR C 268 7.49 34.27 24.44
C THR C 268 8.86 33.79 24.96
N MET C 269 9.23 32.57 24.58
CA MET C 269 10.50 32.00 25.03
C MET C 269 11.70 32.45 24.20
N ARG C 270 11.45 33.13 23.09
CA ARG C 270 12.53 33.59 22.22
C ARG C 270 12.30 34.99 21.67
N PRO C 271 12.48 36.02 22.51
CA PRO C 271 12.28 37.39 22.04
C PRO C 271 13.34 37.77 21.01
N GLY C 272 12.96 38.62 20.05
CA GLY C 272 13.89 39.03 19.02
C GLY C 272 13.36 38.72 17.65
N ASP C 273 13.95 39.30 16.62
CA ASP C 273 13.50 39.05 15.26
C ASP C 273 13.75 37.60 14.87
N ASN C 274 14.70 36.97 15.59
CA ASN C 274 15.07 35.57 15.37
C ASN C 274 15.70 35.28 14.00
N LYS C 275 16.55 36.18 13.51
CA LYS C 275 17.19 35.94 12.22
C LYS C 275 18.26 34.86 12.36
N TRP C 276 18.52 34.11 11.29
CA TRP C 276 17.84 34.35 10.01
C TRP C 276 16.83 33.28 9.65
N THR C 277 15.81 33.14 10.48
CA THR C 277 14.75 32.19 10.21
C THR C 277 13.74 32.93 9.34
N MET C 278 12.89 32.19 8.64
CA MET C 278 11.86 32.80 7.80
C MET C 278 12.41 33.75 6.75
N ALA C 279 13.52 33.39 6.12
CA ALA C 279 14.13 34.26 5.13
C ALA C 279 14.29 33.66 3.75
N ILE C 280 14.44 34.53 2.76
CA ILE C 280 14.64 34.11 1.38
C ILE C 280 16.14 34.25 1.18
N TRP C 281 16.80 33.20 0.69
CA TRP C 281 18.24 33.29 0.52
C TRP C 281 18.78 33.27 -0.91
N GLY C 282 19.88 34.00 -1.09
CA GLY C 282 20.54 34.06 -2.38
C GLY C 282 22.00 33.77 -2.05
N ARG C 283 22.48 32.57 -2.37
CA ARG C 283 23.86 32.21 -2.06
C ARG C 283 24.65 31.76 -3.29
N GLU C 284 25.97 31.88 -3.22
CA GLU C 284 26.80 31.46 -4.33
C GLU C 284 26.88 29.94 -4.28
N ALA C 285 26.64 29.30 -5.40
CA ALA C 285 26.65 27.84 -5.45
C ALA C 285 28.04 27.26 -5.13
N THR C 286 29.10 27.98 -5.49
CA THR C 286 30.43 27.46 -5.27
C THR C 286 30.99 27.67 -3.86
N THR C 287 30.53 28.71 -3.18
CA THR C 287 31.01 29.01 -1.84
C THR C 287 29.92 28.85 -0.78
N GLY C 288 28.69 29.12 -1.18
CA GLY C 288 27.58 29.02 -0.25
C GLY C 288 27.41 30.35 0.47
N GLU C 289 28.26 31.31 0.13
CA GLU C 289 28.21 32.63 0.74
C GLU C 289 27.00 33.40 0.25
N ALA C 290 26.24 33.97 1.18
CA ALA C 290 25.03 34.73 0.87
C ALA C 290 25.29 36.11 0.27
N LYS C 291 24.59 36.41 -0.82
CA LYS C 291 24.70 37.70 -1.48
C LYS C 291 23.57 38.59 -0.96
N PHE C 292 22.47 37.97 -0.57
CA PHE C 292 21.32 38.69 -0.01
C PHE C 292 20.38 37.78 0.75
N ALA C 293 19.57 38.38 1.62
CA ALA C 293 18.61 37.63 2.41
C ALA C 293 17.53 38.55 2.94
N TYR C 294 16.29 38.09 2.83
CA TYR C 294 15.16 38.87 3.29
C TYR C 294 14.36 38.00 4.25
N GLN C 295 14.03 38.55 5.42
CA GLN C 295 13.25 37.80 6.39
C GLN C 295 11.80 38.21 6.22
N LYS C 296 10.99 37.28 5.74
CA LYS C 296 9.57 37.51 5.51
C LYS C 296 8.76 37.63 6.79
N THR C 297 9.09 36.81 7.78
CA THR C 297 8.35 36.83 9.05
C THR C 297 9.26 36.93 10.27
N PRO C 298 9.73 38.14 10.60
CA PRO C 298 10.60 38.29 11.78
C PRO C 298 9.83 37.93 13.05
N HIS C 299 10.51 37.29 13.99
CA HIS C 299 9.90 36.84 15.24
C HIS C 299 8.58 36.12 14.95
N ASP C 300 8.71 34.91 14.42
CA ASP C 300 7.56 34.11 14.09
C ASP C 300 6.73 33.83 15.34
N GLU C 301 5.42 33.76 15.15
CA GLU C 301 4.51 33.49 16.26
C GLU C 301 3.45 32.51 15.79
N TRP C 302 3.56 32.02 14.55
CA TRP C 302 2.54 31.14 14.02
C TRP C 302 3.01 29.88 13.32
N ASP C 303 4.32 29.67 13.28
CA ASP C 303 4.90 28.50 12.61
C ASP C 303 4.77 28.65 11.09
N TYR C 304 4.92 29.86 10.59
CA TYR C 304 4.84 30.10 9.15
C TYR C 304 6.19 29.78 8.52
N ALA C 305 6.68 28.56 8.75
CA ALA C 305 7.97 28.13 8.21
C ALA C 305 8.17 28.65 6.78
N GLY C 306 9.25 29.38 6.56
CA GLY C 306 9.49 29.93 5.23
C GLY C 306 10.35 29.09 4.32
N VAL C 307 9.91 27.88 4.03
CA VAL C 307 10.66 26.98 3.17
C VAL C 307 9.99 26.67 1.85
N ASN C 308 8.83 27.28 1.58
CA ASN C 308 8.11 27.02 0.35
C ASN C 308 8.89 27.11 -0.96
N VAL C 309 8.20 26.85 -2.06
CA VAL C 309 8.79 26.84 -3.39
C VAL C 309 9.31 28.18 -3.95
N MET C 310 10.35 28.09 -4.77
CA MET C 310 10.99 29.24 -5.39
C MET C 310 10.86 29.13 -6.91
N MET C 311 9.91 29.87 -7.49
CA MET C 311 9.70 29.83 -8.94
C MET C 311 10.34 31.02 -9.67
N LEU C 312 11.36 30.74 -10.48
CA LEU C 312 12.10 31.78 -11.22
C LEU C 312 11.48 32.17 -12.55
N SER C 313 11.45 33.47 -12.82
CA SER C 313 10.91 33.96 -14.09
C SER C 313 11.61 35.25 -14.46
N GLU C 314 11.47 35.66 -15.72
CA GLU C 314 12.07 36.90 -16.22
C GLU C 314 10.94 37.75 -16.74
N GLN C 315 10.46 38.67 -15.90
CA GLN C 315 9.36 39.55 -16.29
C GLN C 315 9.73 41.04 -16.33
N GLU C 316 8.73 41.88 -16.45
CA GLU C 316 8.95 43.31 -16.52
C GLU C 316 8.32 44.03 -15.32
N ASP C 317 9.08 44.92 -14.69
CA ASP C 317 8.60 45.68 -13.52
C ASP C 317 7.33 46.43 -13.82
N LYS C 318 7.07 47.44 -13.01
CA LYS C 318 5.91 48.29 -13.19
C LYS C 318 6.49 49.59 -13.74
N GLN C 319 7.81 49.65 -13.79
CA GLN C 319 8.53 50.81 -14.31
C GLN C 319 9.09 50.44 -15.67
N GLY C 320 8.68 49.29 -16.16
CA GLY C 320 9.12 48.81 -17.47
C GLY C 320 10.53 48.25 -17.52
N GLN C 321 11.10 47.94 -16.37
CA GLN C 321 12.45 47.39 -16.33
C GLN C 321 12.47 45.85 -16.34
N MET C 322 13.08 45.26 -17.36
CA MET C 322 13.16 43.81 -17.44
C MET C 322 13.99 43.28 -16.28
N ARG C 323 13.39 42.42 -15.47
CA ARG C 323 14.06 41.85 -14.31
C ARG C 323 14.02 40.35 -14.16
N LYS C 324 15.14 39.78 -13.73
CA LYS C 324 15.23 38.36 -13.47
C LYS C 324 14.56 38.20 -12.10
N LEU C 325 13.39 37.58 -12.08
CA LEU C 325 12.65 37.43 -10.84
C LEU C 325 12.71 36.09 -10.10
N LEU C 326 11.85 36.02 -9.08
CA LEU C 326 11.72 34.87 -8.21
C LEU C 326 10.42 35.11 -7.45
N THR C 327 9.45 34.22 -7.61
CA THR C 327 8.18 34.36 -6.90
C THR C 327 8.18 33.29 -5.82
N HIS C 328 7.62 33.63 -4.66
CA HIS C 328 7.64 32.73 -3.51
C HIS C 328 6.36 32.83 -2.65
N PRO C 329 5.45 31.84 -2.79
CA PRO C 329 4.20 31.84 -2.02
C PRO C 329 4.47 31.22 -0.65
N ASP C 330 4.56 32.07 0.36
CA ASP C 330 4.86 31.65 1.72
C ASP C 330 3.69 31.24 2.60
N ARG C 331 4.01 30.50 3.66
CA ARG C 331 3.01 30.03 4.61
C ARG C 331 2.26 31.14 5.29
N ASN C 332 2.88 32.30 5.44
CA ASN C 332 2.20 33.40 6.11
C ASN C 332 1.04 33.95 5.29
N GLY C 333 0.81 33.38 4.12
CA GLY C 333 -0.27 33.85 3.29
C GLY C 333 0.10 34.96 2.31
N ILE C 334 1.40 35.25 2.21
CA ILE C 334 1.90 36.27 1.31
C ILE C 334 2.76 35.63 0.23
N VAL C 335 2.58 36.08 -1.01
CA VAL C 335 3.38 35.56 -2.11
C VAL C 335 4.38 36.67 -2.45
N TYR C 336 5.67 36.37 -2.31
CA TYR C 336 6.71 37.36 -2.57
C TYR C 336 7.41 37.27 -3.92
N THR C 337 7.88 38.41 -4.42
CA THR C 337 8.61 38.47 -5.68
C THR C 337 9.79 39.41 -5.49
N LEU C 338 11.00 38.88 -5.71
CA LEU C 338 12.21 39.67 -5.56
C LEU C 338 13.07 39.52 -6.80
N ASP C 339 14.08 40.39 -6.90
CA ASP C 339 15.00 40.35 -8.02
C ASP C 339 16.05 39.32 -7.60
N ARG C 340 16.00 38.13 -8.19
CA ARG C 340 16.92 37.06 -7.82
C ARG C 340 18.41 37.35 -7.96
N THR C 341 18.76 38.56 -8.41
CA THR C 341 20.17 38.91 -8.56
C THR C 341 20.50 40.01 -7.59
N ASN C 342 19.50 40.85 -7.36
CA ASN C 342 19.57 42.02 -6.50
C ASN C 342 19.12 41.71 -5.08
N GLY C 343 17.82 41.47 -4.93
CA GLY C 343 17.25 41.19 -3.63
C GLY C 343 16.10 42.15 -3.43
N ASP C 344 15.93 43.03 -4.40
CA ASP C 344 14.84 44.02 -4.34
C ASP C 344 13.49 43.37 -4.15
N LEU C 345 12.66 44.00 -3.31
CA LEU C 345 11.33 43.49 -3.05
C LEU C 345 10.35 44.10 -4.04
N ILE C 346 10.11 43.41 -5.16
CA ILE C 346 9.19 43.90 -6.18
C ILE C 346 7.71 43.79 -5.82
N SER C 347 7.28 42.60 -5.38
CA SER C 347 5.88 42.36 -5.00
C SER C 347 5.76 41.53 -3.73
N ALA C 348 4.65 41.71 -3.02
CA ALA C 348 4.40 40.98 -1.79
C ALA C 348 2.92 41.07 -1.46
N ASP C 349 2.10 40.32 -2.20
CA ASP C 349 0.65 40.36 -2.01
C ASP C 349 0.09 39.21 -1.18
N LYS C 350 -1.16 39.38 -0.78
CA LYS C 350 -1.89 38.38 0.00
C LYS C 350 -2.51 37.37 -0.93
N MET C 351 -2.18 36.09 -0.76
CA MET C 351 -2.74 35.03 -1.59
C MET C 351 -4.25 34.96 -1.43
N ASP C 352 -4.77 35.64 -0.40
CA ASP C 352 -6.20 35.66 -0.13
C ASP C 352 -6.50 36.72 0.94
N ASP C 353 -7.59 37.45 0.78
CA ASP C 353 -7.95 38.52 1.71
C ASP C 353 -8.26 38.13 3.16
N THR C 354 -8.34 36.85 3.45
CA THR C 354 -8.63 36.43 4.82
C THR C 354 -7.40 36.46 5.73
N VAL C 355 -6.21 36.50 5.15
CA VAL C 355 -4.97 36.57 5.93
C VAL C 355 -5.12 37.74 6.90
N ASN C 356 -4.97 37.49 8.20
CA ASN C 356 -5.13 38.59 9.16
C ASN C 356 -4.03 38.84 10.18
N TRP C 357 -2.92 38.10 10.12
CA TRP C 357 -1.85 38.36 11.09
C TRP C 357 -1.11 39.62 10.68
N VAL C 358 -1.25 39.99 9.41
CA VAL C 358 -0.61 41.19 8.89
C VAL C 358 -1.61 42.14 8.28
N LYS C 359 -1.29 43.43 8.35
CA LYS C 359 -2.11 44.46 7.77
C LYS C 359 -1.65 44.53 6.31
N GLU C 360 -0.35 44.72 6.12
CA GLU C 360 0.23 44.81 4.79
C GLU C 360 1.75 44.77 4.88
N VAL C 361 2.40 44.51 3.75
CA VAL C 361 3.85 44.49 3.72
C VAL C 361 4.33 45.75 3.03
N GLN C 362 4.88 46.67 3.80
CA GLN C 362 5.38 47.92 3.24
C GLN C 362 6.52 47.57 2.30
N LEU C 363 6.34 47.88 1.02
CA LEU C 363 7.35 47.59 0.02
C LEU C 363 8.62 48.43 0.18
N ASP C 364 8.48 49.61 0.80
CA ASP C 364 9.63 50.49 1.01
C ASP C 364 10.57 50.00 2.12
N THR C 365 10.02 49.78 3.31
CA THR C 365 10.81 49.30 4.45
C THR C 365 11.05 47.80 4.29
N GLY C 366 10.04 47.11 3.77
CA GLY C 366 10.11 45.67 3.56
C GLY C 366 9.55 44.94 4.77
N LEU C 367 8.89 45.69 5.65
CA LEU C 367 8.35 45.13 6.88
C LEU C 367 6.85 44.83 6.90
N PRO C 368 6.46 43.72 7.57
CA PRO C 368 5.08 43.29 7.70
C PRO C 368 4.43 44.02 8.87
N VAL C 369 3.51 44.93 8.60
CA VAL C 369 2.85 45.64 9.69
C VAL C 369 1.96 44.62 10.38
N ARG C 370 2.32 44.25 11.60
CA ARG C 370 1.58 43.26 12.37
C ARG C 370 0.29 43.81 12.96
N ASP C 371 -0.63 42.90 13.23
CA ASP C 371 -1.92 43.25 13.84
C ASP C 371 -1.96 42.47 15.15
N PRO C 372 -1.63 43.16 16.27
CA PRO C 372 -1.59 42.62 17.63
C PRO C 372 -2.77 41.73 18.04
N GLU C 373 -3.91 41.92 17.41
CA GLU C 373 -5.06 41.13 17.75
C GLU C 373 -4.88 39.70 17.27
N PHE C 374 -3.97 39.50 16.32
CA PHE C 374 -3.74 38.15 15.77
C PHE C 374 -2.35 37.56 15.98
N GLY C 375 -1.63 38.05 16.98
CA GLY C 375 -0.32 37.52 17.28
C GLY C 375 -0.55 36.54 18.41
N THR C 376 0.48 35.85 18.87
CA THR C 376 0.31 34.90 19.97
C THR C 376 1.22 35.29 21.11
N ARG C 377 0.94 34.77 22.29
CA ARG C 377 1.73 35.08 23.47
C ARG C 377 1.26 34.27 24.66
N MET C 378 2.16 34.01 25.61
CA MET C 378 1.82 33.25 26.80
C MET C 378 0.57 33.73 27.51
N ASP C 379 -0.11 32.83 28.20
CA ASP C 379 -1.30 33.14 28.95
C ASP C 379 -2.42 33.79 28.15
N HIS C 380 -2.43 33.49 26.85
CA HIS C 380 -3.46 34.05 25.97
C HIS C 380 -3.80 33.06 24.86
N LYS C 381 -5.09 32.85 24.65
CA LYS C 381 -5.53 31.96 23.59
C LYS C 381 -6.05 32.81 22.45
N ALA C 382 -5.24 32.98 21.41
CA ALA C 382 -5.62 33.76 20.24
C ALA C 382 -6.63 32.94 19.42
N ARG C 383 -7.60 33.62 18.83
CA ARG C 383 -8.61 32.91 18.05
C ARG C 383 -8.76 33.45 16.63
N ASP C 384 -9.06 32.54 15.72
CA ASP C 384 -9.27 32.87 14.31
C ASP C 384 -8.10 33.46 13.53
N ILE C 385 -6.91 32.93 13.74
CA ILE C 385 -5.73 33.42 13.02
C ILE C 385 -5.61 32.78 11.64
N CYS C 386 -5.33 33.58 10.62
CA CYS C 386 -5.18 33.06 9.26
C CYS C 386 -3.94 33.67 8.61
N PRO C 387 -3.09 32.81 8.01
CA PRO C 387 -3.26 31.37 7.94
C PRO C 387 -2.98 30.65 9.25
N SER C 388 -3.27 29.34 9.28
CA SER C 388 -3.04 28.53 10.46
C SER C 388 -1.59 28.10 10.38
N ALA C 389 -1.17 27.27 11.33
CA ALA C 389 0.22 26.80 11.35
C ALA C 389 0.57 26.07 10.06
N MET C 390 -0.43 25.46 9.42
CA MET C 390 -0.21 24.76 8.16
C MET C 390 -0.03 25.76 7.03
N GLY C 391 -0.44 26.99 7.29
CA GLY C 391 -0.32 28.07 6.33
C GLY C 391 -1.31 28.03 5.20
N TYR C 392 -1.34 29.09 4.39
CA TYR C 392 -2.24 29.12 3.25
C TYR C 392 -1.51 28.46 2.08
N HIS C 393 -0.28 28.07 2.32
CA HIS C 393 0.48 27.37 1.32
C HIS C 393 1.57 26.54 1.98
N ASN C 394 1.72 25.30 1.55
CA ASN C 394 2.73 24.44 2.14
C ASN C 394 3.76 23.89 1.14
N GLN C 395 4.30 22.73 1.44
CA GLN C 395 5.33 22.09 0.62
C GLN C 395 5.05 21.90 -0.87
N GLY C 396 3.79 22.01 -1.27
CA GLY C 396 3.45 21.81 -2.66
C GLY C 396 4.26 22.64 -3.64
N HIS C 397 4.97 21.98 -4.56
CA HIS C 397 5.79 22.68 -5.55
C HIS C 397 4.88 23.11 -6.71
N ASP C 398 4.60 24.40 -6.79
CA ASP C 398 3.72 24.91 -7.82
C ASP C 398 4.36 25.11 -9.18
N SER C 399 3.65 25.79 -10.07
CA SER C 399 4.13 26.03 -11.43
C SER C 399 3.87 27.43 -11.96
N TYR C 400 4.61 27.78 -13.00
CA TYR C 400 4.50 29.06 -13.67
C TYR C 400 4.40 28.85 -15.18
N ASP C 401 3.48 29.57 -15.82
CA ASP C 401 3.30 29.50 -17.27
C ASP C 401 3.95 30.76 -17.88
N PRO C 402 5.11 30.61 -18.54
CA PRO C 402 5.81 31.74 -19.16
C PRO C 402 5.00 32.56 -20.15
N GLU C 403 4.29 31.85 -21.02
CA GLU C 403 3.47 32.46 -22.06
C GLU C 403 2.28 33.25 -21.52
N ARG C 404 1.57 32.68 -20.56
CA ARG C 404 0.43 33.35 -19.97
C ARG C 404 0.89 34.27 -18.84
N LYS C 405 2.15 34.14 -18.47
CA LYS C 405 2.76 34.94 -17.41
C LYS C 405 1.99 34.91 -16.08
N VAL C 406 1.63 33.72 -15.64
CA VAL C 406 0.91 33.55 -14.38
C VAL C 406 1.45 32.37 -13.56
N PHE C 407 1.04 32.31 -12.30
CA PHE C 407 1.46 31.26 -11.40
C PHE C 407 0.24 30.49 -10.91
N MET C 408 0.23 29.18 -11.18
CA MET C 408 -0.85 28.30 -10.77
C MET C 408 -0.53 27.89 -9.34
N LEU C 409 -1.22 28.49 -8.37
CA LEU C 409 -0.98 28.22 -6.96
C LEU C 409 -1.96 27.27 -6.28
N GLY C 410 -1.42 26.24 -5.63
CA GLY C 410 -2.24 25.29 -4.90
C GLY C 410 -2.26 25.82 -3.47
N ILE C 411 -3.42 26.31 -3.04
CA ILE C 411 -3.57 26.93 -1.72
C ILE C 411 -4.41 26.19 -0.67
N ASN C 412 -4.10 26.49 0.59
CA ASN C 412 -4.80 25.91 1.74
C ASN C 412 -5.64 27.03 2.34
N HIS C 413 -6.81 26.67 2.88
CA HIS C 413 -7.69 27.66 3.52
C HIS C 413 -7.93 27.17 4.95
N ILE C 414 -6.93 27.35 5.79
CA ILE C 414 -6.99 26.91 7.18
C ILE C 414 -6.54 27.99 8.16
N CYS C 415 -7.35 28.23 9.19
CA CYS C 415 -7.02 29.22 10.21
C CYS C 415 -6.90 28.44 11.52
N MET C 416 -6.72 29.12 12.65
CA MET C 416 -6.54 28.38 13.90
C MET C 416 -6.69 29.16 15.21
N ASP C 417 -6.75 28.40 16.31
CA ASP C 417 -6.80 28.93 17.67
C ASP C 417 -5.41 28.51 18.17
N TRP C 418 -4.74 29.38 18.92
CA TRP C 418 -3.40 29.07 19.38
C TRP C 418 -3.20 29.42 20.86
N GLU C 419 -2.47 28.55 21.56
CA GLU C 419 -2.20 28.71 22.98
C GLU C 419 -0.85 28.11 23.35
N PRO C 420 0.14 28.96 23.64
CA PRO C 420 1.50 28.51 24.02
C PRO C 420 1.60 28.01 25.46
N PHE C 421 2.74 27.38 25.78
CA PHE C 421 3.00 26.86 27.12
C PHE C 421 4.49 26.61 27.31
N MET C 422 4.97 26.81 28.54
CA MET C 422 6.38 26.62 28.84
C MET C 422 6.81 25.15 28.84
N LEU C 423 8.04 24.90 28.41
CA LEU C 423 8.59 23.54 28.38
C LEU C 423 10.10 23.55 28.14
N PRO C 424 10.79 22.58 28.76
CA PRO C 424 12.25 22.46 28.63
C PRO C 424 12.71 21.88 27.31
N TYR C 425 13.92 22.24 26.91
CA TYR C 425 14.49 21.71 25.69
C TYR C 425 15.29 20.47 26.09
N ARG C 426 15.06 19.36 25.41
CA ARG C 426 15.77 18.12 25.68
C ARG C 426 16.18 17.50 24.35
N ALA C 427 17.46 17.63 24.00
CA ALA C 427 18.00 17.10 22.75
C ALA C 427 17.37 15.76 22.35
N GLY C 428 16.71 15.75 21.20
CA GLY C 428 16.08 14.52 20.72
C GLY C 428 14.60 14.42 21.05
N GLN C 429 14.10 15.36 21.85
CA GLN C 429 12.69 15.38 22.23
C GLN C 429 12.00 16.57 21.61
N PHE C 430 10.70 16.43 21.36
CA PHE C 430 9.94 17.51 20.76
C PHE C 430 9.97 18.79 21.57
N PHE C 431 10.14 19.91 20.87
CA PHE C 431 10.24 21.22 21.49
C PHE C 431 9.30 22.21 20.80
N VAL C 432 8.01 21.91 20.86
CA VAL C 432 6.99 22.75 20.24
C VAL C 432 6.47 23.81 21.21
N GLY C 433 5.61 23.42 22.14
CA GLY C 433 5.10 24.36 23.12
C GLY C 433 3.86 25.15 22.73
N ALA C 434 2.88 24.48 22.15
CA ALA C 434 1.66 25.17 21.77
C ALA C 434 0.52 24.21 21.47
N THR C 435 -0.68 24.60 21.86
CA THR C 435 -1.85 23.78 21.62
C THR C 435 -2.69 24.51 20.58
N LEU C 436 -3.04 23.81 19.50
CA LEU C 436 -3.82 24.41 18.43
C LEU C 436 -5.08 23.67 18.06
N THR C 437 -6.00 24.41 17.45
CA THR C 437 -7.27 23.89 16.98
C THR C 437 -7.41 24.51 15.60
N MET C 438 -7.26 23.70 14.57
CA MET C 438 -7.39 24.19 13.22
C MET C 438 -8.76 23.91 12.63
N TYR C 439 -9.15 24.71 11.63
CA TYR C 439 -10.45 24.57 11.01
C TYR C 439 -10.50 25.35 9.70
N PRO C 440 -11.57 25.16 8.92
CA PRO C 440 -11.73 25.85 7.62
C PRO C 440 -11.81 27.37 7.75
N GLY C 441 -11.17 28.05 6.80
CA GLY C 441 -11.18 29.50 6.79
C GLY C 441 -12.60 30.04 6.64
N PRO C 442 -12.76 31.37 6.65
CA PRO C 442 -14.09 31.97 6.51
C PRO C 442 -14.80 31.61 5.21
N LYS C 443 -14.03 31.39 4.15
CA LYS C 443 -14.62 31.06 2.86
C LYS C 443 -14.98 29.58 2.73
N GLY C 444 -14.82 28.83 3.81
CA GLY C 444 -15.15 27.41 3.78
C GLY C 444 -16.26 27.06 4.75
N ASP C 445 -16.59 25.79 4.83
CA ASP C 445 -17.65 25.34 5.73
C ASP C 445 -17.04 24.76 7.01
N ARG C 446 -17.07 25.55 8.08
CA ARG C 446 -16.51 25.15 9.35
C ARG C 446 -17.43 24.21 10.13
N GLY C 447 -18.71 24.19 9.78
CA GLY C 447 -19.64 23.31 10.45
C GLY C 447 -19.39 21.87 10.05
N ASN C 448 -19.31 21.63 8.74
CA ASN C 448 -19.07 20.30 8.21
C ASN C 448 -17.61 19.97 7.95
N ALA C 449 -16.72 20.88 8.33
CA ALA C 449 -15.28 20.66 8.16
C ALA C 449 -14.87 20.40 6.72
N SER C 450 -15.40 21.17 5.78
CA SER C 450 -15.03 21.01 4.38
C SER C 450 -14.64 22.34 3.74
N GLY C 451 -13.96 22.28 2.59
CA GLY C 451 -13.53 23.48 1.92
C GLY C 451 -12.28 24.05 2.57
N LEU C 452 -11.15 23.40 2.35
CA LEU C 452 -9.89 23.85 2.93
C LEU C 452 -8.81 24.10 1.89
N GLY C 453 -9.23 24.22 0.62
CA GLY C 453 -8.26 24.46 -0.43
C GLY C 453 -8.73 25.37 -1.53
N GLN C 454 -7.78 25.90 -2.29
CA GLN C 454 -8.07 26.80 -3.39
C GLN C 454 -6.99 26.69 -4.44
N ILE C 455 -7.36 26.94 -5.69
CA ILE C 455 -6.43 26.91 -6.80
C ILE C 455 -6.66 28.26 -7.50
N LYS C 456 -5.62 29.06 -7.62
CA LYS C 456 -5.74 30.37 -8.25
C LYS C 456 -4.61 30.67 -9.23
N ALA C 457 -4.94 31.41 -10.29
CA ALA C 457 -3.95 31.82 -11.28
C ALA C 457 -3.56 33.24 -10.87
N TYR C 458 -2.30 33.40 -10.47
CA TYR C 458 -1.82 34.68 -9.98
C TYR C 458 -0.77 35.37 -10.84
N ASP C 459 -0.99 36.65 -11.09
CA ASP C 459 -0.08 37.47 -11.87
C ASP C 459 0.77 38.24 -10.86
N ALA C 460 2.08 38.03 -10.91
CA ALA C 460 3.00 38.67 -9.96
C ALA C 460 3.05 40.19 -10.03
N ILE C 461 3.37 40.71 -11.21
CA ILE C 461 3.47 42.16 -11.40
C ILE C 461 2.16 42.90 -11.13
N SER C 462 1.07 42.48 -11.74
CA SER C 462 -0.20 43.17 -11.51
C SER C 462 -0.76 42.82 -10.15
N GLY C 463 -0.38 41.66 -9.64
CA GLY C 463 -0.88 41.21 -8.36
C GLY C 463 -2.33 40.80 -8.44
N GLU C 464 -2.76 40.42 -9.65
CA GLU C 464 -4.13 40.02 -9.91
C GLU C 464 -4.38 38.52 -9.89
N MET C 465 -5.61 38.14 -9.56
CA MET C 465 -5.99 36.73 -9.53
C MET C 465 -6.88 36.41 -10.72
N LYS C 466 -6.26 36.11 -11.86
CA LYS C 466 -6.98 35.77 -13.08
C LYS C 466 -8.26 34.99 -12.77
N TRP C 467 -8.11 33.83 -12.12
CA TRP C 467 -9.27 33.03 -11.73
C TRP C 467 -9.03 32.29 -10.41
N GLU C 468 -10.13 32.02 -9.71
CA GLU C 468 -10.08 31.33 -8.43
C GLU C 468 -11.06 30.18 -8.40
N LYS C 469 -10.64 29.08 -7.80
CA LYS C 469 -11.49 27.91 -7.68
C LYS C 469 -11.31 27.28 -6.30
N MET C 470 -12.42 26.92 -5.67
CA MET C 470 -12.43 26.34 -4.32
C MET C 470 -12.42 24.81 -4.33
N GLU C 471 -11.57 24.21 -3.49
CA GLU C 471 -11.46 22.74 -3.37
C GLU C 471 -11.97 22.33 -1.99
N ARG C 472 -12.52 21.13 -1.85
CA ARG C 472 -13.03 20.73 -0.55
C ARG C 472 -11.88 20.43 0.42
N PHE C 473 -10.70 20.19 -0.13
CA PHE C 473 -9.52 19.91 0.67
C PHE C 473 -8.35 20.74 0.19
N SER C 474 -7.42 21.01 1.10
CA SER C 474 -6.25 21.81 0.77
C SER C 474 -5.50 21.21 -0.40
N VAL C 475 -5.36 21.96 -1.48
CA VAL C 475 -4.59 21.44 -2.60
C VAL C 475 -3.16 21.53 -2.04
N TRP C 476 -2.68 20.38 -1.56
CA TRP C 476 -1.39 20.26 -0.89
C TRP C 476 -0.16 19.85 -1.69
N GLY C 477 -0.35 19.23 -2.86
CA GLY C 477 0.80 18.76 -3.61
C GLY C 477 1.40 19.54 -4.77
N GLY C 478 1.10 20.83 -4.89
CA GLY C 478 1.66 21.58 -5.99
C GLY C 478 0.88 21.41 -7.27
N THR C 479 1.36 22.02 -8.36
CA THR C 479 0.69 21.95 -9.64
C THR C 479 1.70 21.92 -10.78
N MET C 480 1.20 21.67 -11.99
CA MET C 480 2.03 21.64 -13.20
C MET C 480 1.25 22.26 -14.34
N ALA C 481 1.90 23.13 -15.09
CA ALA C 481 1.27 23.79 -16.24
C ALA C 481 1.95 23.41 -17.55
N THR C 482 1.17 23.33 -18.63
CA THR C 482 1.72 22.95 -19.92
C THR C 482 1.35 23.94 -21.03
N ALA C 483 2.12 23.87 -22.12
CA ALA C 483 1.90 24.73 -23.27
C ALA C 483 0.53 24.48 -23.93
N GLY C 484 -0.09 23.35 -23.60
CA GLY C 484 -1.39 23.01 -24.15
C GLY C 484 -2.56 23.75 -23.50
N GLY C 485 -2.25 24.66 -22.60
CA GLY C 485 -3.30 25.42 -21.93
C GLY C 485 -3.92 24.69 -20.76
N LEU C 486 -3.19 23.72 -20.23
CA LEU C 486 -3.67 22.92 -19.12
C LEU C 486 -2.79 23.04 -17.88
N THR C 487 -3.43 22.91 -16.72
CA THR C 487 -2.73 22.97 -15.45
C THR C 487 -3.23 21.77 -14.63
N PHE C 488 -2.33 20.81 -14.39
CA PHE C 488 -2.68 19.61 -13.63
C PHE C 488 -2.30 19.72 -12.18
N TYR C 489 -3.05 19.03 -11.35
CA TYR C 489 -2.77 18.99 -9.93
C TYR C 489 -3.66 17.90 -9.37
N ALA C 490 -3.28 17.35 -8.23
CA ALA C 490 -4.08 16.31 -7.63
C ALA C 490 -4.57 16.75 -6.26
N THR C 491 -5.63 16.11 -5.80
CA THR C 491 -6.23 16.46 -4.52
C THR C 491 -6.04 15.40 -3.45
N LEU C 492 -6.37 15.76 -2.21
CA LEU C 492 -6.25 14.84 -1.08
C LEU C 492 -7.34 13.76 -1.15
N ASP C 493 -8.51 14.10 -1.70
CA ASP C 493 -9.56 13.09 -1.82
C ASP C 493 -9.34 12.11 -2.96
N GLY C 494 -8.11 12.01 -3.45
CA GLY C 494 -7.79 11.04 -4.50
C GLY C 494 -8.04 11.28 -5.98
N PHE C 495 -7.94 12.53 -6.44
CA PHE C 495 -8.13 12.84 -7.86
C PHE C 495 -6.98 13.58 -8.47
N ILE C 496 -6.80 13.39 -9.77
CA ILE C 496 -5.79 14.12 -10.52
C ILE C 496 -6.66 14.90 -11.51
N LYS C 497 -6.64 16.22 -11.41
CA LYS C 497 -7.47 17.05 -12.28
C LYS C 497 -6.67 17.92 -13.22
N ALA C 498 -7.36 18.38 -14.26
CA ALA C 498 -6.78 19.25 -15.27
C ALA C 498 -7.77 20.40 -15.49
N ARG C 499 -7.31 21.64 -15.25
CA ARG C 499 -8.16 22.80 -15.44
C ARG C 499 -7.68 23.67 -16.61
N ASP C 500 -8.59 24.47 -17.15
CA ASP C 500 -8.28 25.38 -18.24
C ASP C 500 -7.44 26.49 -17.61
N SER C 501 -6.20 26.63 -18.06
CA SER C 501 -5.29 27.62 -17.51
C SER C 501 -5.72 29.09 -17.71
N ASP C 502 -6.70 29.32 -18.58
CA ASP C 502 -7.18 30.67 -18.85
C ASP C 502 -8.49 30.98 -18.15
N THR C 503 -9.32 29.97 -17.97
CA THR C 503 -10.62 30.15 -17.37
C THR C 503 -10.78 29.40 -16.04
N GLY C 504 -9.80 28.55 -15.74
CA GLY C 504 -9.83 27.77 -14.52
C GLY C 504 -10.94 26.74 -14.51
N ASP C 505 -11.45 26.37 -15.68
CA ASP C 505 -12.51 25.38 -15.75
C ASP C 505 -11.98 23.97 -15.67
N LEU C 506 -12.76 23.08 -15.07
CA LEU C 506 -12.40 21.67 -14.92
C LEU C 506 -12.75 20.88 -16.17
N LEU C 507 -11.73 20.43 -16.88
CA LEU C 507 -11.89 19.69 -18.12
C LEU C 507 -11.79 18.17 -17.97
N TRP C 508 -11.18 17.70 -16.89
CA TRP C 508 -10.99 16.27 -16.71
C TRP C 508 -10.42 15.92 -15.33
N LYS C 509 -10.65 14.68 -14.90
CA LYS C 509 -10.16 14.18 -13.62
C LYS C 509 -10.30 12.67 -13.56
N PHE C 510 -9.43 12.04 -12.78
CA PHE C 510 -9.48 10.59 -12.64
C PHE C 510 -9.37 10.24 -11.16
N LYS C 511 -10.10 9.22 -10.74
CA LYS C 511 -10.07 8.79 -9.35
C LYS C 511 -8.90 7.83 -9.14
N LEU C 512 -7.83 8.35 -8.55
CA LEU C 512 -6.63 7.56 -8.27
C LEU C 512 -6.87 6.66 -7.05
N PRO C 513 -5.97 5.71 -6.78
CA PRO C 513 -6.14 4.81 -5.63
C PRO C 513 -6.22 5.53 -4.29
N SER C 514 -5.42 6.58 -4.13
CA SER C 514 -5.38 7.34 -2.88
C SER C 514 -5.13 8.83 -3.13
N GLY C 515 -5.26 9.63 -2.08
CA GLY C 515 -5.06 11.07 -2.19
C GLY C 515 -3.65 11.42 -2.59
N VAL C 516 -3.46 12.63 -3.12
CA VAL C 516 -2.15 13.09 -3.58
C VAL C 516 -1.54 14.25 -2.81
N ILE C 517 -0.22 14.21 -2.63
CA ILE C 517 0.49 15.25 -1.92
C ILE C 517 1.79 15.60 -2.62
N GLY C 518 1.98 15.05 -3.81
CA GLY C 518 3.18 15.32 -4.59
C GLY C 518 2.73 16.05 -5.85
N HIS C 519 3.67 16.57 -6.64
CA HIS C 519 3.24 17.26 -7.84
C HIS C 519 3.39 16.42 -9.10
N PRO C 520 2.52 16.68 -10.10
CA PRO C 520 2.55 15.95 -11.38
C PRO C 520 3.72 16.34 -12.25
N MET C 521 4.03 15.50 -13.23
CA MET C 521 5.12 15.79 -14.13
C MET C 521 4.77 15.19 -15.48
N THR C 522 5.50 15.59 -16.53
CA THR C 522 5.24 15.08 -17.86
C THR C 522 6.55 14.89 -18.63
N TYR C 523 6.53 13.98 -19.58
CA TYR C 523 7.71 13.69 -20.39
C TYR C 523 7.30 13.04 -21.70
N LYS C 524 8.16 13.17 -22.70
CA LYS C 524 7.88 12.60 -24.01
C LYS C 524 8.76 11.37 -24.19
N HIS C 525 8.12 10.24 -24.47
CA HIS C 525 8.85 9.00 -24.68
C HIS C 525 8.19 8.20 -25.78
N ASP C 526 9.03 7.66 -26.66
CA ASP C 526 8.54 6.85 -27.78
C ASP C 526 7.57 7.69 -28.63
N GLY C 527 7.79 9.00 -28.63
CA GLY C 527 6.94 9.89 -29.40
C GLY C 527 5.56 10.14 -28.80
N ARG C 528 5.39 9.78 -27.54
CA ARG C 528 4.11 9.97 -26.86
C ARG C 528 4.34 10.70 -25.55
N GLN C 529 3.52 11.72 -25.27
CA GLN C 529 3.63 12.48 -24.03
C GLN C 529 2.83 11.81 -22.91
N TYR C 530 3.48 11.59 -21.77
CA TYR C 530 2.83 10.97 -20.62
C TYR C 530 2.74 11.92 -19.43
N VAL C 531 1.73 11.73 -18.60
CA VAL C 531 1.57 12.54 -17.38
C VAL C 531 1.56 11.59 -16.19
N ALA C 532 2.65 11.60 -15.41
CA ALA C 532 2.74 10.73 -14.26
C ALA C 532 2.54 11.51 -12.97
N ILE C 533 2.02 10.82 -11.96
CA ILE C 533 1.80 11.46 -10.66
C ILE C 533 1.86 10.40 -9.57
N MET C 534 2.17 10.82 -8.36
CA MET C 534 2.25 9.90 -7.23
C MET C 534 1.06 10.04 -6.31
N TYR C 535 0.55 8.92 -5.84
CA TYR C 535 -0.59 8.91 -4.92
C TYR C 535 -0.20 8.17 -3.65
N GLY C 536 -0.85 8.53 -2.56
CA GLY C 536 -0.58 7.93 -1.28
C GLY C 536 -0.65 9.06 -0.28
N VAL C 537 -1.86 9.33 0.22
CA VAL C 537 -2.07 10.40 1.16
C VAL C 537 -1.22 10.24 2.41
N GLY C 538 -0.86 11.36 3.01
CA GLY C 538 -0.02 11.37 4.19
C GLY C 538 0.45 12.78 4.42
N GLY C 539 1.66 12.93 4.94
CA GLY C 539 2.13 14.28 5.21
C GLY C 539 1.38 14.83 6.39
N TRP C 540 1.45 16.13 6.62
CA TRP C 540 0.78 16.71 7.77
C TRP C 540 -0.74 16.50 7.77
N PRO C 541 -1.44 16.94 6.72
CA PRO C 541 -2.90 16.76 6.69
C PRO C 541 -3.36 15.32 6.95
N GLY C 542 -2.51 14.36 6.62
CA GLY C 542 -2.88 12.96 6.81
C GLY C 542 -2.43 12.26 8.08
N VAL C 543 -1.58 12.89 8.89
CA VAL C 543 -1.10 12.24 10.10
C VAL C 543 -2.22 11.62 10.94
N GLY C 544 -3.40 12.22 10.90
CA GLY C 544 -4.50 11.69 11.67
C GLY C 544 -4.99 10.37 11.11
N LEU C 545 -5.00 10.26 9.79
CA LEU C 545 -5.46 9.05 9.12
C LEU C 545 -4.37 7.96 9.17
N VAL C 546 -3.14 8.38 8.91
CA VAL C 546 -1.99 7.47 8.89
C VAL C 546 -1.65 6.90 10.26
N PHE C 547 -1.84 7.69 11.31
CA PHE C 547 -1.50 7.24 12.66
C PHE C 547 -2.69 6.98 13.57
N ASP C 548 -3.89 6.97 13.01
CA ASP C 548 -5.10 6.70 13.79
C ASP C 548 -5.27 7.61 15.00
N LEU C 549 -5.44 8.92 14.76
CA LEU C 549 -5.62 9.88 15.84
C LEU C 549 -7.07 10.35 15.89
N ALA C 550 -7.60 10.58 17.10
CA ALA C 550 -8.97 11.03 17.28
C ALA C 550 -9.09 12.39 17.97
N ASP C 551 -8.11 12.75 18.78
CA ASP C 551 -8.14 14.03 19.48
C ASP C 551 -7.92 15.17 18.48
N PRO C 552 -8.88 16.11 18.41
CA PRO C 552 -8.79 17.25 17.48
C PRO C 552 -7.56 18.13 17.63
N THR C 553 -6.91 18.11 18.79
CA THR C 553 -5.71 18.92 18.94
C THR C 553 -4.48 18.11 18.61
N ALA C 554 -4.64 16.79 18.56
CA ALA C 554 -3.52 15.92 18.22
C ALA C 554 -3.01 16.27 16.83
N GLY C 555 -1.90 15.68 16.44
CA GLY C 555 -1.35 15.98 15.13
C GLY C 555 -1.03 17.45 15.01
N LEU C 556 -0.56 18.03 16.11
CA LEU C 556 -0.22 19.43 16.18
C LEU C 556 -1.41 20.29 15.79
N GLY C 557 -2.60 19.72 15.93
CA GLY C 557 -3.83 20.43 15.61
C GLY C 557 -4.44 20.11 14.26
N SER C 558 -3.74 19.31 13.46
CA SER C 558 -4.23 18.96 12.13
C SER C 558 -5.33 17.92 12.12
N VAL C 559 -5.38 17.10 13.17
CA VAL C 559 -6.40 16.04 13.24
C VAL C 559 -7.82 16.53 13.09
N GLY C 560 -8.20 17.55 13.88
CA GLY C 560 -9.54 18.07 13.80
C GLY C 560 -9.92 18.69 12.46
N ALA C 561 -8.97 19.34 11.80
CA ALA C 561 -9.22 19.99 10.52
C ALA C 561 -9.41 19.01 9.36
N PHE C 562 -8.90 17.79 9.50
CA PHE C 562 -9.01 16.81 8.43
C PHE C 562 -9.77 15.56 8.83
N LYS C 563 -10.56 15.66 9.90
CA LYS C 563 -11.34 14.53 10.39
C LYS C 563 -12.26 13.92 9.35
N ARG C 564 -12.54 14.65 8.27
CA ARG C 564 -13.42 14.15 7.22
C ARG C 564 -12.66 13.48 6.09
N LEU C 565 -11.36 13.74 6.00
CA LEU C 565 -10.53 13.16 4.95
C LEU C 565 -10.69 11.65 4.82
N GLN C 566 -10.91 11.01 5.97
CA GLN C 566 -11.07 9.56 6.03
C GLN C 566 -12.26 9.00 5.27
N GLU C 567 -13.20 9.87 4.90
CA GLU C 567 -14.39 9.43 4.18
C GLU C 567 -14.18 9.43 2.67
N PHE C 568 -13.03 9.94 2.24
CA PHE C 568 -12.72 10.02 0.82
C PHE C 568 -11.50 9.22 0.40
N THR C 569 -10.66 8.85 1.36
CA THR C 569 -9.44 8.12 1.02
C THR C 569 -8.83 7.32 2.16
N GLN C 570 -8.02 6.33 1.80
CA GLN C 570 -7.30 5.50 2.76
C GLN C 570 -5.84 5.66 2.33
N MET C 571 -4.92 5.00 3.03
CA MET C 571 -3.52 5.12 2.62
C MET C 571 -3.24 4.35 1.33
N GLY C 572 -2.07 4.58 0.76
CA GLY C 572 -1.69 3.91 -0.48
C GLY C 572 -0.28 4.31 -0.84
N GLY C 573 0.15 3.94 -2.05
CA GLY C 573 1.49 4.30 -2.48
C GLY C 573 1.84 3.74 -3.84
N GLY C 574 2.14 4.63 -4.77
CA GLY C 574 2.50 4.21 -6.10
C GLY C 574 2.48 5.37 -7.06
N VAL C 575 2.69 5.09 -8.33
CA VAL C 575 2.70 6.12 -9.35
C VAL C 575 1.80 5.67 -10.48
N MET C 576 1.05 6.61 -11.04
CA MET C 576 0.18 6.29 -12.15
C MET C 576 0.49 7.22 -13.32
N VAL C 577 0.59 6.62 -14.49
CA VAL C 577 0.92 7.34 -15.72
C VAL C 577 -0.27 7.40 -16.65
N PHE C 578 -0.38 8.52 -17.37
CA PHE C 578 -1.49 8.71 -18.30
C PHE C 578 -0.99 9.12 -19.67
N SER C 579 -1.91 9.08 -20.63
CA SER C 579 -1.64 9.45 -22.02
C SER C 579 -2.96 9.45 -22.75
N LEU C 580 -2.98 9.97 -23.98
CA LEU C 580 -4.21 9.99 -24.76
C LEU C 580 -4.61 8.54 -25.03
N ASP C 581 -5.84 8.18 -24.65
CA ASP C 581 -6.35 6.83 -24.82
C ASP C 581 -5.47 5.80 -24.16
N GLY C 582 -4.77 6.25 -23.12
CA GLY C 582 -3.90 5.37 -22.37
C GLY C 582 -3.02 4.47 -23.21
N GLU C 583 -2.57 4.96 -24.36
CA GLU C 583 -1.69 4.16 -25.20
C GLU C 583 -0.41 3.97 -24.40
N SER C 584 0.31 2.89 -24.66
CA SER C 584 1.56 2.62 -23.96
C SER C 584 2.25 1.48 -24.66
N PRO C 585 3.48 1.15 -24.23
CA PRO C 585 4.23 0.06 -24.84
C PRO C 585 3.47 -1.26 -24.77
N TYR C 586 2.50 -1.32 -23.87
CA TYR C 586 1.70 -2.52 -23.69
C TYR C 586 0.43 -2.52 -24.52
N SER C 587 0.28 -1.52 -25.38
CA SER C 587 -0.89 -1.45 -26.25
C SER C 587 -0.80 -2.64 -27.19
N ASP C 588 0.41 -3.19 -27.28
CA ASP C 588 0.67 -4.39 -28.07
C ASP C 588 0.72 -5.47 -27.00
N PRO C 589 -0.42 -6.09 -26.70
CA PRO C 589 -0.54 -7.14 -25.69
C PRO C 589 0.70 -8.00 -25.53
N ASN C 590 1.26 -8.45 -26.64
CA ASN C 590 2.42 -9.33 -26.62
C ASN C 590 3.74 -8.77 -26.10
N VAL C 591 3.81 -7.47 -25.86
CA VAL C 591 5.04 -6.89 -25.34
C VAL C 591 5.23 -7.26 -23.88
N GLY C 592 6.38 -7.85 -23.57
CA GLY C 592 6.63 -8.22 -22.20
C GLY C 592 6.04 -9.56 -21.81
N GLU C 593 5.47 -10.26 -22.79
CA GLU C 593 4.89 -11.57 -22.52
C GLU C 593 6.01 -12.60 -22.41
N TYR C 594 5.70 -13.73 -21.80
CA TYR C 594 6.68 -14.80 -21.63
C TYR C 594 7.08 -15.40 -22.97
N ALA C 595 8.25 -15.03 -23.44
CA ALA C 595 8.72 -15.55 -24.72
C ALA C 595 10.04 -16.29 -24.48
N PRO C 596 9.95 -17.52 -23.97
CA PRO C 596 11.15 -18.31 -23.70
C PRO C 596 11.79 -18.80 -25.01
N GLY C 597 12.94 -19.46 -24.88
CA GLY C 597 13.62 -19.97 -26.05
C GLY C 597 14.21 -18.88 -26.93
N GLU C 598 14.69 -19.27 -28.10
CA GLU C 598 15.29 -18.36 -29.06
C GLU C 598 14.29 -18.13 -30.20
N PRO C 599 13.30 -17.25 -29.99
CA PRO C 599 12.27 -16.94 -30.99
C PRO C 599 12.80 -16.63 -32.39
N THR C 600 13.06 -15.36 -32.66
CA THR C 600 13.56 -14.89 -33.94
C THR C 600 12.90 -15.63 -35.12
N TYR D 1 3.02 46.29 19.68
CA TYR D 1 4.10 45.79 18.77
C TYR D 1 3.54 45.58 17.36
N ASP D 2 3.90 46.48 16.43
CA ASP D 2 3.44 46.36 15.05
C ASP D 2 4.58 45.96 14.14
N GLY D 3 5.78 45.87 14.70
CA GLY D 3 6.95 45.48 13.93
C GLY D 3 7.66 46.56 13.14
N THR D 4 7.15 47.79 13.19
CA THR D 4 7.74 48.91 12.46
C THR D 4 8.81 49.67 13.25
N ASN D 5 8.61 49.81 14.56
CA ASN D 5 9.55 50.52 15.41
C ASN D 5 10.87 49.75 15.52
N CYS D 6 11.79 50.00 14.59
CA CYS D 6 13.08 49.31 14.57
C CYS D 6 14.18 49.94 15.39
N LYS D 7 14.73 49.14 16.30
CA LYS D 7 15.82 49.59 17.15
C LYS D 7 16.97 49.98 16.22
N ALA D 8 17.18 49.17 15.19
CA ALA D 8 18.22 49.39 14.20
C ALA D 8 17.80 48.69 12.91
N PRO D 9 18.58 48.83 11.83
CA PRO D 9 18.16 48.16 10.60
C PRO D 9 18.23 46.63 10.71
N GLY D 10 17.11 45.97 10.44
CA GLY D 10 17.05 44.52 10.51
C GLY D 10 16.79 43.99 11.91
N ASN D 11 16.33 44.86 12.80
CA ASN D 11 16.05 44.50 14.20
C ASN D 11 14.91 45.41 14.66
N CYS D 12 13.69 44.89 14.64
CA CYS D 12 12.53 45.69 15.01
C CYS D 12 11.62 45.11 16.08
N TRP D 13 12.09 44.10 16.79
CA TRP D 13 11.30 43.45 17.83
C TRP D 13 11.08 44.37 19.05
N GLU D 14 9.89 44.29 19.64
CA GLU D 14 9.51 45.09 20.80
C GLU D 14 8.58 44.26 21.68
N PRO D 15 8.83 44.26 23.00
CA PRO D 15 7.97 43.49 23.91
C PRO D 15 6.51 43.86 23.76
N LYS D 16 5.63 42.88 23.83
CA LYS D 16 4.20 43.16 23.73
C LYS D 16 3.80 43.78 25.06
N PRO D 17 2.71 44.57 25.07
CA PRO D 17 2.25 45.21 26.29
C PRO D 17 2.16 44.24 27.46
N ASP D 18 2.91 44.53 28.51
CA ASP D 18 2.93 43.72 29.74
C ASP D 18 3.83 42.49 29.65
N TYR D 19 4.94 42.62 28.95
CA TYR D 19 5.90 41.54 28.81
C TYR D 19 7.29 42.13 28.93
N PRO D 20 8.25 41.35 29.45
CA PRO D 20 9.63 41.79 29.63
C PRO D 20 10.39 42.08 28.33
N ALA D 21 11.47 42.83 28.46
CA ALA D 21 12.32 43.18 27.32
C ALA D 21 13.41 42.14 27.25
N LYS D 22 13.53 41.38 28.34
CA LYS D 22 14.53 40.33 28.48
C LYS D 22 13.88 39.23 29.32
N VAL D 23 13.71 38.04 28.76
CA VAL D 23 13.06 36.95 29.49
C VAL D 23 13.87 36.41 30.65
N GLU D 24 15.20 36.49 30.55
CA GLU D 24 16.05 36.00 31.63
C GLU D 24 15.68 36.70 32.93
N GLY D 25 15.35 35.92 33.94
CA GLY D 25 14.98 36.50 35.22
C GLY D 25 13.53 36.91 35.29
N SER D 26 12.71 36.41 34.37
CA SER D 26 11.28 36.72 34.38
C SER D 26 10.53 35.41 34.54
N LYS D 27 9.22 35.49 34.73
CA LYS D 27 8.41 34.28 34.91
C LYS D 27 8.40 33.45 33.63
N TYR D 28 9.04 33.98 32.59
CA TYR D 28 9.10 33.30 31.31
C TYR D 28 10.51 32.80 30.98
N ASP D 29 11.45 33.02 31.88
CA ASP D 29 12.82 32.58 31.68
C ASP D 29 12.83 31.08 31.39
N PRO D 30 13.29 30.69 30.18
CA PRO D 30 13.36 29.28 29.76
C PRO D 30 14.40 28.48 30.57
N GLN D 31 15.38 29.17 31.12
CA GLN D 31 16.41 28.54 31.94
C GLN D 31 16.98 27.28 31.28
N HIS D 32 17.40 27.42 30.02
CA HIS D 32 17.97 26.29 29.29
C HIS D 32 19.27 25.79 29.91
N ASP D 33 19.45 24.48 29.86
CA ASP D 33 20.65 23.82 30.38
C ASP D 33 21.68 23.84 29.25
N PRO D 34 22.76 24.63 29.43
CA PRO D 34 23.85 24.78 28.46
C PRO D 34 24.40 23.46 27.95
N ALA D 35 24.45 22.48 28.84
CA ALA D 35 24.96 21.15 28.52
C ALA D 35 24.08 20.54 27.44
N GLU D 36 22.80 20.87 27.49
CA GLU D 36 21.81 20.38 26.55
C GLU D 36 21.90 21.20 25.26
N LEU D 37 22.02 22.52 25.40
CA LEU D 37 22.10 23.41 24.25
C LEU D 37 23.33 23.18 23.38
N SER D 38 24.27 22.38 23.86
CA SER D 38 25.47 22.16 23.07
C SER D 38 25.56 20.80 22.39
N LYS D 39 24.61 19.92 22.66
CA LYS D 39 24.63 18.59 22.07
C LYS D 39 24.62 18.57 20.54
N GLN D 40 23.82 19.45 19.91
CA GLN D 40 23.75 19.52 18.46
C GLN D 40 25.14 19.71 17.83
N GLY D 41 25.86 20.72 18.30
CA GLY D 41 27.18 21.00 17.76
C GLY D 41 28.14 19.85 17.95
N GLU D 42 28.09 19.20 19.11
CA GLU D 42 28.97 18.07 19.40
C GLU D 42 28.67 16.94 18.40
N SER D 43 27.38 16.79 18.10
CA SER D 43 26.92 15.75 17.19
C SER D 43 27.44 15.95 15.76
N LEU D 44 27.41 17.20 15.30
CA LEU D 44 27.88 17.51 13.96
C LEU D 44 29.37 17.26 13.84
N ALA D 45 30.08 17.55 14.92
CA ALA D 45 31.53 17.36 14.97
C ALA D 45 31.91 15.89 14.79
N VAL D 46 31.21 15.01 15.50
CA VAL D 46 31.51 13.58 15.40
C VAL D 46 31.20 13.01 14.02
N MET D 47 30.11 13.49 13.42
CA MET D 47 29.70 13.02 12.10
C MET D 47 30.73 13.49 11.06
N ASP D 48 31.06 14.78 11.10
CA ASP D 48 32.04 15.31 10.17
C ASP D 48 33.31 14.49 10.37
N ALA D 49 33.67 14.27 11.64
CA ALA D 49 34.84 13.47 11.96
C ALA D 49 34.80 12.17 11.17
N ARG D 50 33.83 11.32 11.50
CA ARG D 50 33.68 10.04 10.83
C ARG D 50 33.68 10.19 9.30
N ASN D 51 32.94 11.18 8.80
CA ASN D 51 32.86 11.39 7.35
C ASN D 51 34.20 11.65 6.69
N GLU D 52 35.12 12.27 7.43
CA GLU D 52 36.45 12.57 6.89
C GLU D 52 37.17 11.28 6.51
N TRP D 53 37.13 10.30 7.39
CA TRP D 53 37.77 9.03 7.14
C TRP D 53 37.09 8.27 6.00
N ARG D 54 35.80 8.51 5.81
CA ARG D 54 35.09 7.84 4.74
C ARG D 54 35.57 8.38 3.41
N VAL D 55 35.83 9.69 3.36
CA VAL D 55 36.29 10.32 2.14
C VAL D 55 37.73 9.90 1.85
N TRP D 56 38.55 9.84 2.89
CA TRP D 56 39.95 9.46 2.76
C TRP D 56 40.10 8.01 2.29
N ASN D 57 39.54 7.08 3.07
CA ASN D 57 39.62 5.66 2.74
C ASN D 57 39.22 5.37 1.29
N MET D 58 38.17 6.01 0.80
CA MET D 58 37.73 5.77 -0.57
C MET D 58 38.74 6.26 -1.60
N LYS D 59 39.46 7.33 -1.29
CA LYS D 59 40.46 7.86 -2.20
C LYS D 59 41.72 7.00 -2.20
N LYS D 60 42.13 6.59 -1.01
CA LYS D 60 43.32 5.76 -0.87
C LYS D 60 43.11 4.29 -1.26
N THR D 61 41.87 3.82 -1.22
CA THR D 61 41.60 2.42 -1.55
C THR D 61 40.80 2.19 -2.83
N GLY D 62 40.07 3.21 -3.28
CA GLY D 62 39.28 3.05 -4.50
C GLY D 62 37.95 2.37 -4.23
N LYS D 63 37.79 1.87 -3.02
CA LYS D 63 36.56 1.20 -2.62
C LYS D 63 35.94 2.13 -1.57
N PHE D 64 34.66 1.96 -1.28
CA PHE D 64 34.03 2.79 -0.27
C PHE D 64 33.51 1.97 0.90
N GLU D 65 33.79 2.46 2.10
CA GLU D 65 33.35 1.80 3.32
C GLU D 65 32.65 2.81 4.23
N TYR D 66 31.53 2.40 4.80
CA TYR D 66 30.78 3.26 5.69
C TYR D 66 31.21 3.05 7.13
N ASP D 67 31.18 1.80 7.56
CA ASP D 67 31.57 1.45 8.93
C ASP D 67 33.03 1.78 9.17
N VAL D 68 33.28 2.91 9.82
CA VAL D 68 34.64 3.35 10.12
C VAL D 68 35.44 2.28 10.86
N LYS D 69 34.73 1.47 11.63
CA LYS D 69 35.37 0.40 12.40
C LYS D 69 36.06 -0.60 11.47
N LYS D 70 35.75 -0.52 10.17
CA LYS D 70 36.35 -1.43 9.19
C LYS D 70 37.31 -0.72 8.25
N ILE D 71 37.79 0.44 8.67
CA ILE D 71 38.74 1.19 7.86
C ILE D 71 40.12 0.95 8.47
N ASP D 72 41.12 0.77 7.61
CA ASP D 72 42.48 0.53 8.08
C ASP D 72 43.17 1.84 8.46
N GLY D 73 43.44 2.00 9.74
CA GLY D 73 44.10 3.19 10.23
C GLY D 73 43.16 4.14 10.97
N TYR D 74 41.91 3.75 11.11
CA TYR D 74 40.92 4.60 11.79
C TYR D 74 41.19 4.76 13.28
N ASP D 75 40.93 5.95 13.79
CA ASP D 75 41.11 6.25 15.21
C ASP D 75 40.14 7.36 15.57
N GLU D 76 39.18 7.04 16.45
CA GLU D 76 38.18 7.99 16.90
C GLU D 76 38.75 9.37 17.20
N THR D 77 39.76 9.42 18.06
CA THR D 77 40.39 10.68 18.44
C THR D 77 41.62 11.03 17.59
N LYS D 78 41.39 11.28 16.31
CA LYS D 78 42.47 11.65 15.39
C LYS D 78 41.93 11.83 13.98
N ALA D 79 42.44 12.83 13.28
CA ALA D 79 42.02 13.12 11.91
C ALA D 79 42.67 12.15 10.93
N PRO D 80 42.28 12.20 9.65
CA PRO D 80 42.87 11.31 8.66
C PRO D 80 44.29 11.71 8.28
N PRO D 81 45.08 10.75 7.76
CA PRO D 81 46.47 10.98 7.35
C PRO D 81 46.58 11.92 6.15
N ALA D 82 47.43 12.93 6.27
CA ALA D 82 47.64 13.89 5.19
C ALA D 82 48.24 13.17 3.98
N GLU D 83 47.40 12.89 3.00
CA GLU D 83 47.84 12.19 1.79
C GLU D 83 47.02 12.60 0.57
#